data_9RMW
#
_entry.id   9RMW
#
_cell.length_a   1.00
_cell.length_b   1.00
_cell.length_c   1.00
_cell.angle_alpha   90.00
_cell.angle_beta   90.00
_cell.angle_gamma   90.00
#
_symmetry.space_group_name_H-M   'P 1'
#
loop_
_entity.id
_entity.type
_entity.pdbx_description
1 polymer 'Isoform 2 of Glutamate receptor 4'
2 polymer 'Voltage-dependent calcium channel gamma-2 subunit'
3 non-polymer 'PALMITIC ACID'
4 non-polymer '(2R)-2,3-dihydroxypropyl (9Z)-octadec-9-enoate'
5 non-polymer CYCLOTHIAZIDE
6 non-polymer 'GLUTAMIC ACID'
7 non-polymer 'CALCIUM ION'
8 water water
#
loop_
_entity_poly.entity_id
_entity_poly.type
_entity_poly.pdbx_seq_one_letter_code
_entity_poly.pdbx_strand_id
1 'polypeptide(L)'
;GAFPSSVQIGGLFIRNTDQEYTAFRLAIFLHNTSPNASEAPFNLVPHVDNIETANSFAVTNAFCSQYSRGVFAIFGLYDK
RSVHTLTSFCSALHISLITPSFPTEGESQFVLQLRPSLRGALLSLLDHYEWNCFVFLYDTDRGYSILQAIMEKAGQNGWH
VSAICVENFNDVSYRQLLEELDRRQEKKFVIDCEIERLQNILEQIVSVGKHVKGYHYIIANLGFKDISLERFIHGGANVT
GFQLVDFNTPMVTKLMDRWKKLDQREYPGSETPPKYTSALTYDGVLVMAETFRSLRRQKIDISRRGNAGDCLANPAAPWG
QGIDMERTLKQVRIQGLTGNVQFDHYGRRVNYTMDVFELKSTGPRKVGYWNDMDKLVLIQDMPTLGNDTAAIENRTVVVT
TIMESPYVMYKKNHEMFEGNDKYEGYCVDLASEIAKHIGIKYKIAIVPDGKYGARDADTKIWNGMVGELVYGKAEIAIAP
LTITLVREEVIDFSKPFMSLGISIMIKKPQKSKPGVFSFLDPLAYEIWMCIVFAYIGVSVVLFLVSRFSPYEWHTEEPED
GKEGPSDQPPNEFGIFNSLWFSLGAFMQQGCDISPRSLSGRIVGGVWWFFTLIIISSYTANLAAFLTVERMVSPIESAED
LAKQTEIAYGTLDSGSTKEFFRRSKIAVYEKMWTYMRSAEPSVFTRTTAEGVARVRKSKGKFAFLLESTMNEYIEQRKPC
DTMKVGGNLDSKGYGVATPKGSSLRTPVNLAVLKLSEAGVLDKLKNKWWYDKGECGPKDSGSKDKTSALSLSNVAGVFYI
LVGGLGLAMLVALIEFCYKSRAEAKRMKLTFSEATRNKARLSITGSVGENGRVLTPDCPKAVHTGTAIRQSSGLAVIASD
LP
;
A,B,C,D
2 'polypeptide(L)'
;MGLFDRGVQMLLTIVGAFAAFSLMTIAVGTDYWLYSRGVCKTKSVSENETSKKNEEVMTHSGLWRTCCLEGNFKGLCKQI
DHFPEDADYEADTAEYFLRAVRASSIFPILSVILLFMGGLCIAASEFYKTRHNIILSAGIFFVSAGLSNIIGIIVYISAN
AGDPSKSDSKKNSYSYGWSFYFGALSFIIAEMVGVLAVHMFIDRHKQLRATARATDYLQASAITRIPSYRYRYQRRSRSS
SRSTEPSHSRDASPVGVKGFNTLPSTEISMYTLSRDPLKAATTPTATYNSDRDNSFLQVHNCIQKDSKDSLHANTANRRT
TPV
;
E,F,G,H
#
# COMPACT_ATOMS: atom_id res chain seq x y z
N VAL A 397 -56.28 26.63 14.92
CA VAL A 397 -55.15 26.52 15.84
C VAL A 397 -54.04 27.44 15.37
N VAL A 398 -53.31 28.03 16.33
CA VAL A 398 -52.17 28.89 16.02
C VAL A 398 -50.91 28.03 16.06
N VAL A 399 -50.48 27.55 14.89
CA VAL A 399 -49.27 26.75 14.81
C VAL A 399 -48.05 27.65 14.95
N THR A 400 -47.13 27.26 15.84
CA THR A 400 -45.88 27.97 16.05
C THR A 400 -44.76 27.24 15.34
N THR A 401 -43.95 27.98 14.57
CA THR A 401 -42.85 27.39 13.82
C THR A 401 -41.77 28.44 13.65
N ILE A 402 -40.59 27.98 13.23
CA ILE A 402 -39.41 28.83 13.11
C ILE A 402 -38.84 28.71 11.71
N MET A 403 -38.23 29.78 11.23
CA MET A 403 -37.71 29.84 9.87
C MET A 403 -36.39 29.10 9.80
N GLU A 404 -36.44 27.84 9.37
CA GLU A 404 -35.24 27.05 9.12
C GLU A 404 -35.36 26.55 7.67
N SER A 405 -34.57 25.56 7.31
CA SER A 405 -34.65 24.92 6.00
C SER A 405 -34.04 23.54 6.13
N PRO A 406 -34.61 22.51 5.48
CA PRO A 406 -35.80 22.53 4.62
C PRO A 406 -37.11 22.35 5.38
N TYR A 407 -37.24 22.91 6.58
CA TYR A 407 -38.45 22.71 7.37
C TYR A 407 -39.54 23.71 7.01
N VAL A 408 -39.20 25.00 6.97
CA VAL A 408 -40.14 26.03 6.51
C VAL A 408 -39.42 27.00 5.61
N MET A 409 -39.59 26.85 4.30
CA MET A 409 -38.96 27.70 3.30
C MET A 409 -39.98 28.67 2.70
N TYR A 410 -39.67 29.18 1.51
CA TYR A 410 -40.59 29.99 0.74
C TYR A 410 -40.44 29.67 -0.74
N LYS A 411 -41.46 30.02 -1.51
CA LYS A 411 -41.48 29.75 -2.94
C LYS A 411 -40.74 30.84 -3.70
N LYS A 412 -40.57 30.63 -5.00
CA LYS A 412 -39.88 31.59 -5.84
C LYS A 412 -40.64 32.91 -5.96
N ASN A 413 -41.95 32.90 -5.72
CA ASN A 413 -42.76 34.11 -5.68
C ASN A 413 -43.56 34.08 -4.38
N HIS A 414 -43.04 34.77 -3.36
CA HIS A 414 -43.66 34.79 -2.04
C HIS A 414 -44.24 36.16 -1.69
N GLU A 415 -44.59 36.96 -2.71
CA GLU A 415 -45.13 38.28 -2.49
C GLU A 415 -46.64 38.34 -2.67
N MET A 416 -47.25 37.32 -3.27
CA MET A 416 -48.59 37.42 -3.83
C MET A 416 -49.59 36.43 -3.24
N PHE A 417 -49.12 35.36 -2.59
CA PHE A 417 -50.02 34.44 -1.91
C PHE A 417 -50.52 35.10 -0.62
N GLU A 418 -51.25 34.32 0.19
CA GLU A 418 -52.00 34.88 1.31
C GLU A 418 -52.22 33.75 2.34
N GLY A 419 -51.37 33.74 3.37
CA GLY A 419 -51.57 32.79 4.45
C GLY A 419 -50.63 31.60 4.48
N ASN A 420 -51.15 30.45 4.90
CA ASN A 420 -50.36 29.24 4.96
C ASN A 420 -49.92 28.76 3.57
N ASP A 421 -50.67 29.12 2.53
CA ASP A 421 -50.29 28.78 1.16
C ASP A 421 -48.88 29.24 0.85
N LYS A 422 -48.42 30.32 1.48
CA LYS A 422 -47.11 30.89 1.18
C LYS A 422 -45.96 30.15 1.83
N TYR A 423 -46.23 29.23 2.77
CA TYR A 423 -45.19 28.48 3.43
C TYR A 423 -45.05 27.10 2.81
N GLU A 424 -43.81 26.67 2.60
CA GLU A 424 -43.51 25.33 2.10
C GLU A 424 -42.34 24.77 2.88
N GLY A 425 -42.28 23.44 2.95
CA GLY A 425 -41.20 22.76 3.63
C GLY A 425 -41.67 21.43 4.18
N TYR A 426 -40.96 20.97 5.21
CA TYR A 426 -41.23 19.67 5.79
C TYR A 426 -42.19 19.75 6.97
N CYS A 427 -42.19 20.87 7.70
CA CYS A 427 -43.09 21.07 8.83
C CYS A 427 -44.34 21.84 8.44
N VAL A 428 -44.58 22.00 7.14
CA VAL A 428 -45.84 22.54 6.65
C VAL A 428 -46.65 21.49 5.90
N ASP A 429 -46.00 20.50 5.28
CA ASP A 429 -46.70 19.36 4.73
C ASP A 429 -47.11 18.39 5.83
N LEU A 430 -46.24 18.21 6.83
CA LEU A 430 -46.59 17.42 8.00
C LEU A 430 -47.77 18.03 8.74
N ALA A 431 -47.79 19.36 8.85
CA ALA A 431 -48.91 20.02 9.51
C ALA A 431 -50.21 19.80 8.74
N SER A 432 -50.14 19.79 7.41
CA SER A 432 -51.32 19.50 6.61
C SER A 432 -51.85 18.10 6.90
N GLU A 433 -50.96 17.11 6.95
CA GLU A 433 -51.36 15.75 7.26
C GLU A 433 -51.88 15.63 8.69
N ILE A 434 -51.23 16.30 9.64
CA ILE A 434 -51.67 16.23 11.03
C ILE A 434 -53.05 16.86 11.20
N ALA A 435 -53.38 17.85 10.37
CA ALA A 435 -54.65 18.56 10.48
C ALA A 435 -55.73 17.97 9.58
N LYS A 436 -55.34 17.27 8.52
CA LYS A 436 -56.34 16.58 7.70
C LYS A 436 -56.97 15.41 8.44
N HIS A 437 -56.19 14.72 9.27
CA HIS A 437 -56.74 13.62 10.06
C HIS A 437 -57.58 14.15 11.22
N ILE A 438 -56.96 14.88 12.14
CA ILE A 438 -57.66 15.37 13.33
C ILE A 438 -58.82 16.26 12.94
N GLY A 439 -58.75 16.91 11.78
CA GLY A 439 -59.82 17.78 11.33
C GLY A 439 -59.84 19.11 12.05
N ILE A 440 -58.82 19.93 11.84
CA ILE A 440 -58.73 21.27 12.43
C ILE A 440 -58.29 22.25 11.36
N LYS A 441 -58.58 23.53 11.60
CA LYS A 441 -58.19 24.62 10.71
C LYS A 441 -57.03 25.37 11.38
N TYR A 442 -55.81 24.97 11.03
CA TYR A 442 -54.64 25.54 11.68
C TYR A 442 -54.25 26.86 11.01
N LYS A 443 -53.62 27.73 11.79
CA LYS A 443 -53.08 28.99 11.29
C LYS A 443 -51.61 29.08 11.67
N ILE A 444 -50.74 29.11 10.67
CA ILE A 444 -49.30 29.21 10.93
C ILE A 444 -48.97 30.63 11.40
N ALA A 445 -48.10 30.72 12.40
CA ALA A 445 -47.78 32.00 13.02
C ALA A 445 -46.32 31.93 13.48
N ILE A 446 -45.44 32.58 12.72
CA ILE A 446 -44.00 32.45 12.96
C ILE A 446 -43.65 33.03 14.33
N VAL A 447 -42.97 32.22 15.13
CA VAL A 447 -42.51 32.60 16.47
C VAL A 447 -41.93 34.00 16.44
N PRO A 448 -42.48 34.96 17.21
CA PRO A 448 -41.95 36.33 17.19
C PRO A 448 -40.48 36.48 17.57
N ASP A 449 -40.09 36.00 18.75
CA ASP A 449 -38.71 36.21 19.19
C ASP A 449 -37.70 35.47 18.32
N GLY A 450 -38.14 34.52 17.50
CA GLY A 450 -37.25 33.87 16.55
C GLY A 450 -36.17 33.02 17.17
N LYS A 451 -36.49 32.29 18.24
CA LYS A 451 -35.55 31.38 18.87
C LYS A 451 -36.23 30.03 19.09
N TYR A 452 -35.42 28.97 19.11
CA TYR A 452 -35.96 27.63 19.30
C TYR A 452 -36.59 27.46 20.67
N GLY A 453 -35.94 27.97 21.72
CA GLY A 453 -36.49 27.85 23.05
C GLY A 453 -35.48 27.48 24.11
N ALA A 454 -35.57 28.13 25.26
CA ALA A 454 -34.69 27.88 26.40
C ALA A 454 -35.25 28.65 27.59
N ARG A 455 -34.71 28.35 28.77
CA ARG A 455 -35.16 28.97 30.01
C ARG A 455 -33.99 29.69 30.67
N ASP A 456 -34.16 30.98 30.91
CA ASP A 456 -33.11 31.81 31.48
C ASP A 456 -33.06 31.53 32.98
N ALA A 457 -31.95 30.94 33.45
CA ALA A 457 -31.82 30.62 34.86
C ALA A 457 -32.02 31.84 35.74
N ASP A 458 -31.64 33.03 35.25
CA ASP A 458 -31.86 34.28 35.97
C ASP A 458 -33.32 34.47 36.34
N THR A 459 -34.19 34.63 35.34
CA THR A 459 -35.59 34.99 35.57
C THR A 459 -36.55 33.82 35.37
N LYS A 460 -36.06 32.64 35.00
CA LYS A 460 -36.88 31.46 34.73
C LYS A 460 -37.91 31.69 33.62
N ILE A 461 -37.75 32.74 32.84
CA ILE A 461 -38.70 33.08 31.79
C ILE A 461 -38.45 32.18 30.58
N TRP A 462 -39.42 31.33 30.26
CA TRP A 462 -39.30 30.46 29.10
C TRP A 462 -39.46 31.27 27.81
N ASN A 463 -38.41 31.31 27.00
CA ASN A 463 -38.43 31.99 25.72
C ASN A 463 -38.58 31.01 24.58
N GLY A 464 -38.84 31.55 23.38
CA GLY A 464 -38.96 30.71 22.21
C GLY A 464 -40.26 29.92 22.19
N MET A 465 -40.33 29.01 21.21
CA MET A 465 -41.52 28.17 21.03
C MET A 465 -41.95 27.52 22.33
N VAL A 466 -41.00 26.88 23.03
CA VAL A 466 -41.29 26.21 24.29
C VAL A 466 -41.90 27.18 25.31
N GLY A 467 -41.65 28.48 25.14
CA GLY A 467 -42.17 29.49 26.04
C GLY A 467 -43.34 30.21 25.40
N GLU A 468 -43.59 29.91 24.14
CA GLU A 468 -44.73 30.42 23.41
C GLU A 468 -45.96 29.53 23.60
N LEU A 469 -45.82 28.44 24.35
CA LEU A 469 -46.90 27.49 24.62
C LEU A 469 -47.30 27.44 26.08
N VAL A 470 -46.36 27.61 27.01
CA VAL A 470 -46.66 27.50 28.43
C VAL A 470 -47.58 28.64 28.87
N TYR A 471 -47.43 29.81 28.27
CA TYR A 471 -48.21 30.97 28.70
C TYR A 471 -49.61 30.96 28.08
N GLY A 472 -49.75 30.42 26.87
CA GLY A 472 -51.05 30.33 26.24
C GLY A 472 -51.14 31.08 24.92
N LYS A 473 -49.99 31.29 24.27
CA LYS A 473 -49.93 32.00 23.01
C LYS A 473 -50.05 31.09 21.80
N ALA A 474 -50.28 29.79 22.00
CA ALA A 474 -50.47 28.81 20.94
C ALA A 474 -50.68 27.45 21.57
N GLU A 475 -51.27 26.54 20.78
CA GLU A 475 -51.55 25.18 21.24
C GLU A 475 -50.65 24.14 20.58
N ILE A 476 -50.65 24.07 19.25
CA ILE A 476 -49.93 23.04 18.51
C ILE A 476 -48.69 23.68 17.91
N ALA A 477 -47.52 23.25 18.36
CA ALA A 477 -46.24 23.78 17.86
C ALA A 477 -45.56 22.77 16.93
N ILE A 478 -46.06 22.70 15.69
CA ILE A 478 -45.49 21.77 14.71
C ILE A 478 -44.21 22.41 14.17
N ALA A 479 -43.06 21.98 14.68
CA ALA A 479 -41.76 22.49 14.27
C ALA A 479 -40.70 21.49 14.70
N PRO A 480 -39.40 21.71 14.37
CA PRO A 480 -38.37 20.85 14.96
C PRO A 480 -38.06 21.25 16.39
N LEU A 481 -38.61 20.51 17.35
CA LEU A 481 -38.45 20.77 18.78
C LEU A 481 -37.94 19.49 19.45
N THR A 482 -36.61 19.39 19.60
CA THR A 482 -35.98 18.20 20.18
C THR A 482 -36.59 17.91 21.56
N ILE A 483 -36.50 16.66 22.01
CA ILE A 483 -37.04 16.26 23.31
C ILE A 483 -35.92 16.36 24.35
N THR A 484 -36.14 17.16 25.38
CA THR A 484 -35.21 17.29 26.50
C THR A 484 -36.00 17.29 27.80
N LEU A 485 -35.27 17.11 28.92
CA LEU A 485 -35.93 17.07 30.22
C LEU A 485 -36.39 18.45 30.66
N VAL A 486 -35.58 19.48 30.40
CA VAL A 486 -35.94 20.85 30.77
C VAL A 486 -37.29 21.24 30.19
N ARG A 487 -37.64 20.68 29.03
CA ARG A 487 -38.89 21.01 28.36
C ARG A 487 -40.01 20.02 28.67
N GLU A 488 -39.69 18.83 29.17
CA GLU A 488 -40.72 17.82 29.40
C GLU A 488 -41.58 18.14 30.62
N GLU A 489 -41.13 19.04 31.50
CA GLU A 489 -41.88 19.39 32.69
C GLU A 489 -42.74 20.62 32.50
N VAL A 490 -42.73 21.22 31.30
CA VAL A 490 -43.52 22.41 31.00
C VAL A 490 -44.42 22.19 29.79
N ILE A 491 -43.92 21.56 28.74
CA ILE A 491 -44.72 21.18 27.58
C ILE A 491 -44.78 19.67 27.47
N ASP A 492 -45.52 19.16 26.49
CA ASP A 492 -45.78 17.72 26.33
C ASP A 492 -45.56 17.33 24.87
N PHE A 493 -44.35 16.85 24.57
CA PHE A 493 -43.98 16.50 23.21
C PHE A 493 -44.79 15.32 22.67
N SER A 494 -44.52 14.92 21.44
CA SER A 494 -45.16 13.78 20.80
C SER A 494 -44.09 12.89 20.20
N LYS A 495 -44.44 11.61 19.99
CA LYS A 495 -43.54 10.57 19.51
C LYS A 495 -42.63 11.07 18.40
N PRO A 496 -41.34 10.72 18.43
CA PRO A 496 -40.39 11.24 17.44
C PRO A 496 -40.76 10.95 16.00
N PHE A 497 -41.11 12.00 15.26
CA PHE A 497 -41.40 11.88 13.83
C PHE A 497 -40.16 12.02 12.96
N MET A 498 -38.97 12.04 13.55
CA MET A 498 -37.71 12.13 12.83
C MET A 498 -36.53 12.00 13.79
N SER A 499 -35.48 11.30 13.37
CA SER A 499 -34.34 11.02 14.24
C SER A 499 -33.21 11.97 13.88
N LEU A 500 -32.79 12.78 14.85
CA LEU A 500 -31.70 13.73 14.69
C LEU A 500 -30.44 13.21 15.39
N GLY A 501 -29.45 14.08 15.53
CA GLY A 501 -28.24 13.77 16.27
C GLY A 501 -27.11 14.75 15.99
N ILE A 502 -26.43 15.17 17.05
CA ILE A 502 -25.35 16.16 16.93
C ILE A 502 -24.33 15.70 15.91
N SER A 503 -23.79 16.64 15.14
CA SER A 503 -22.79 16.32 14.12
C SER A 503 -21.92 17.54 13.90
N ILE A 504 -20.66 17.29 13.54
CA ILE A 504 -19.64 18.34 13.45
C ILE A 504 -19.50 18.71 11.98
N MET A 505 -20.05 19.85 11.59
CA MET A 505 -19.85 20.37 10.25
C MET A 505 -18.53 21.11 10.16
N ILE A 506 -17.92 21.08 8.98
CA ILE A 506 -16.66 21.77 8.71
C ILE A 506 -16.72 22.34 7.29
N LYS A 507 -15.62 22.98 6.89
CA LYS A 507 -15.46 23.45 5.52
C LYS A 507 -15.00 22.30 4.64
N LYS A 508 -15.56 22.21 3.45
CA LYS A 508 -15.27 21.12 2.53
C LYS A 508 -13.88 21.28 1.92
N PRO A 509 -12.93 20.39 2.21
CA PRO A 509 -11.60 20.50 1.60
C PRO A 509 -11.64 20.10 0.13
N GLN A 510 -11.97 21.05 -0.74
CA GLN A 510 -12.09 20.80 -2.17
C GLN A 510 -10.87 20.08 -2.72
N LYS A 511 -11.11 19.02 -3.49
CA LYS A 511 -10.07 18.21 -4.10
C LYS A 511 -10.18 18.30 -5.61
N SER A 512 -9.03 18.42 -6.27
CA SER A 512 -9.00 18.53 -7.72
C SER A 512 -9.66 17.32 -8.38
N LYS A 513 -10.31 17.57 -9.52
CA LYS A 513 -11.00 16.52 -10.24
C LYS A 513 -10.18 16.12 -11.45
N PRO A 514 -9.54 14.95 -11.44
CA PRO A 514 -8.70 14.53 -12.58
C PRO A 514 -9.40 14.72 -13.92
N GLY A 515 -8.72 15.42 -14.82
CA GLY A 515 -9.21 15.66 -16.16
C GLY A 515 -8.84 14.55 -17.12
N VAL A 516 -8.87 14.89 -18.41
CA VAL A 516 -8.52 13.91 -19.43
C VAL A 516 -7.04 13.58 -19.37
N PHE A 517 -6.17 14.59 -19.20
CA PHE A 517 -4.73 14.37 -19.18
C PHE A 517 -4.24 14.19 -17.75
N SER A 518 -4.80 13.17 -17.09
CA SER A 518 -4.46 12.86 -15.71
C SER A 518 -3.41 11.77 -15.59
N PHE A 519 -3.04 11.13 -16.70
CA PHE A 519 -1.92 10.19 -16.70
C PHE A 519 -0.58 10.86 -16.55
N LEU A 520 -0.54 12.19 -16.63
CA LEU A 520 0.69 12.96 -16.41
C LEU A 520 0.87 13.39 -14.96
N ASP A 521 -0.08 13.07 -14.09
CA ASP A 521 0.02 13.47 -12.69
C ASP A 521 1.26 12.94 -11.97
N PRO A 522 1.68 11.67 -12.14
CA PRO A 522 2.82 11.18 -11.33
C PRO A 522 4.07 12.02 -11.46
N LEU A 523 4.34 12.60 -12.63
CA LEU A 523 5.51 13.42 -12.85
C LEU A 523 5.09 14.88 -12.97
N ALA A 524 5.74 15.76 -12.22
CA ALA A 524 5.44 17.18 -12.31
C ALA A 524 5.78 17.70 -13.70
N TYR A 525 5.10 18.76 -14.12
CA TYR A 525 5.28 19.29 -15.47
C TYR A 525 6.72 19.73 -15.72
N GLU A 526 7.49 19.99 -14.66
CA GLU A 526 8.88 20.39 -14.86
C GLU A 526 9.78 19.21 -15.21
N ILE A 527 9.37 17.99 -14.84
CA ILE A 527 10.09 16.79 -15.29
C ILE A 527 9.78 16.52 -16.76
N TRP A 528 8.51 16.62 -17.15
CA TRP A 528 8.14 16.43 -18.55
C TRP A 528 8.85 17.44 -19.44
N MET A 529 8.95 18.69 -18.98
CA MET A 529 9.67 19.70 -19.75
C MET A 529 11.14 19.32 -19.92
N CYS A 530 11.78 18.84 -18.87
CA CYS A 530 13.19 18.49 -18.95
C CYS A 530 13.42 17.21 -19.74
N ILE A 531 12.47 16.27 -19.71
CA ILE A 531 12.59 15.06 -20.52
C ILE A 531 12.66 15.42 -21.99
N VAL A 532 11.81 16.36 -22.43
CA VAL A 532 11.84 16.80 -23.83
C VAL A 532 13.18 17.44 -24.15
N PHE A 533 13.69 18.29 -23.26
CA PHE A 533 15.00 18.91 -23.48
C PHE A 533 16.09 17.86 -23.51
N ALA A 534 16.03 16.89 -22.60
CA ALA A 534 17.00 15.78 -22.61
C ALA A 534 16.89 14.98 -23.90
N TYR A 535 15.67 14.72 -24.36
CA TYR A 535 15.49 13.99 -25.61
C TYR A 535 16.11 14.73 -26.79
N ILE A 536 15.92 16.05 -26.85
CA ILE A 536 16.54 16.83 -27.91
C ILE A 536 18.06 16.83 -27.77
N GLY A 537 18.56 17.01 -26.55
CA GLY A 537 20.00 17.06 -26.35
C GLY A 537 20.69 15.75 -26.65
N VAL A 538 20.12 14.64 -26.18
CA VAL A 538 20.73 13.33 -26.41
C VAL A 538 20.82 13.02 -27.90
N SER A 539 19.73 13.28 -28.63
CA SER A 539 19.69 12.94 -30.05
C SER A 539 20.70 13.76 -30.85
N VAL A 540 20.85 15.05 -30.53
CA VAL A 540 21.84 15.87 -31.22
C VAL A 540 23.25 15.38 -30.94
N VAL A 541 23.54 15.07 -29.67
CA VAL A 541 24.86 14.56 -29.31
C VAL A 541 25.11 13.22 -29.99
N LEU A 542 24.11 12.33 -29.97
CA LEU A 542 24.26 11.03 -30.62
C LEU A 542 24.53 11.18 -32.11
N PHE A 543 23.81 12.10 -32.77
CA PHE A 543 24.08 12.39 -34.17
C PHE A 543 25.46 12.99 -34.36
N LEU A 544 25.86 13.89 -33.47
CA LEU A 544 27.14 14.58 -33.62
C LEU A 544 28.31 13.61 -33.58
N VAL A 545 28.36 12.77 -32.53
CA VAL A 545 29.49 11.87 -32.33
C VAL A 545 29.51 10.72 -33.32
N SER A 546 28.46 10.54 -34.12
CA SER A 546 28.36 9.40 -35.01
C SER A 546 28.55 9.76 -36.48
N ARG A 547 28.59 11.04 -36.83
CA ARG A 547 28.70 11.46 -38.22
C ARG A 547 29.74 12.54 -38.49
N PHE A 548 30.17 13.29 -37.47
CA PHE A 548 31.03 14.44 -37.72
C PHE A 548 32.40 14.03 -38.26
N SER A 549 32.97 12.95 -37.75
CA SER A 549 34.33 12.57 -38.11
C SER A 549 34.42 12.21 -39.59
N PRO A 550 35.24 12.89 -40.38
CA PRO A 550 35.35 12.57 -41.82
C PRO A 550 36.16 11.31 -42.11
N TYR A 551 36.82 10.73 -41.13
CA TYR A 551 37.62 9.53 -41.33
C TYR A 551 36.82 8.24 -41.20
N GLU A 552 35.49 8.33 -41.32
CA GLU A 552 34.62 7.18 -41.30
C GLU A 552 33.80 7.01 -42.56
N TRP A 553 33.58 8.08 -43.33
CA TRP A 553 32.77 8.02 -44.54
C TRP A 553 33.50 7.29 -45.65
N PRO A 569 28.48 7.12 -45.66
CA PRO A 569 27.93 7.11 -44.31
C PRO A 569 28.26 5.85 -43.52
N PRO A 570 29.08 5.98 -42.49
CA PRO A 570 29.49 4.79 -41.74
C PRO A 570 28.35 4.11 -41.02
N ASN A 571 27.31 4.85 -40.66
CA ASN A 571 26.17 4.32 -39.94
C ASN A 571 24.89 5.00 -40.41
N GLU A 572 23.76 4.47 -39.97
CA GLU A 572 22.45 5.05 -40.26
C GLU A 572 22.03 6.13 -39.28
N PHE A 573 22.89 6.51 -38.34
CA PHE A 573 22.52 7.46 -37.28
C PHE A 573 22.67 8.90 -37.81
N GLY A 574 21.70 9.31 -38.61
CA GLY A 574 21.57 10.69 -39.02
C GLY A 574 20.78 11.50 -38.02
N ILE A 575 20.48 12.74 -38.40
CA ILE A 575 19.69 13.62 -37.52
C ILE A 575 18.25 13.13 -37.40
N PHE A 576 17.80 12.26 -38.30
CA PHE A 576 16.43 11.76 -38.27
C PHE A 576 16.32 10.40 -37.60
N ASN A 577 17.34 9.56 -37.73
CA ASN A 577 17.34 8.24 -37.10
C ASN A 577 17.83 8.29 -35.66
N SER A 578 18.52 9.36 -35.26
CA SER A 578 18.90 9.52 -33.87
C SER A 578 17.68 9.86 -33.02
N LEU A 579 16.81 10.73 -33.52
CA LEU A 579 15.56 11.04 -32.80
C LEU A 579 14.70 9.80 -32.66
N TRP A 580 14.61 8.99 -33.72
CA TRP A 580 13.83 7.76 -33.65
C TRP A 580 14.42 6.77 -32.66
N PHE A 581 15.75 6.62 -32.66
CA PHE A 581 16.38 5.68 -31.74
C PHE A 581 16.16 6.12 -30.29
N SER A 582 16.33 7.41 -30.01
CA SER A 582 16.13 7.90 -28.65
C SER A 582 14.67 7.75 -28.22
N LEU A 583 13.74 8.03 -29.13
CA LEU A 583 12.32 7.91 -28.79
C LEU A 583 11.97 6.46 -28.47
N GLY A 584 12.43 5.51 -29.30
CA GLY A 584 12.17 4.11 -29.01
C GLY A 584 12.75 3.66 -27.69
N ALA A 585 13.98 4.08 -27.39
CA ALA A 585 14.61 3.69 -26.13
C ALA A 585 13.82 4.20 -24.93
N PHE A 586 13.37 5.45 -24.98
CA PHE A 586 12.62 6.01 -23.86
C PHE A 586 11.29 5.28 -23.66
N MET A 587 10.60 4.96 -24.76
CA MET A 587 9.33 4.27 -24.69
C MET A 587 9.45 2.82 -24.25
N GLN A 588 10.68 2.32 -24.12
CA GLN A 588 10.99 0.92 -23.82
C GLN A 588 10.73 -0.01 -24.99
N GLN A 589 10.59 0.55 -26.18
CA GLN A 589 10.57 -0.18 -27.43
C GLN A 589 11.95 -0.08 -28.07
N GLY A 590 12.07 -0.58 -29.29
CA GLY A 590 13.28 -0.35 -30.05
C GLY A 590 13.58 -1.52 -30.98
N CYS A 591 14.18 -1.20 -32.12
CA CYS A 591 14.45 -2.15 -33.20
C CYS A 591 15.43 -1.48 -34.14
N ASP A 592 15.61 -2.07 -35.32
CA ASP A 592 16.32 -1.50 -36.46
C ASP A 592 17.83 -1.38 -36.25
N ILE A 593 18.28 -0.43 -35.44
CA ILE A 593 19.70 -0.10 -35.34
C ILE A 593 20.07 0.23 -33.91
N SER A 594 21.31 -0.10 -33.55
CA SER A 594 21.92 0.24 -32.27
C SER A 594 23.30 0.82 -32.50
N PRO A 595 23.72 1.78 -31.67
CA PRO A 595 25.03 2.42 -31.87
C PRO A 595 26.17 1.42 -31.78
N ARG A 596 27.12 1.54 -32.70
CA ARG A 596 28.23 0.60 -32.79
C ARG A 596 29.60 1.22 -32.53
N SER A 597 29.71 2.55 -32.46
CA SER A 597 30.96 3.20 -32.13
C SER A 597 31.06 3.44 -30.62
N LEU A 598 32.29 3.63 -30.16
CA LEU A 598 32.53 3.86 -28.73
C LEU A 598 31.79 5.11 -28.26
N SER A 599 31.89 6.21 -29.01
CA SER A 599 31.21 7.44 -28.63
C SER A 599 29.69 7.25 -28.65
N GLY A 600 29.18 6.57 -29.68
CA GLY A 600 27.75 6.35 -29.76
C GLY A 600 27.23 5.45 -28.65
N ARG A 601 28.00 4.43 -28.29
CA ARG A 601 27.56 3.51 -27.23
C ARG A 601 27.45 4.25 -25.89
N ILE A 602 28.36 5.18 -25.62
CA ILE A 602 28.31 5.94 -24.37
C ILE A 602 27.00 6.72 -24.29
N VAL A 603 26.64 7.39 -25.39
CA VAL A 603 25.39 8.16 -25.41
C VAL A 603 24.19 7.23 -25.21
N GLY A 604 24.20 6.09 -25.90
CA GLY A 604 23.11 5.13 -25.70
C GLY A 604 23.08 4.57 -24.30
N GLY A 605 24.25 4.32 -23.71
CA GLY A 605 24.29 3.74 -22.38
C GLY A 605 23.68 4.64 -21.32
N VAL A 606 24.07 5.93 -21.33
CA VAL A 606 23.52 6.87 -20.37
C VAL A 606 22.04 7.11 -20.64
N TRP A 607 21.64 7.18 -21.90
CA TRP A 607 20.22 7.33 -22.23
C TRP A 607 19.42 6.12 -21.75
N TRP A 608 19.96 4.92 -21.91
CA TRP A 608 19.31 3.73 -21.35
C TRP A 608 19.22 3.81 -19.84
N PHE A 609 20.29 4.26 -19.19
CA PHE A 609 20.25 4.45 -17.74
C PHE A 609 19.23 5.50 -17.36
N PHE A 610 19.21 6.63 -18.08
CA PHE A 610 18.26 7.69 -17.79
C PHE A 610 16.82 7.19 -17.97
N THR A 611 16.58 6.43 -19.04
CA THR A 611 15.23 5.90 -19.29
C THR A 611 14.79 4.97 -18.18
N LEU A 612 15.70 4.11 -17.70
CA LEU A 612 15.33 3.10 -16.71
C LEU A 612 14.81 3.75 -15.43
N ILE A 613 15.45 4.81 -14.96
CA ILE A 613 15.02 5.47 -13.73
C ILE A 613 13.70 6.19 -13.95
N ILE A 614 13.58 6.94 -15.04
CA ILE A 614 12.40 7.78 -15.25
C ILE A 614 11.15 6.93 -15.47
N ILE A 615 11.24 5.94 -16.37
CA ILE A 615 10.08 5.10 -16.65
C ILE A 615 9.68 4.32 -15.41
N SER A 616 10.65 3.74 -14.71
CA SER A 616 10.36 2.99 -13.50
C SER A 616 9.72 3.89 -12.44
N SER A 617 10.24 5.12 -12.29
CA SER A 617 9.66 6.05 -11.32
C SER A 617 8.23 6.40 -11.70
N TYR A 618 7.96 6.61 -12.98
CA TYR A 618 6.61 6.93 -13.42
C TYR A 618 5.65 5.78 -13.11
N THR A 619 6.03 4.57 -13.51
CA THR A 619 5.17 3.41 -13.27
C THR A 619 4.97 3.16 -11.78
N ALA A 620 6.05 3.24 -11.00
CA ALA A 620 5.94 3.01 -9.56
C ALA A 620 5.08 4.07 -8.90
N ASN A 621 5.28 5.34 -9.26
CA ASN A 621 4.49 6.41 -8.68
C ASN A 621 3.04 6.37 -9.15
N LEU A 622 2.81 5.97 -10.40
CA LEU A 622 1.44 5.88 -10.91
C LEU A 622 0.61 4.88 -10.12
N ALA A 623 1.25 3.85 -9.56
CA ALA A 623 0.54 2.89 -8.73
C ALA A 623 -0.06 3.57 -7.50
N ALA A 624 0.68 4.50 -6.89
CA ALA A 624 0.16 5.22 -5.73
C ALA A 624 -1.04 6.09 -6.12
N PHE A 625 -0.97 6.76 -7.27
CA PHE A 625 -2.10 7.59 -7.71
C PHE A 625 -3.34 6.74 -7.97
N LEU A 626 -3.16 5.57 -8.58
CA LEU A 626 -4.28 4.66 -8.77
C LEU A 626 -4.77 4.04 -7.47
N THR A 627 -3.94 4.05 -6.42
CA THR A 627 -4.29 3.45 -5.13
C THR A 627 -4.36 4.50 -4.04
N VAL A 628 -4.85 5.70 -4.37
CA VAL A 628 -5.01 6.74 -3.36
C VAL A 628 -6.01 6.26 -2.31
N GLU A 629 -5.56 6.25 -1.06
CA GLU A 629 -6.45 5.89 0.04
C GLU A 629 -7.34 7.09 0.39
N ARG A 630 -8.56 6.77 0.84
CA ARG A 630 -9.51 7.81 1.21
C ARG A 630 -8.91 8.70 2.29
N MET A 631 -8.70 9.98 1.96
CA MET A 631 -8.17 10.94 2.89
C MET A 631 -9.31 11.58 3.69
N VAL A 632 -9.01 11.90 4.95
CA VAL A 632 -9.98 12.45 5.88
C VAL A 632 -9.40 13.72 6.48
N SER A 633 -10.27 14.64 6.89
CA SER A 633 -9.84 15.86 7.53
C SER A 633 -9.21 15.56 8.88
N PRO A 634 -8.41 16.50 9.43
CA PRO A 634 -7.87 16.31 10.78
C PRO A 634 -8.94 15.96 11.81
N ILE A 635 -9.94 16.82 11.95
CA ILE A 635 -11.00 16.60 12.92
C ILE A 635 -11.93 15.51 12.40
N GLU A 636 -11.99 14.38 13.11
CA GLU A 636 -12.83 13.26 12.71
C GLU A 636 -13.78 12.80 13.81
N SER A 637 -13.83 13.49 14.94
CA SER A 637 -14.79 13.22 16.00
C SER A 637 -14.66 14.34 17.05
N ALA A 638 -15.46 14.22 18.11
CA ALA A 638 -15.40 15.20 19.19
C ALA A 638 -14.04 15.19 19.87
N GLU A 639 -13.46 14.00 20.09
CA GLU A 639 -12.16 13.89 20.71
C GLU A 639 -11.10 14.67 19.95
N ASP A 640 -11.13 14.61 18.62
CA ASP A 640 -10.12 15.29 17.81
C ASP A 640 -10.13 16.80 18.04
N LEU A 641 -11.27 17.35 18.46
CA LEU A 641 -11.31 18.78 18.80
C LEU A 641 -10.41 19.08 20.00
N ALA A 642 -10.41 18.20 21.00
CA ALA A 642 -9.52 18.37 22.15
C ALA A 642 -8.05 18.34 21.76
N LYS A 643 -7.70 17.69 20.65
CA LYS A 643 -6.32 17.62 20.20
C LYS A 643 -5.79 18.95 19.66
N GLN A 644 -6.64 19.94 19.46
CA GLN A 644 -6.21 21.21 18.89
C GLN A 644 -6.95 22.36 19.55
N THR A 645 -6.41 23.57 19.37
CA THR A 645 -7.06 24.79 19.86
C THR A 645 -7.15 25.90 18.83
N GLU A 646 -6.39 25.84 17.74
CA GLU A 646 -6.47 26.89 16.72
C GLU A 646 -7.85 26.93 16.08
N ILE A 647 -8.41 25.77 15.76
CA ILE A 647 -9.73 25.71 15.13
C ILE A 647 -10.78 25.88 16.21
N ALA A 648 -11.69 26.82 16.00
CA ALA A 648 -12.75 27.11 16.95
C ALA A 648 -14.03 26.36 16.58
N TYR A 649 -14.96 26.33 17.53
CA TYR A 649 -16.25 25.72 17.30
C TYR A 649 -17.26 26.28 18.30
N GLY A 650 -18.54 26.11 17.98
CA GLY A 650 -19.60 26.63 18.81
C GLY A 650 -20.91 25.94 18.51
N THR A 651 -21.96 26.39 19.20
CA THR A 651 -23.29 25.82 19.06
C THR A 651 -24.31 26.94 19.00
N LEU A 652 -25.48 26.61 18.45
CA LEU A 652 -26.56 27.59 18.35
C LEU A 652 -27.06 27.97 19.74
N ASP A 653 -27.53 29.21 19.86
CA ASP A 653 -28.06 29.71 21.11
C ASP A 653 -29.50 29.24 21.32
N SER A 654 -29.85 28.98 22.58
CA SER A 654 -31.19 28.55 22.97
C SER A 654 -31.64 27.33 22.17
N GLY A 655 -30.72 26.41 21.97
CA GLY A 655 -31.01 25.21 21.20
C GLY A 655 -30.46 23.99 21.90
N SER A 656 -31.19 22.87 21.76
CA SER A 656 -30.94 21.62 22.46
C SER A 656 -29.44 21.31 22.56
N THR A 657 -28.72 21.50 21.47
CA THR A 657 -27.30 21.15 21.43
C THR A 657 -26.53 21.91 22.51
N LYS A 658 -26.76 23.22 22.61
CA LYS A 658 -26.08 24.02 23.62
C LYS A 658 -26.37 23.50 25.02
N GLU A 659 -27.62 23.11 25.29
CA GLU A 659 -27.98 22.62 26.61
C GLU A 659 -27.33 21.28 26.91
N PHE A 660 -27.00 20.50 25.87
CA PHE A 660 -26.40 19.18 26.07
C PHE A 660 -25.00 19.30 26.66
N PHE A 661 -24.18 20.18 26.08
CA PHE A 661 -22.82 20.36 26.60
C PHE A 661 -22.83 20.90 28.02
N ARG A 662 -23.72 21.86 28.31
CA ARG A 662 -23.77 22.46 29.63
C ARG A 662 -23.97 21.41 30.72
N ARG A 663 -24.88 20.48 30.51
CA ARG A 663 -25.22 19.47 31.50
C ARG A 663 -24.56 18.12 31.24
N SER A 664 -23.70 18.02 30.23
CA SER A 664 -22.99 16.78 29.95
C SER A 664 -21.99 16.49 31.06
N LYS A 665 -22.14 15.34 31.72
CA LYS A 665 -21.22 14.90 32.76
C LYS A 665 -20.16 13.94 32.22
N ILE A 666 -19.75 14.13 30.98
CA ILE A 666 -18.76 13.28 30.34
C ILE A 666 -17.42 13.98 30.41
N ALA A 667 -16.33 13.21 30.25
CA ALA A 667 -14.99 13.79 30.35
C ALA A 667 -14.68 14.69 29.16
N VAL A 668 -15.11 14.28 27.97
CA VAL A 668 -14.79 15.05 26.76
C VAL A 668 -15.78 16.17 26.52
N TYR A 669 -17.08 15.90 26.69
CA TYR A 669 -18.09 16.93 26.42
C TYR A 669 -18.00 18.08 27.39
N GLU A 670 -17.74 17.80 28.68
CA GLU A 670 -17.56 18.87 29.66
C GLU A 670 -16.46 19.83 29.23
N LYS A 671 -15.30 19.28 28.86
CA LYS A 671 -14.17 20.12 28.42
C LYS A 671 -14.62 21.12 27.35
N MET A 672 -15.43 20.66 26.40
CA MET A 672 -15.84 21.53 25.30
C MET A 672 -16.68 22.69 25.81
N TRP A 673 -17.59 22.41 26.75
CA TRP A 673 -18.48 23.46 27.28
C TRP A 673 -17.67 24.63 27.85
N THR A 674 -16.53 24.33 28.48
CA THR A 674 -15.73 25.38 29.10
C THR A 674 -14.87 26.10 28.07
N TYR A 675 -14.40 25.39 27.04
CA TYR A 675 -13.60 26.01 25.99
C TYR A 675 -14.37 27.13 25.30
N MET A 676 -15.65 26.89 25.00
CA MET A 676 -16.40 27.84 24.17
C MET A 676 -16.99 28.98 24.98
N ARG A 677 -17.44 28.70 26.20
CA ARG A 677 -18.06 29.74 27.03
C ARG A 677 -17.10 30.90 27.28
N SER A 678 -15.80 30.64 27.34
CA SER A 678 -14.81 31.66 27.66
C SER A 678 -14.04 32.12 26.43
N ALA A 679 -14.46 31.72 25.24
CA ALA A 679 -13.73 32.02 24.01
C ALA A 679 -14.33 33.24 23.33
N GLU A 680 -13.49 34.23 23.05
CA GLU A 680 -13.87 35.42 22.29
C GLU A 680 -13.43 35.28 20.84
N PRO A 681 -14.23 35.75 19.88
CA PRO A 681 -15.51 36.48 20.02
C PRO A 681 -16.70 35.56 20.21
N SER A 682 -17.89 35.97 19.78
CA SER A 682 -19.09 35.18 20.01
C SER A 682 -19.16 34.03 19.01
N VAL A 683 -19.05 32.81 19.53
CA VAL A 683 -19.23 31.62 18.71
C VAL A 683 -20.69 31.13 18.70
N PHE A 684 -21.48 31.52 19.69
CA PHE A 684 -22.87 31.11 19.79
C PHE A 684 -23.69 32.01 18.87
N THR A 685 -23.91 31.55 17.64
CA THR A 685 -24.60 32.34 16.64
C THR A 685 -26.08 32.49 16.98
N ARG A 686 -26.66 33.62 16.55
CA ARG A 686 -28.07 33.88 16.80
C ARG A 686 -28.96 32.89 16.07
N THR A 687 -28.60 32.52 14.84
CA THR A 687 -29.39 31.60 14.03
C THR A 687 -28.44 30.69 13.25
N THR A 688 -28.99 29.57 12.78
CA THR A 688 -28.20 28.61 12.02
C THR A 688 -27.68 29.22 10.72
N ALA A 689 -28.46 30.10 10.10
CA ALA A 689 -28.05 30.70 8.83
C ALA A 689 -26.76 31.48 8.98
N GLU A 690 -26.62 32.22 10.09
CA GLU A 690 -25.40 32.97 10.33
C GLU A 690 -24.21 32.04 10.56
N GLY A 691 -24.40 30.97 11.34
CA GLY A 691 -23.30 30.09 11.65
C GLY A 691 -22.74 29.38 10.42
N VAL A 692 -23.63 28.86 9.57
CA VAL A 692 -23.20 28.12 8.38
C VAL A 692 -22.43 29.04 7.45
N ALA A 693 -22.94 30.26 7.24
CA ALA A 693 -22.24 31.21 6.37
C ALA A 693 -20.87 31.57 6.93
N ARG A 694 -20.78 31.75 8.25
CA ARG A 694 -19.50 32.08 8.87
C ARG A 694 -18.48 30.98 8.66
N VAL A 695 -18.91 29.71 8.74
CA VAL A 695 -17.98 28.61 8.49
C VAL A 695 -17.51 28.62 7.05
N ARG A 696 -18.40 28.96 6.12
CA ARG A 696 -18.02 29.02 4.70
C ARG A 696 -16.90 30.03 4.49
N LYS A 697 -17.04 31.23 5.05
CA LYS A 697 -16.02 32.26 4.92
C LYS A 697 -14.79 31.94 5.75
N SER A 698 -14.93 31.07 6.76
CA SER A 698 -13.81 30.74 7.64
C SER A 698 -12.69 30.06 6.86
N LYS A 699 -13.03 29.24 5.87
CA LYS A 699 -12.13 28.46 5.04
C LYS A 699 -11.55 27.25 5.77
N GLY A 700 -12.10 26.90 6.93
CA GLY A 700 -11.65 25.74 7.68
C GLY A 700 -11.23 26.01 9.11
N LYS A 701 -11.19 27.26 9.56
CA LYS A 701 -10.77 27.54 10.93
C LYS A 701 -11.92 27.41 11.93
N PHE A 702 -13.14 27.18 11.47
CA PHE A 702 -14.29 27.05 12.35
C PHE A 702 -15.08 25.80 11.99
N ALA A 703 -15.53 25.07 13.02
CA ALA A 703 -16.40 23.93 12.87
C ALA A 703 -17.72 24.20 13.56
N PHE A 704 -18.82 24.00 12.85
CA PHE A 704 -20.15 24.27 13.39
C PHE A 704 -20.77 22.97 13.91
N LEU A 705 -21.21 22.99 15.16
CA LEU A 705 -21.83 21.84 15.80
C LEU A 705 -23.34 22.00 15.74
N LEU A 706 -24.02 21.05 15.09
CA LEU A 706 -25.46 21.12 14.93
C LEU A 706 -25.99 19.71 14.73
N GLU A 707 -27.32 19.60 14.66
CA GLU A 707 -27.97 18.32 14.46
C GLU A 707 -27.73 17.79 13.06
N SER A 708 -27.78 16.46 12.93
CA SER A 708 -27.50 15.80 11.66
C SER A 708 -28.48 16.23 10.57
N THR A 709 -29.76 16.37 10.92
CA THR A 709 -30.78 16.67 9.91
C THR A 709 -30.46 17.96 9.17
N MET A 710 -30.10 19.02 9.90
CA MET A 710 -29.65 20.25 9.26
C MET A 710 -28.31 20.07 8.54
N ASN A 711 -27.58 18.99 8.83
CA ASN A 711 -26.29 18.73 8.22
C ASN A 711 -26.42 17.82 6.99
N GLU A 712 -27.61 17.76 6.40
CA GLU A 712 -27.85 16.96 5.20
C GLU A 712 -28.58 17.71 4.11
N TYR A 713 -29.12 18.90 4.39
CA TYR A 713 -29.66 19.78 3.37
C TYR A 713 -28.73 20.94 3.09
N ILE A 714 -27.48 20.87 3.56
CA ILE A 714 -26.45 21.84 3.25
C ILE A 714 -25.32 21.22 2.46
N GLU A 715 -24.98 19.96 2.76
CA GLU A 715 -23.95 19.26 2.01
C GLU A 715 -24.43 18.88 0.61
N GLN A 716 -25.75 18.83 0.41
CA GLN A 716 -26.34 18.51 -0.88
C GLN A 716 -27.06 19.71 -1.50
N ARG A 717 -26.63 20.91 -1.13
CA ARG A 717 -27.21 22.14 -1.67
C ARG A 717 -26.08 23.13 -1.93
N LYS A 718 -26.34 24.06 -2.85
CA LYS A 718 -25.27 24.91 -3.35
C LYS A 718 -24.78 25.86 -2.26
N PRO A 719 -23.54 26.36 -2.39
CA PRO A 719 -22.48 25.96 -3.34
C PRO A 719 -21.83 24.62 -3.00
N CYS A 720 -22.40 23.83 -2.09
CA CYS A 720 -21.92 22.51 -1.74
C CYS A 720 -20.47 22.56 -1.26
N ASP A 721 -20.30 23.24 -0.11
CA ASP A 721 -18.98 23.48 0.45
C ASP A 721 -18.92 23.17 1.95
N THR A 722 -19.70 22.18 2.38
CA THR A 722 -19.68 21.71 3.76
C THR A 722 -19.82 20.20 3.76
N MET A 723 -19.18 19.55 4.73
CA MET A 723 -19.19 18.11 4.84
C MET A 723 -19.26 17.69 6.30
N LYS A 724 -19.97 16.59 6.55
CA LYS A 724 -20.14 16.07 7.90
C LYS A 724 -19.02 15.07 8.21
N VAL A 725 -18.25 15.35 9.25
CA VAL A 725 -17.17 14.48 9.70
C VAL A 725 -17.55 13.86 11.04
N GLY A 726 -17.55 12.55 11.11
CA GLY A 726 -17.84 11.89 12.37
C GLY A 726 -19.31 11.51 12.50
N GLY A 727 -19.55 10.43 13.24
CA GLY A 727 -20.90 10.00 13.54
C GLY A 727 -21.65 10.97 14.43
N ASN A 728 -22.74 10.52 15.04
CA ASN A 728 -23.52 11.37 15.92
C ASN A 728 -23.08 11.21 17.36
N LEU A 729 -23.27 12.28 18.14
CA LEU A 729 -22.88 12.27 19.55
C LEU A 729 -23.99 11.75 20.45
N ASP A 730 -25.25 12.02 20.11
CA ASP A 730 -26.37 11.51 20.87
C ASP A 730 -27.52 11.20 19.93
N SER A 731 -28.43 10.35 20.40
CA SER A 731 -29.60 9.96 19.62
C SER A 731 -30.82 10.67 20.18
N LYS A 732 -31.39 11.58 19.39
CA LYS A 732 -32.55 12.36 19.79
C LYS A 732 -33.56 12.38 18.66
N GLY A 733 -34.72 12.97 18.94
CA GLY A 733 -35.76 13.08 17.93
C GLY A 733 -36.57 14.34 18.06
N TYR A 734 -37.31 14.65 17.00
CA TYR A 734 -38.17 15.81 16.94
C TYR A 734 -39.57 15.44 17.41
N GLY A 735 -40.37 16.47 17.71
CA GLY A 735 -41.67 16.20 18.28
C GLY A 735 -42.62 17.36 18.08
N VAL A 736 -43.88 17.12 18.44
CA VAL A 736 -44.94 18.11 18.37
C VAL A 736 -45.39 18.40 19.79
N ALA A 737 -45.26 19.66 20.21
CA ALA A 737 -45.54 20.03 21.58
C ALA A 737 -46.97 20.53 21.75
N THR A 738 -47.35 20.72 23.02
CA THR A 738 -48.66 21.11 23.54
C THR A 738 -48.52 21.45 25.02
N PRO A 739 -49.36 22.33 25.55
CA PRO A 739 -49.37 22.56 27.01
C PRO A 739 -49.67 21.28 27.76
N LYS A 740 -49.38 21.30 29.07
CA LYS A 740 -49.53 20.10 29.89
C LYS A 740 -50.95 19.94 30.44
N GLY A 741 -51.94 20.49 29.75
CA GLY A 741 -53.33 20.25 30.06
C GLY A 741 -54.16 20.23 28.80
N SER A 742 -53.47 20.11 27.66
CA SER A 742 -54.11 20.24 26.36
C SER A 742 -55.05 19.07 26.10
N SER A 743 -56.20 19.38 25.49
CA SER A 743 -57.09 18.36 24.95
C SER A 743 -56.64 17.87 23.58
N LEU A 744 -55.52 18.40 23.07
CA LEU A 744 -54.97 18.00 21.78
C LEU A 744 -53.72 17.14 21.94
N ARG A 745 -53.68 16.33 22.99
CA ARG A 745 -52.55 15.42 23.22
C ARG A 745 -52.76 14.07 22.56
N THR A 746 -53.94 13.46 22.77
CA THR A 746 -54.20 12.16 22.17
C THR A 746 -54.38 12.24 20.65
N PRO A 747 -55.21 13.13 20.10
CA PRO A 747 -55.33 13.21 18.62
C PRO A 747 -54.01 13.41 17.91
N VAL A 748 -53.06 14.14 18.49
CA VAL A 748 -51.81 14.43 17.79
C VAL A 748 -50.78 13.32 17.98
N ASN A 749 -50.93 12.51 19.03
CA ASN A 749 -49.99 11.41 19.26
C ASN A 749 -50.41 10.14 18.53
N LEU A 750 -51.70 9.99 18.24
CA LEU A 750 -52.16 8.88 17.41
C LEU A 750 -52.02 9.17 15.92
N ALA A 751 -51.95 10.45 15.54
CA ALA A 751 -51.81 10.82 14.15
C ALA A 751 -50.44 10.45 13.60
N VAL A 752 -49.38 10.74 14.36
CA VAL A 752 -48.02 10.47 13.87
C VAL A 752 -47.84 8.98 13.57
N LEU A 753 -48.34 8.11 14.45
CA LEU A 753 -48.25 6.67 14.23
C LEU A 753 -49.02 6.20 13.00
N LYS A 754 -49.72 7.12 12.33
CA LYS A 754 -50.47 6.79 11.12
C LYS A 754 -49.74 7.21 9.86
N LEU A 755 -48.98 8.32 9.91
CA LEU A 755 -48.12 8.71 8.80
C LEU A 755 -46.86 7.88 8.72
N SER A 756 -46.51 7.16 9.79
CA SER A 756 -45.35 6.29 9.78
C SER A 756 -45.68 4.93 9.17
N GLU A 757 -46.73 4.28 9.68
CA GLU A 757 -47.20 3.04 9.07
C GLU A 757 -47.55 3.25 7.61
N ALA A 758 -48.23 4.35 7.29
CA ALA A 758 -48.52 4.68 5.89
C ALA A 758 -47.25 4.94 5.09
N GLY A 759 -46.16 5.31 5.74
CA GLY A 759 -44.95 5.67 5.04
C GLY A 759 -44.86 7.11 4.59
N VAL A 760 -45.83 7.95 4.95
CA VAL A 760 -45.81 9.35 4.52
C VAL A 760 -44.59 10.05 5.08
N LEU A 761 -44.27 9.80 6.36
CA LEU A 761 -43.09 10.41 6.98
C LEU A 761 -41.83 10.16 6.16
N ASP A 762 -41.68 8.94 5.62
CA ASP A 762 -40.55 8.67 4.75
C ASP A 762 -40.67 9.42 3.44
N LYS A 763 -41.88 9.53 2.90
CA LYS A 763 -42.09 10.27 1.66
C LYS A 763 -41.69 11.73 1.83
N LEU A 764 -42.07 12.34 2.96
CA LEU A 764 -41.74 13.74 3.19
C LEU A 764 -40.24 13.95 3.29
N LYS A 765 -39.51 13.00 3.86
CA LYS A 765 -38.08 13.15 4.02
C LYS A 765 -37.30 12.81 2.76
N ASN A 766 -37.95 12.18 1.78
CA ASN A 766 -37.32 11.93 0.49
C ASN A 766 -37.47 13.09 -0.46
N LYS A 767 -38.57 13.84 -0.35
CA LYS A 767 -38.86 14.97 -1.22
C LYS A 767 -38.19 16.26 -0.74
N TRP A 768 -37.66 16.28 0.48
CA TRP A 768 -37.08 17.49 1.03
C TRP A 768 -35.60 17.35 1.41
N TRP A 769 -35.02 16.16 1.24
CA TRP A 769 -33.60 15.98 1.52
C TRP A 769 -32.87 15.30 0.37
N TYR A 770 -33.58 14.48 -0.40
CA TYR A 770 -32.98 13.69 -1.46
C TYR A 770 -33.41 14.14 -2.85
N ASP A 771 -34.72 14.19 -3.12
CA ASP A 771 -35.25 14.65 -4.39
C ASP A 771 -34.53 15.90 -4.90
N LYS A 772 -34.30 16.86 -4.01
CA LYS A 772 -33.66 18.13 -4.38
C LYS A 772 -32.14 18.06 -4.14
N GLY A 773 -31.51 17.13 -4.84
CA GLY A 773 -30.07 16.95 -4.72
C GLY A 773 -29.31 17.76 -5.75
N GLU A 774 -28.53 18.73 -5.28
CA GLU A 774 -27.81 19.63 -6.19
C GLU A 774 -26.37 19.21 -6.45
N CYS A 775 -25.77 18.40 -5.59
CA CYS A 775 -24.45 17.85 -5.85
C CYS A 775 -24.41 16.41 -5.35
N GLY A 776 -23.53 15.62 -5.96
CA GLY A 776 -23.38 14.22 -5.59
C GLY A 776 -22.46 13.45 -6.52
N LYS A 785 -10.81 0.06 -1.87
CA LYS A 785 -11.19 -1.18 -2.53
C LYS A 785 -10.91 -1.12 -4.03
N THR A 786 -10.22 -2.15 -4.53
CA THR A 786 -9.90 -2.30 -5.94
C THR A 786 -11.08 -1.94 -6.83
N SER A 787 -10.93 -0.88 -7.62
CA SER A 787 -11.98 -0.39 -8.51
C SER A 787 -11.47 -0.41 -9.94
N ALA A 788 -12.21 -1.07 -10.82
CA ALA A 788 -11.87 -1.10 -12.24
C ALA A 788 -11.69 0.31 -12.77
N LEU A 789 -10.65 0.49 -13.59
CA LEU A 789 -10.35 1.79 -14.16
C LEU A 789 -11.40 2.16 -15.21
N SER A 790 -11.84 3.42 -15.17
CA SER A 790 -12.87 3.91 -16.08
C SER A 790 -12.24 4.53 -17.33
N LEU A 791 -13.02 4.50 -18.43
CA LEU A 791 -12.54 5.07 -19.68
C LEU A 791 -12.30 6.58 -19.57
N SER A 792 -13.20 7.28 -18.89
CA SER A 792 -13.08 8.73 -18.76
C SER A 792 -11.77 9.15 -18.12
N ASN A 793 -11.21 8.29 -17.25
CA ASN A 793 -9.95 8.62 -16.59
C ASN A 793 -8.78 8.53 -17.55
N VAL A 794 -8.89 7.71 -18.60
CA VAL A 794 -7.78 7.48 -19.52
C VAL A 794 -8.24 7.87 -20.93
N ALA A 795 -9.12 8.85 -21.01
CA ALA A 795 -9.60 9.31 -22.30
C ALA A 795 -8.61 10.21 -23.02
N GLY A 796 -7.64 10.77 -22.31
CA GLY A 796 -6.69 11.67 -22.94
C GLY A 796 -5.82 11.01 -23.98
N VAL A 797 -5.31 9.82 -23.69
CA VAL A 797 -4.41 9.14 -24.63
C VAL A 797 -5.13 8.84 -25.93
N PHE A 798 -6.42 8.48 -25.85
CA PHE A 798 -7.18 8.19 -27.06
C PHE A 798 -7.28 9.42 -27.96
N TYR A 799 -7.52 10.59 -27.37
CA TYR A 799 -7.55 11.82 -28.16
C TYR A 799 -6.18 12.10 -28.78
N ILE A 800 -5.11 11.89 -28.01
CA ILE A 800 -3.76 12.08 -28.54
C ILE A 800 -3.49 11.06 -29.64
N LEU A 801 -3.89 9.81 -29.44
CA LEU A 801 -3.66 8.77 -30.44
C LEU A 801 -4.38 9.11 -31.74
N VAL A 802 -5.67 9.45 -31.67
CA VAL A 802 -6.41 9.80 -32.87
C VAL A 802 -5.82 11.06 -33.50
N GLY A 803 -5.41 12.02 -32.67
CA GLY A 803 -4.75 13.20 -33.20
C GLY A 803 -3.47 12.88 -33.95
N GLY A 804 -2.69 11.94 -33.43
CA GLY A 804 -1.49 11.52 -34.13
C GLY A 804 -1.80 10.82 -35.44
N LEU A 805 -2.82 9.96 -35.44
CA LEU A 805 -3.21 9.28 -36.67
C LEU A 805 -3.68 10.27 -37.73
N GLY A 806 -4.49 11.26 -37.32
CA GLY A 806 -4.92 12.28 -38.25
C GLY A 806 -3.76 13.12 -38.77
N LEU A 807 -2.83 13.47 -37.89
CA LEU A 807 -1.64 14.22 -38.31
C LEU A 807 -0.80 13.42 -39.28
N ALA A 808 -0.63 12.12 -39.02
CA ALA A 808 0.21 11.29 -39.86
C ALA A 808 -0.33 11.22 -41.29
N MET A 809 -1.64 11.06 -41.44
CA MET A 809 -2.23 11.05 -42.77
C MET A 809 -2.05 12.39 -43.45
N LEU A 810 -2.17 13.49 -42.69
CA LEU A 810 -1.95 14.81 -43.26
C LEU A 810 -0.53 14.95 -43.79
N VAL A 811 0.45 14.48 -43.01
CA VAL A 811 1.85 14.56 -43.44
C VAL A 811 2.05 13.72 -44.70
N ALA A 812 1.52 12.50 -44.71
CA ALA A 812 1.73 11.62 -45.85
C ALA A 812 1.09 12.16 -47.12
N LEU A 813 -0.12 12.72 -47.00
CA LEU A 813 -0.81 13.26 -48.17
C LEU A 813 -0.11 14.52 -48.69
N ILE A 814 0.47 15.34 -47.81
CA ILE A 814 1.24 16.48 -48.28
C ILE A 814 2.43 16.03 -49.11
N GLU A 815 3.16 15.02 -48.63
CA GLU A 815 4.26 14.46 -49.40
C GLU A 815 3.82 13.96 -50.76
N PHE A 816 2.54 13.61 -50.90
CA PHE A 816 2.03 13.02 -52.13
C PHE A 816 1.50 14.08 -53.09
N CYS A 817 0.98 15.17 -52.55
CA CYS A 817 0.56 16.32 -53.39
C CYS A 817 1.79 17.08 -53.88
N TYR A 818 2.84 17.17 -53.07
CA TYR A 818 4.06 17.86 -53.48
C TYR A 818 4.73 17.12 -54.63
N LYS A 819 4.74 15.78 -54.52
CA LYS A 819 5.36 14.96 -55.55
C LYS A 819 4.50 14.91 -56.81
N SER A 820 3.18 14.92 -56.66
CA SER A 820 2.30 14.84 -57.83
C SER A 820 2.39 16.11 -58.68
N ARG A 821 2.43 17.29 -58.03
CA ARG A 821 2.55 18.53 -58.80
C ARG A 821 3.86 18.55 -59.59
N ALA A 822 4.96 18.16 -58.94
CA ALA A 822 6.28 18.25 -59.59
C ALA A 822 6.34 17.38 -60.84
N GLU A 823 5.87 16.14 -60.72
CA GLU A 823 5.84 15.24 -61.89
C GLU A 823 5.14 15.87 -63.07
N ALA A 824 4.00 16.54 -62.83
CA ALA A 824 3.31 17.24 -63.91
C ALA A 824 4.15 18.38 -64.46
N LYS A 825 4.91 19.06 -63.60
CA LYS A 825 5.76 20.16 -64.03
C LYS A 825 7.07 19.69 -64.63
N ARG A 826 7.46 18.44 -64.40
CA ARG A 826 8.69 17.90 -64.96
C ARG A 826 8.42 16.62 -65.74
N VAL B 397 -2.51 24.41 55.48
CA VAL B 397 -1.39 23.64 54.97
C VAL B 397 -0.73 24.41 53.83
N VAL B 398 0.59 24.27 53.69
CA VAL B 398 1.34 24.94 52.62
C VAL B 398 1.83 23.86 51.66
N VAL B 399 1.19 23.76 50.50
CA VAL B 399 1.65 22.84 49.46
C VAL B 399 2.60 23.59 48.53
N THR B 400 3.79 23.90 49.03
CA THR B 400 4.79 24.59 48.21
C THR B 400 5.11 23.78 46.96
N THR B 401 5.06 24.43 45.81
CA THR B 401 5.30 23.76 44.54
C THR B 401 5.96 24.75 43.58
N ILE B 402 6.41 24.23 42.43
CA ILE B 402 7.19 25.00 41.48
C ILE B 402 6.29 25.42 40.31
N MET B 403 6.76 26.40 39.55
CA MET B 403 6.03 26.94 38.40
C MET B 403 6.46 26.29 37.10
N GLU B 404 6.50 24.95 37.07
CA GLU B 404 6.84 24.23 35.85
C GLU B 404 5.53 23.92 35.12
N SER B 405 5.59 23.16 34.02
CA SER B 405 4.42 22.90 33.20
C SER B 405 4.64 21.55 32.53
N PRO B 406 3.71 20.61 32.66
CA PRO B 406 2.29 20.77 32.94
C PRO B 406 1.93 20.48 34.39
N TYR B 407 2.59 21.13 35.34
CA TYR B 407 2.35 20.88 36.75
CA TYR B 407 2.36 20.88 36.76
C TYR B 407 1.57 21.99 37.43
N VAL B 408 2.01 23.25 37.31
CA VAL B 408 1.29 24.39 37.86
C VAL B 408 1.18 25.44 36.75
N MET B 409 0.15 25.34 35.92
CA MET B 409 -0.05 26.24 34.80
C MET B 409 -1.10 27.28 35.17
N TYR B 410 -0.80 28.55 34.91
CA TYR B 410 -1.79 29.60 35.10
C TYR B 410 -2.99 29.39 34.18
N LYS B 411 -4.19 29.59 34.72
CA LYS B 411 -5.40 29.47 33.95
C LYS B 411 -5.73 30.82 33.30
N LYS B 412 -6.16 30.76 32.04
CA LYS B 412 -6.60 31.95 31.32
C LYS B 412 -7.41 32.87 32.23
N ASN B 413 -7.02 34.15 32.26
CA ASN B 413 -7.59 35.12 33.19
C ASN B 413 -7.43 34.63 34.64
N HIS B 414 -6.16 34.54 35.04
CA HIS B 414 -5.82 34.11 36.40
C HIS B 414 -6.16 35.14 37.46
N GLU B 415 -6.55 36.36 37.06
CA GLU B 415 -6.90 37.41 38.00
C GLU B 415 -8.39 37.40 38.36
N MET B 416 -9.04 36.24 38.28
CA MET B 416 -10.47 36.12 38.49
C MET B 416 -10.81 34.95 39.41
N PHE B 417 -9.84 34.44 40.14
CA PHE B 417 -10.02 33.29 41.01
C PHE B 417 -9.36 33.56 42.35
N GLU B 418 -9.74 32.77 43.35
CA GLU B 418 -9.26 32.95 44.71
C GLU B 418 -8.69 31.64 45.25
N GLY B 419 -7.64 31.74 46.05
CA GLY B 419 -7.05 30.58 46.70
C GLY B 419 -6.53 29.55 45.71
N ASN B 420 -7.05 28.32 45.84
CA ASN B 420 -6.55 27.22 45.03
C ASN B 420 -7.13 27.22 43.62
N ASP B 421 -8.32 27.80 43.44
CA ASP B 421 -8.94 27.87 42.12
C ASP B 421 -8.13 28.67 41.11
N LYS B 422 -7.04 29.31 41.54
CA LYS B 422 -6.26 30.15 40.64
C LYS B 422 -5.45 29.32 39.66
N TYR B 423 -4.80 28.27 40.14
CA TYR B 423 -3.84 27.51 39.34
C TYR B 423 -4.41 26.14 38.96
N GLU B 424 -3.93 25.61 37.83
CA GLU B 424 -4.30 24.27 37.39
C GLU B 424 -3.04 23.45 37.15
N GLY B 425 -3.19 22.27 36.58
CA GLY B 425 -2.07 21.43 36.23
C GLY B 425 -2.15 20.06 36.88
N TYR B 426 -1.05 19.31 36.75
CA TYR B 426 -1.01 17.94 37.27
C TYR B 426 -0.93 17.94 38.79
N CYS B 427 -0.04 18.77 39.36
CA CYS B 427 0.11 18.79 40.81
C CYS B 427 -1.08 19.45 41.49
N VAL B 428 -1.75 20.38 40.80
CA VAL B 428 -2.96 20.97 41.35
C VAL B 428 -4.03 19.90 41.55
N ASP B 429 -4.27 19.08 40.53
CA ASP B 429 -5.24 17.99 40.65
C ASP B 429 -4.76 16.96 41.66
N LEU B 430 -3.48 16.58 41.61
CA LEU B 430 -2.95 15.58 42.52
C LEU B 430 -3.14 16.01 43.98
N ALA B 431 -2.83 17.27 44.29
CA ALA B 431 -3.06 17.80 45.62
C ALA B 431 -4.53 17.72 46.01
N SER B 432 -5.43 17.71 45.04
CA SER B 432 -6.86 17.58 45.30
C SER B 432 -7.30 16.13 45.42
N GLU B 433 -6.38 15.18 45.29
CA GLU B 433 -6.68 13.77 45.44
C GLU B 433 -5.96 13.15 46.63
N ILE B 434 -5.15 13.91 47.35
CA ILE B 434 -4.39 13.41 48.50
C ILE B 434 -4.90 14.14 49.73
N ALA B 435 -5.36 15.38 49.53
CA ALA B 435 -5.96 16.13 50.63
C ALA B 435 -7.31 15.54 51.02
N LYS B 436 -8.12 15.17 50.02
CA LYS B 436 -9.44 14.59 50.30
C LYS B 436 -9.35 13.36 51.18
N HIS B 437 -8.47 12.41 50.81
CA HIS B 437 -8.28 11.22 51.61
C HIS B 437 -7.87 11.56 53.04
N ILE B 438 -6.82 12.38 53.19
CA ILE B 438 -6.32 12.72 54.52
C ILE B 438 -7.25 13.71 55.22
N GLY B 439 -8.09 14.41 54.49
CA GLY B 439 -8.95 15.42 55.07
C GLY B 439 -8.22 16.62 55.64
N ILE B 440 -7.47 17.33 54.78
CA ILE B 440 -6.74 18.51 55.18
C ILE B 440 -7.13 19.68 54.28
N LYS B 441 -7.00 20.90 54.81
CA LYS B 441 -7.26 22.12 54.07
C LYS B 441 -5.93 22.74 53.68
N TYR B 442 -5.66 22.77 52.38
CA TYR B 442 -4.36 23.18 51.85
C TYR B 442 -4.47 24.50 51.09
N LYS B 443 -3.31 25.10 50.84
CA LYS B 443 -3.20 26.36 50.11
C LYS B 443 -1.85 26.39 49.39
N ILE B 444 -1.88 26.60 48.08
CA ILE B 444 -0.67 26.50 47.26
C ILE B 444 0.12 27.79 47.41
N ALA B 445 1.23 27.73 48.15
CA ALA B 445 2.11 28.87 48.42
C ALA B 445 3.39 28.71 47.59
N ILE B 446 3.29 29.03 46.29
CA ILE B 446 4.40 28.91 45.33
C ILE B 446 5.73 29.35 45.95
N VAL B 447 6.74 28.49 45.86
CA VAL B 447 8.04 28.78 46.45
C VAL B 447 8.63 30.02 45.77
N PRO B 448 9.26 30.93 46.51
CA PRO B 448 10.02 32.00 45.86
C PRO B 448 11.36 31.53 45.32
N ASP B 449 12.02 32.44 44.62
CA ASP B 449 13.30 32.26 43.93
C ASP B 449 13.18 31.41 42.67
N GLY B 450 12.28 30.43 42.68
CA GLY B 450 12.10 29.59 41.50
C GLY B 450 13.08 28.45 41.35
N LYS B 451 13.61 27.93 42.45
CA LYS B 451 14.63 26.89 42.41
C LYS B 451 14.15 25.63 43.12
N TYR B 452 14.44 24.48 42.52
CA TYR B 452 13.97 23.21 43.06
C TYR B 452 14.60 22.92 44.42
N GLY B 453 15.92 22.99 44.50
CA GLY B 453 16.61 22.82 45.77
C GLY B 453 18.01 22.30 45.61
N ALA B 454 18.97 22.86 46.32
CA ALA B 454 20.34 22.37 46.29
C ALA B 454 21.04 22.80 47.57
N ARG B 455 22.23 22.23 47.78
CA ARG B 455 23.02 22.46 48.99
C ARG B 455 24.29 23.23 48.59
N ASP B 456 24.36 24.49 49.01
CA ASP B 456 25.59 25.28 48.83
C ASP B 456 26.79 24.54 49.40
N ALA B 457 27.85 24.44 48.61
CA ALA B 457 29.03 23.68 49.00
C ALA B 457 29.92 24.43 49.97
N ASP B 458 29.55 25.66 50.36
CA ASP B 458 30.35 26.45 51.29
C ASP B 458 29.65 26.62 52.64
N THR B 459 28.46 27.22 52.64
CA THR B 459 27.71 27.45 53.86
C THR B 459 26.86 26.26 54.29
N LYS B 460 26.74 25.24 53.44
CA LYS B 460 25.94 24.05 53.73
C LYS B 460 24.50 24.42 54.09
N ILE B 461 23.95 25.39 53.36
CA ILE B 461 22.58 25.84 53.53
C ILE B 461 21.75 25.29 52.38
N TRP B 462 20.49 24.96 52.66
CA TRP B 462 19.56 24.47 51.66
C TRP B 462 18.67 25.63 51.20
N ASN B 463 18.77 25.99 49.94
CA ASN B 463 17.93 27.00 49.32
C ASN B 463 16.79 26.34 48.55
N GLY B 464 16.12 27.12 47.71
CA GLY B 464 15.12 26.54 46.84
C GLY B 464 13.86 26.16 47.60
N MET B 465 13.37 24.94 47.34
CA MET B 465 12.19 24.40 47.98
C MET B 465 12.52 23.50 49.17
N VAL B 466 13.59 22.73 49.08
CA VAL B 466 14.00 21.88 50.20
C VAL B 466 14.37 22.72 51.42
N GLY B 467 14.66 24.01 51.22
CA GLY B 467 14.95 24.88 52.35
C GLY B 467 13.74 25.18 53.21
N GLU B 468 12.54 25.15 52.62
CA GLU B 468 11.35 25.50 53.38
C GLU B 468 10.89 24.35 54.27
N LEU B 469 11.02 23.12 53.79
CA LEU B 469 10.56 21.95 54.54
C LEU B 469 11.52 21.56 55.66
N VAL B 470 12.72 22.13 55.68
CA VAL B 470 13.71 21.85 56.71
C VAL B 470 13.69 22.90 57.81
N TYR B 471 13.47 24.16 57.44
CA TYR B 471 13.34 25.25 58.39
C TYR B 471 11.92 25.44 58.87
N GLY B 472 10.97 24.69 58.32
CA GLY B 472 9.59 24.69 58.79
C GLY B 472 8.66 25.65 58.09
N LYS B 473 9.16 26.44 57.13
CA LYS B 473 8.31 27.40 56.43
C LYS B 473 7.07 26.72 55.85
N ALA B 474 7.27 25.64 55.10
CA ALA B 474 6.17 24.87 54.52
C ALA B 474 5.92 23.60 55.32
N GLU B 475 4.82 22.94 54.99
CA GLU B 475 4.39 21.72 55.68
C GLU B 475 4.43 20.49 54.80
N ILE B 476 4.23 20.63 53.50
CA ILE B 476 4.31 19.55 52.53
C ILE B 476 4.84 20.16 51.24
N ALA B 477 5.17 19.33 50.26
CA ALA B 477 5.59 19.85 48.95
C ALA B 477 5.19 18.83 47.88
N ILE B 478 3.94 18.95 47.41
CA ILE B 478 3.52 18.15 46.25
C ILE B 478 4.09 18.85 45.04
N ALA B 479 5.33 18.56 44.70
CA ALA B 479 6.04 19.17 43.59
C ALA B 479 6.75 18.10 42.77
N PRO B 480 7.19 18.44 41.56
CA PRO B 480 8.06 17.50 40.82
C PRO B 480 9.48 17.50 41.35
N LEU B 481 9.66 16.96 42.55
CA LEU B 481 10.93 16.98 43.27
C LEU B 481 11.52 15.57 43.30
N THR B 482 12.66 15.40 42.63
CA THR B 482 13.30 14.10 42.48
C THR B 482 13.73 13.56 43.85
N ILE B 483 13.96 12.25 43.91
CA ILE B 483 14.39 11.56 45.13
C ILE B 483 15.87 11.23 45.00
N THR B 484 16.68 11.80 45.90
CA THR B 484 18.13 11.66 45.87
C THR B 484 18.63 11.42 47.29
N LEU B 485 19.85 10.90 47.38
CA LEU B 485 20.44 10.57 48.68
C LEU B 485 20.68 11.80 49.54
N VAL B 486 20.86 12.97 48.92
CA VAL B 486 21.15 14.17 49.70
C VAL B 486 19.87 14.74 50.27
N ARG B 487 18.74 14.55 49.60
CA ARG B 487 17.47 15.11 50.02
C ARG B 487 16.71 14.24 51.01
N GLU B 488 17.27 13.11 51.45
CA GLU B 488 16.51 12.25 52.37
C GLU B 488 17.00 12.37 53.80
N GLU B 489 18.15 12.99 54.03
CA GLU B 489 18.66 13.21 55.37
C GLU B 489 18.11 14.49 55.97
N VAL B 490 17.26 15.21 55.23
CA VAL B 490 16.66 16.45 55.69
C VAL B 490 15.15 16.41 55.64
N ILE B 491 14.57 15.87 54.56
CA ILE B 491 13.13 15.72 54.43
C ILE B 491 12.79 14.26 54.13
N ASP B 492 11.63 13.84 54.62
CA ASP B 492 11.15 12.46 54.47
C ASP B 492 10.34 12.29 53.19
N PHE B 493 10.98 11.82 52.12
CA PHE B 493 10.30 11.64 50.85
C PHE B 493 9.27 10.52 50.94
N SER B 494 8.39 10.46 49.95
CA SER B 494 7.39 9.41 49.80
C SER B 494 7.69 8.59 48.54
N LYS B 495 6.77 7.68 48.21
CA LYS B 495 7.00 6.78 47.09
C LYS B 495 6.78 7.50 45.77
N PRO B 496 7.56 7.16 44.73
CA PRO B 496 7.40 7.80 43.42
C PRO B 496 5.99 7.71 42.86
N PHE B 497 5.36 8.85 42.61
CA PHE B 497 4.05 8.87 41.96
C PHE B 497 4.15 8.84 40.44
N MET B 498 5.33 9.05 39.88
CA MET B 498 5.52 9.01 38.44
C MET B 498 6.98 8.68 38.15
N SER B 499 7.26 8.30 36.90
CA SER B 499 8.56 7.81 36.48
C SER B 499 9.16 8.76 35.45
N LEU B 500 10.43 9.10 35.65
CA LEU B 500 11.11 10.08 34.81
C LEU B 500 12.47 9.52 34.41
N GLY B 501 13.35 10.38 33.92
CA GLY B 501 14.69 9.99 33.54
C GLY B 501 15.37 11.03 32.67
N ILE B 502 16.65 11.29 32.93
CA ILE B 502 17.39 12.33 32.21
C ILE B 502 17.31 12.06 30.71
N SER B 503 17.24 13.13 29.93
CA SER B 503 17.08 13.00 28.49
C SER B 503 17.66 14.25 27.81
N ILE B 504 18.17 14.05 26.60
CA ILE B 504 18.77 15.12 25.83
C ILE B 504 17.71 15.74 24.93
N MET B 505 17.61 17.06 24.96
CA MET B 505 16.71 17.81 24.09
C MET B 505 17.55 18.60 23.08
N ILE B 506 17.18 18.51 21.81
CA ILE B 506 17.89 19.23 20.75
C ILE B 506 16.88 19.90 19.84
N LYS B 507 17.33 20.96 19.17
CA LYS B 507 16.52 21.68 18.21
C LYS B 507 16.19 20.76 17.03
N LYS B 508 14.91 20.37 16.91
CA LYS B 508 14.42 19.44 15.89
C LYS B 508 15.01 19.75 14.51
N PRO B 509 15.93 18.92 14.03
CA PRO B 509 16.56 19.17 12.72
C PRO B 509 15.56 18.93 11.60
N GLN B 510 15.27 19.99 10.83
CA GLN B 510 14.31 19.92 9.73
C GLN B 510 14.55 18.67 8.88
N LYS B 511 13.47 18.13 8.32
CA LYS B 511 13.59 16.98 7.45
C LYS B 511 14.54 17.27 6.29
N SER B 512 15.33 16.28 5.93
CA SER B 512 16.34 16.43 4.89
C SER B 512 15.77 16.11 3.52
N LYS B 513 16.47 16.56 2.49
CA LYS B 513 16.13 16.29 1.11
C LYS B 513 16.81 15.01 0.65
N PRO B 514 16.09 14.08 0.03
CA PRO B 514 16.73 12.87 -0.50
C PRO B 514 17.98 13.20 -1.31
N GLY B 515 18.99 12.36 -1.17
CA GLY B 515 20.28 12.63 -1.78
C GLY B 515 20.21 12.70 -3.29
N VAL B 516 21.23 13.32 -3.86
CA VAL B 516 21.32 13.47 -5.32
C VAL B 516 21.35 12.10 -5.99
N PHE B 517 21.89 11.09 -5.31
CA PHE B 517 21.96 9.73 -5.83
C PHE B 517 20.99 8.82 -5.10
N SER B 518 19.80 9.34 -4.78
CA SER B 518 18.80 8.57 -4.06
C SER B 518 18.27 7.39 -4.85
N PHE B 519 18.45 7.38 -6.17
CA PHE B 519 17.97 6.27 -6.99
C PHE B 519 18.72 4.97 -6.72
N LEU B 520 19.83 5.01 -6.00
CA LEU B 520 20.55 3.81 -5.58
C LEU B 520 20.05 3.28 -4.24
N ASP B 521 19.21 4.03 -3.53
CA ASP B 521 18.71 3.59 -2.23
C ASP B 521 17.94 2.28 -2.25
N PRO B 522 17.04 1.98 -3.23
CA PRO B 522 16.25 0.75 -3.16
C PRO B 522 17.06 -0.54 -2.97
N LEU B 523 18.34 -0.53 -3.36
CA LEU B 523 19.20 -1.69 -3.20
C LEU B 523 20.42 -1.31 -2.37
N ALA B 524 20.89 -2.25 -1.55
CA ALA B 524 22.03 -2.01 -0.69
C ALA B 524 23.30 -1.87 -1.52
N TYR B 525 24.30 -1.22 -0.93
CA TYR B 525 25.57 -1.01 -1.62
C TYR B 525 26.21 -2.33 -2.04
N GLU B 526 25.97 -3.40 -1.27
CA GLU B 526 26.54 -4.70 -1.62
C GLU B 526 25.97 -5.21 -2.93
N ILE B 527 24.66 -5.05 -3.15
CA ILE B 527 24.02 -5.53 -4.36
C ILE B 527 24.57 -4.81 -5.58
N TRP B 528 24.70 -3.48 -5.50
CA TRP B 528 25.25 -2.71 -6.61
C TRP B 528 26.68 -3.16 -6.93
N MET B 529 27.49 -3.41 -5.91
CA MET B 529 28.84 -3.92 -6.13
C MET B 529 28.80 -5.27 -6.83
N CYS B 530 27.90 -6.16 -6.41
CA CYS B 530 27.85 -7.50 -6.99
C CYS B 530 27.25 -7.48 -8.39
N ILE B 531 26.33 -6.56 -8.68
CA ILE B 531 25.79 -6.45 -10.02
C ILE B 531 26.90 -6.11 -11.01
N VAL B 532 27.80 -5.21 -10.62
CA VAL B 532 28.94 -4.87 -11.47
C VAL B 532 29.80 -6.10 -11.71
N PHE B 533 30.09 -6.86 -10.65
CA PHE B 533 30.86 -8.10 -10.81
C PHE B 533 30.14 -9.09 -11.71
N ALA B 534 28.83 -9.24 -11.52
CA ALA B 534 28.05 -10.12 -12.39
C ALA B 534 28.07 -9.63 -13.82
N TYR B 535 27.96 -8.32 -14.03
CA TYR B 535 27.99 -7.76 -15.38
C TYR B 535 29.31 -8.07 -16.07
N ILE B 536 30.43 -7.89 -15.37
CA ILE B 536 31.73 -8.21 -15.92
C ILE B 536 31.87 -9.72 -16.14
N GLY B 537 31.45 -10.51 -15.15
CA GLY B 537 31.61 -11.95 -15.26
C GLY B 537 30.82 -12.54 -16.41
N VAL B 538 29.56 -12.11 -16.57
CA VAL B 538 28.72 -12.63 -17.65
C VAL B 538 29.32 -12.27 -19.01
N SER B 539 29.76 -11.03 -19.16
CA SER B 539 30.26 -10.58 -20.46
C SER B 539 31.53 -11.33 -20.87
N VAL B 540 32.44 -11.57 -19.91
CA VAL B 540 33.66 -12.30 -20.22
C VAL B 540 33.33 -13.74 -20.61
N VAL B 541 32.44 -14.39 -19.86
CA VAL B 541 32.06 -15.77 -20.18
C VAL B 541 31.35 -15.83 -21.53
N LEU B 542 30.44 -14.89 -21.79
CA LEU B 542 29.74 -14.86 -23.07
C LEU B 542 30.72 -14.69 -24.22
N PHE B 543 31.70 -13.79 -24.07
CA PHE B 543 32.74 -13.65 -25.07
C PHE B 543 33.58 -14.91 -25.19
N LEU B 544 33.90 -15.54 -24.05
CA LEU B 544 34.77 -16.71 -24.06
C LEU B 544 34.13 -17.86 -24.83
N VAL B 545 32.88 -18.20 -24.50
CA VAL B 545 32.23 -19.34 -25.14
C VAL B 545 31.98 -19.10 -26.62
N SER B 546 31.69 -17.86 -27.00
CA SER B 546 31.30 -17.55 -28.37
C SER B 546 32.48 -17.39 -29.33
N ARG B 547 33.71 -17.32 -28.82
CA ARG B 547 34.87 -17.02 -29.67
C ARG B 547 36.07 -17.93 -29.46
N PHE B 548 36.17 -18.65 -28.34
CA PHE B 548 37.40 -19.40 -28.07
C PHE B 548 37.61 -20.54 -29.06
N SER B 549 36.53 -21.17 -29.51
CA SER B 549 36.66 -22.35 -30.36
C SER B 549 37.22 -21.97 -31.73
N PRO B 550 38.34 -22.57 -32.15
CA PRO B 550 38.88 -22.27 -33.49
C PRO B 550 38.15 -22.99 -34.61
N TYR B 551 37.28 -23.96 -34.30
CA TYR B 551 36.59 -24.73 -35.32
C TYR B 551 35.33 -24.03 -35.83
N GLU B 552 35.03 -22.84 -35.33
CA GLU B 552 33.88 -22.07 -35.79
C GLU B 552 34.27 -21.00 -36.81
N TRP B 553 35.52 -20.55 -36.80
CA TRP B 553 35.96 -19.47 -37.69
C TRP B 553 36.02 -19.94 -39.13
N ASN B 571 29.67 -15.29 -35.60
CA ASN B 571 29.09 -14.42 -34.58
C ASN B 571 29.80 -13.08 -34.52
N GLU B 572 29.16 -12.11 -33.87
CA GLU B 572 29.72 -10.78 -33.69
C GLU B 572 29.96 -10.47 -32.21
N PHE B 573 30.00 -11.51 -31.37
CA PHE B 573 30.08 -11.34 -29.92
C PHE B 573 31.54 -11.27 -29.47
N GLY B 574 32.20 -10.20 -29.88
CA GLY B 574 33.52 -9.89 -29.37
C GLY B 574 33.45 -9.44 -27.92
N ILE B 575 34.62 -9.07 -27.38
CA ILE B 575 34.69 -8.66 -25.98
C ILE B 575 33.86 -7.40 -25.76
N PHE B 576 33.92 -6.44 -26.68
CA PHE B 576 33.20 -5.19 -26.49
C PHE B 576 31.74 -5.32 -26.88
N ASN B 577 31.40 -6.19 -27.83
CA ASN B 577 30.00 -6.42 -28.16
C ASN B 577 29.30 -7.25 -27.08
N SER B 578 30.05 -8.07 -26.35
CA SER B 578 29.46 -8.80 -25.23
C SER B 578 29.08 -7.87 -24.10
N LEU B 579 29.92 -6.87 -23.81
CA LEU B 579 29.58 -5.88 -22.79
C LEU B 579 28.30 -5.13 -23.17
N TRP B 580 28.17 -4.75 -24.45
CA TRP B 580 26.97 -4.05 -24.89
C TRP B 580 25.73 -4.93 -24.78
N PHE B 581 25.85 -6.20 -25.17
CA PHE B 581 24.70 -7.11 -25.08
C PHE B 581 24.25 -7.27 -23.64
N SER B 582 25.19 -7.46 -22.72
CA SER B 582 24.82 -7.61 -21.31
C SER B 582 24.21 -6.32 -20.77
N LEU B 583 24.77 -5.17 -21.15
CA LEU B 583 24.23 -3.90 -20.68
C LEU B 583 22.82 -3.67 -21.21
N GLY B 584 22.59 -3.97 -22.48
CA GLY B 584 21.26 -3.80 -23.04
C GLY B 584 20.23 -4.68 -22.38
N ALA B 585 20.58 -5.93 -22.08
CA ALA B 585 19.66 -6.83 -21.40
C ALA B 585 19.29 -6.31 -20.01
N PHE B 586 20.28 -5.84 -19.25
CA PHE B 586 20.01 -5.36 -17.90
C PHE B 586 19.18 -4.08 -17.92
N MET B 587 19.44 -3.20 -18.89
CA MET B 587 18.69 -1.94 -19.01
C MET B 587 17.27 -2.15 -19.50
N GLN B 588 16.86 -3.40 -19.75
CA GLN B 588 15.52 -3.73 -20.24
C GLN B 588 15.28 -3.19 -21.64
N GLN B 589 16.32 -3.16 -22.46
CA GLN B 589 16.27 -2.70 -23.83
C GLN B 589 16.46 -3.88 -24.77
N GLY B 590 16.64 -3.60 -26.05
CA GLY B 590 16.72 -4.67 -27.03
C GLY B 590 18.13 -4.85 -27.55
N CYS B 591 18.41 -6.01 -28.12
CA CYS B 591 19.73 -6.30 -28.66
C CYS B 591 19.72 -6.20 -30.19
N ASP B 592 20.91 -5.98 -30.74
CA ASP B 592 21.12 -6.01 -32.17
C ASP B 592 21.70 -7.34 -32.64
N ILE B 593 22.41 -8.03 -31.76
CA ILE B 593 22.94 -9.36 -32.02
C ILE B 593 22.48 -10.30 -30.91
N SER B 594 22.19 -11.54 -31.28
CA SER B 594 21.75 -12.55 -30.32
C SER B 594 22.52 -13.84 -30.55
N PRO B 595 22.94 -14.52 -29.49
CA PRO B 595 23.76 -15.73 -29.66
C PRO B 595 22.99 -16.83 -30.39
N ARG B 596 23.73 -17.60 -31.19
CA ARG B 596 23.17 -18.71 -31.94
C ARG B 596 23.74 -20.06 -31.52
N SER B 597 24.42 -20.13 -30.39
CA SER B 597 25.05 -21.36 -29.93
C SER B 597 24.49 -21.77 -28.58
N LEU B 598 24.52 -23.07 -28.30
CA LEU B 598 23.96 -23.58 -27.06
C LEU B 598 24.66 -22.96 -25.86
N SER B 599 26.00 -22.96 -25.85
CA SER B 599 26.75 -22.40 -24.74
C SER B 599 26.46 -20.91 -24.59
N GLY B 600 26.46 -20.17 -25.70
CA GLY B 600 26.15 -18.75 -25.64
C GLY B 600 24.74 -18.46 -25.17
N ARG B 601 23.77 -19.26 -25.62
CA ARG B 601 22.38 -19.02 -25.25
C ARG B 601 22.13 -19.34 -23.78
N ILE B 602 22.87 -20.29 -23.20
CA ILE B 602 22.78 -20.52 -21.76
C ILE B 602 23.20 -19.27 -21.00
N VAL B 603 24.29 -18.63 -21.43
CA VAL B 603 24.76 -17.41 -20.76
C VAL B 603 23.71 -16.32 -20.86
N GLY B 604 23.10 -16.18 -22.04
CA GLY B 604 22.09 -15.15 -22.23
C GLY B 604 20.76 -15.45 -21.60
N GLY B 605 20.49 -16.72 -21.30
CA GLY B 605 19.24 -17.10 -20.67
C GLY B 605 19.24 -16.89 -19.17
N VAL B 606 20.36 -17.21 -18.53
CA VAL B 606 20.48 -16.97 -17.09
C VAL B 606 20.70 -15.50 -16.77
N TRP B 607 21.21 -14.72 -17.73
CA TRP B 607 21.35 -13.29 -17.52
C TRP B 607 20.04 -12.55 -17.70
N TRP B 608 19.12 -13.11 -18.51
CA TRP B 608 17.78 -12.54 -18.59
C TRP B 608 16.97 -12.86 -17.34
N PHE B 609 17.13 -14.07 -16.79
CA PHE B 609 16.46 -14.40 -15.55
C PHE B 609 17.00 -13.57 -14.39
N PHE B 610 18.32 -13.40 -14.33
CA PHE B 610 18.92 -12.55 -13.30
C PHE B 610 18.43 -11.11 -13.42
N THR B 611 18.38 -10.59 -14.65
CA THR B 611 17.89 -9.24 -14.87
C THR B 611 16.45 -9.09 -14.42
N LEU B 612 15.60 -10.06 -14.76
CA LEU B 612 14.18 -9.96 -14.43
C LEU B 612 13.96 -9.86 -12.93
N ILE B 613 14.65 -10.70 -12.16
CA ILE B 613 14.50 -10.68 -10.71
C ILE B 613 15.04 -9.39 -10.12
N ILE B 614 16.12 -8.86 -10.69
CA ILE B 614 16.79 -7.71 -10.10
C ILE B 614 16.10 -6.40 -10.49
N ILE B 615 15.56 -6.33 -11.71
CA ILE B 615 14.91 -5.09 -12.11
C ILE B 615 13.49 -5.04 -11.55
N SER B 616 12.86 -6.18 -11.30
CA SER B 616 11.53 -6.19 -10.70
C SER B 616 11.59 -5.71 -9.25
N SER B 617 12.56 -6.22 -8.50
CA SER B 617 12.71 -5.79 -7.10
C SER B 617 13.07 -4.32 -7.01
N TYR B 618 13.99 -3.85 -7.85
CA TYR B 618 14.40 -2.45 -7.80
C TYR B 618 13.25 -1.51 -8.11
N THR B 619 12.49 -1.81 -9.17
CA THR B 619 11.40 -0.93 -9.58
C THR B 619 10.19 -1.00 -8.65
N ALA B 620 10.16 -1.95 -7.72
CA ALA B 620 9.02 -2.10 -6.81
C ALA B 620 8.67 -0.78 -6.13
N ASN B 621 9.64 -0.18 -5.45
CA ASN B 621 9.40 1.03 -4.65
C ASN B 621 10.40 2.11 -5.00
N LEU B 622 10.69 2.28 -6.29
CA LEU B 622 11.65 3.30 -6.68
C LEU B 622 11.15 4.69 -6.32
N ALA B 623 9.87 4.96 -6.57
CA ALA B 623 9.31 6.28 -6.26
C ALA B 623 9.29 6.54 -4.76
N ALA B 624 9.03 5.50 -3.95
CA ALA B 624 8.96 5.69 -2.50
C ALA B 624 10.31 6.13 -1.94
N PHE B 625 11.40 5.52 -2.42
CA PHE B 625 12.73 5.94 -1.97
C PHE B 625 13.07 7.35 -2.46
N LEU B 626 12.49 7.77 -3.59
CA LEU B 626 12.78 9.10 -4.12
C LEU B 626 11.95 10.18 -3.45
N THR B 627 10.84 9.81 -2.80
CA THR B 627 9.92 10.78 -2.21
C THR B 627 9.87 10.70 -0.69
N VAL B 628 10.93 10.18 -0.07
CA VAL B 628 10.98 10.00 1.38
C VAL B 628 11.90 11.06 1.97
N GLU B 629 11.42 11.74 3.00
CA GLU B 629 12.20 12.72 3.76
C GLU B 629 12.49 12.12 5.13
N ARG B 630 13.58 11.38 5.21
CA ARG B 630 13.90 10.66 6.45
C ARG B 630 14.41 11.63 7.51
N MET B 631 14.03 11.36 8.75
CA MET B 631 14.42 12.22 9.88
C MET B 631 15.80 11.82 10.35
N VAL B 632 16.77 12.72 10.17
CA VAL B 632 18.15 12.45 10.54
C VAL B 632 18.50 13.33 11.73
N SER B 633 19.37 12.82 12.59
CA SER B 633 19.79 13.52 13.79
C SER B 633 21.30 13.68 13.82
N PRO B 634 21.81 14.70 14.51
CA PRO B 634 23.26 14.83 14.65
C PRO B 634 23.85 13.86 15.65
N ILE B 635 23.15 13.62 16.76
CA ILE B 635 23.62 12.76 17.84
C ILE B 635 22.48 11.87 18.30
N GLU B 636 22.85 10.74 18.90
CA GLU B 636 21.88 9.79 19.44
C GLU B 636 22.05 9.56 20.93
N SER B 637 23.28 9.30 21.38
CA SER B 637 23.55 8.97 22.77
C SER B 637 24.28 10.11 23.47
N ALA B 638 24.31 10.05 24.80
CA ALA B 638 25.01 11.06 25.58
C ALA B 638 26.51 11.02 25.33
N GLU B 639 27.05 9.84 24.97
CA GLU B 639 28.47 9.70 24.68
C GLU B 639 28.90 10.64 23.56
N ASP B 640 28.00 10.95 22.63
CA ASP B 640 28.34 11.82 21.50
C ASP B 640 28.73 13.21 21.97
N LEU B 641 28.04 13.73 22.98
CA LEU B 641 28.35 15.08 23.47
C LEU B 641 29.79 15.17 23.97
N ALA B 642 30.25 14.17 24.70
CA ALA B 642 31.63 14.19 25.21
C ALA B 642 32.64 14.17 24.08
N LYS B 643 32.40 13.35 23.05
CA LYS B 643 33.40 13.15 22.01
C LYS B 643 33.60 14.39 21.13
N GLN B 644 32.61 15.27 21.04
CA GLN B 644 32.73 16.47 20.24
C GLN B 644 32.89 17.71 21.14
N THR B 645 32.90 18.88 20.50
CA THR B 645 32.94 20.16 21.20
C THR B 645 32.13 21.26 20.52
N GLU B 646 31.70 21.08 19.26
CA GLU B 646 30.97 22.12 18.53
C GLU B 646 29.67 22.54 19.22
N ILE B 647 28.69 21.65 19.27
CA ILE B 647 27.45 21.91 20.00
C ILE B 647 27.80 22.04 21.48
N ALA B 648 26.88 22.58 22.27
CA ALA B 648 27.06 22.74 23.71
C ALA B 648 25.89 22.12 24.44
N TYR B 649 25.93 22.21 25.77
CA TYR B 649 24.90 21.63 26.61
C TYR B 649 25.08 22.10 28.04
N GLY B 650 23.98 22.07 28.80
CA GLY B 650 23.99 22.43 30.20
C GLY B 650 22.87 21.76 30.97
N THR B 651 22.69 22.14 32.24
CA THR B 651 21.62 21.60 33.06
C THR B 651 20.99 22.72 33.87
N LEU B 652 19.82 22.42 34.42
CA LEU B 652 19.10 23.36 35.28
C LEU B 652 19.89 23.64 36.55
N ASP B 653 20.43 24.85 36.66
CA ASP B 653 21.14 25.26 37.88
C ASP B 653 20.29 24.96 39.11
N SER B 654 20.97 24.55 40.18
CA SER B 654 20.32 24.13 41.43
C SER B 654 19.21 23.12 41.14
N GLY B 655 19.63 21.97 40.60
CA GLY B 655 18.70 20.94 40.19
C GLY B 655 19.26 19.55 40.49
N SER B 656 18.42 18.55 40.24
CA SER B 656 18.79 17.17 40.48
C SER B 656 19.43 16.51 39.27
N THR B 657 19.35 17.12 38.10
CA THR B 657 20.04 16.64 36.92
C THR B 657 21.48 17.14 36.86
N LYS B 658 21.87 18.02 37.78
CA LYS B 658 23.22 18.55 37.88
C LYS B 658 24.05 17.82 38.93
N GLU B 659 23.53 17.71 40.15
CA GLU B 659 24.18 16.94 41.20
C GLU B 659 24.50 15.51 40.77
N PHE B 660 23.78 14.98 39.77
CA PHE B 660 24.02 13.60 39.33
C PHE B 660 25.32 13.49 38.55
N PHE B 661 25.78 14.59 37.95
CA PHE B 661 27.06 14.60 37.26
C PHE B 661 28.21 14.72 38.24
N ARG B 662 28.09 15.64 39.21
CA ARG B 662 29.17 15.87 40.16
C ARG B 662 29.47 14.63 40.99
N ARG B 663 28.43 13.89 41.40
CA ARG B 663 28.59 12.76 42.30
C ARG B 663 28.71 11.43 41.56
N SER B 664 28.98 11.45 40.27
CA SER B 664 29.11 10.22 39.51
C SER B 664 30.58 9.94 39.21
N LYS B 665 30.95 8.66 39.31
CA LYS B 665 32.33 8.21 39.10
C LYS B 665 32.56 7.68 37.70
N ILE B 666 31.57 7.75 36.82
CA ILE B 666 31.67 7.17 35.49
C ILE B 666 32.50 8.09 34.60
N ALA B 667 33.25 7.49 33.68
CA ALA B 667 34.15 8.26 32.82
C ALA B 667 33.36 9.24 31.97
N VAL B 668 32.32 8.76 31.28
CA VAL B 668 31.52 9.63 30.41
C VAL B 668 30.89 10.75 31.21
N TYR B 669 30.37 10.44 32.40
CA TYR B 669 29.66 11.44 33.20
C TYR B 669 30.62 12.43 33.85
N GLU B 670 31.86 12.01 34.14
CA GLU B 670 32.83 12.93 34.70
C GLU B 670 33.38 13.86 33.63
N LYS B 671 33.55 13.35 32.41
CA LYS B 671 34.13 14.17 31.35
C LYS B 671 33.20 15.31 30.96
N MET B 672 31.89 15.04 30.88
CA MET B 672 30.95 16.08 30.48
C MET B 672 30.93 17.23 31.48
N TRP B 673 31.03 16.92 32.78
CA TRP B 673 31.11 17.98 33.78
C TRP B 673 32.30 18.90 33.51
N THR B 674 33.47 18.33 33.25
CA THR B 674 34.66 19.13 32.95
C THR B 674 34.34 20.18 31.89
N TYR B 675 33.70 19.76 30.79
CA TYR B 675 33.38 20.68 29.71
C TYR B 675 32.48 21.81 30.20
N MET B 676 31.57 21.50 31.13
CA MET B 676 30.62 22.50 31.61
C MET B 676 31.35 23.63 32.34
N ARG B 677 32.02 23.30 33.45
CA ARG B 677 32.69 24.31 34.28
C ARG B 677 33.34 25.41 33.45
N SER B 678 34.27 25.04 32.57
CA SER B 678 34.98 26.01 31.73
C SER B 678 34.26 26.23 30.40
N ALA B 679 33.02 26.69 30.50
CA ALA B 679 32.17 26.98 29.33
C ALA B 679 31.64 28.40 29.47
N GLU B 680 32.36 29.37 28.91
CA GLU B 680 31.95 30.76 28.96
C GLU B 680 31.29 31.15 27.65
N PRO B 681 30.02 31.60 27.65
CA PRO B 681 29.17 31.92 28.81
C PRO B 681 28.57 30.69 29.49
N SER B 682 28.29 30.81 30.79
CA SER B 682 27.73 29.72 31.59
C SER B 682 26.56 29.04 30.88
N VAL B 683 26.52 27.72 30.99
CA VAL B 683 25.49 26.93 30.30
C VAL B 683 24.31 26.60 31.20
N PHE B 684 24.46 26.72 32.52
CA PHE B 684 23.35 26.48 33.43
C PHE B 684 22.37 27.65 33.43
N THR B 685 21.10 27.33 33.63
CA THR B 685 20.02 28.31 33.58
C THR B 685 19.21 28.23 34.87
N ARG B 686 18.93 29.39 35.45
CA ARG B 686 18.27 29.43 36.76
C ARG B 686 16.85 28.88 36.69
N THR B 687 16.19 28.95 35.54
CA THR B 687 14.81 28.54 35.38
C THR B 687 14.69 27.62 34.17
N THR B 688 13.81 26.62 34.28
CA THR B 688 13.66 25.60 33.24
C THR B 688 13.46 26.23 31.87
N ALA B 689 12.42 27.05 31.72
CA ALA B 689 12.10 27.59 30.41
C ALA B 689 13.10 28.62 29.91
N GLU B 690 14.14 28.94 30.69
CA GLU B 690 15.23 29.77 30.20
C GLU B 690 16.26 28.96 29.42
N GLY B 691 16.30 27.65 29.63
CA GLY B 691 17.16 26.77 28.88
C GLY B 691 16.50 26.27 27.63
N VAL B 692 15.31 25.67 27.78
CA VAL B 692 14.59 25.09 26.66
C VAL B 692 14.34 26.13 25.56
N ALA B 693 14.21 27.39 25.95
CA ALA B 693 14.00 28.45 24.96
C ALA B 693 15.32 28.86 24.31
N ARG B 694 16.37 29.00 25.12
CA ARG B 694 17.70 29.28 24.56
C ARG B 694 18.11 28.22 23.55
N VAL B 695 17.67 26.97 23.75
CA VAL B 695 17.95 25.93 22.75
C VAL B 695 17.29 26.27 21.43
N ARG B 696 16.06 26.79 21.48
CA ARG B 696 15.31 27.07 20.26
C ARG B 696 15.95 28.19 19.45
N LYS B 697 16.55 29.18 20.11
CA LYS B 697 17.16 30.32 19.46
C LYS B 697 18.63 30.11 19.13
N SER B 698 19.24 29.03 19.63
CA SER B 698 20.67 28.80 19.47
C SER B 698 21.04 28.25 18.10
N LYS B 699 20.08 28.06 17.20
CA LYS B 699 20.34 27.53 15.87
C LYS B 699 20.90 26.11 15.92
N GLY B 700 20.46 25.33 16.91
CA GLY B 700 20.90 23.95 17.03
C GLY B 700 22.22 23.75 17.74
N LYS B 701 22.91 24.82 18.13
CA LYS B 701 24.19 24.72 18.81
C LYS B 701 24.05 24.69 20.32
N PHE B 702 22.98 24.08 20.84
CA PHE B 702 22.81 23.83 22.25
C PHE B 702 21.89 22.63 22.43
N ALA B 703 22.18 21.81 23.43
CA ALA B 703 21.33 20.68 23.78
C ALA B 703 21.05 20.71 25.28
N PHE B 704 19.81 20.99 25.65
CA PHE B 704 19.45 21.01 27.06
C PHE B 704 19.41 19.59 27.61
N LEU B 705 19.63 19.46 28.90
CA LEU B 705 19.51 18.17 29.59
C LEU B 705 18.44 18.30 30.67
N LEU B 706 17.29 17.68 30.41
CA LEU B 706 16.16 17.72 31.33
C LEU B 706 15.51 16.35 31.38
N GLU B 707 14.62 16.19 32.35
CA GLU B 707 13.96 14.92 32.58
C GLU B 707 13.14 14.49 31.36
N SER B 708 12.74 13.21 31.35
CA SER B 708 12.04 12.65 30.21
C SER B 708 10.61 13.19 30.10
N THR B 709 9.89 13.26 31.23
CA THR B 709 8.49 13.66 31.18
C THR B 709 8.36 15.09 30.64
N MET B 710 9.19 16.01 31.15
CA MET B 710 9.14 17.38 30.67
CA MET B 710 9.14 17.38 30.67
C MET B 710 9.50 17.47 29.20
N ASN B 711 10.56 16.77 28.79
CA ASN B 711 10.98 16.77 27.39
C ASN B 711 9.92 16.18 26.46
N GLU B 712 9.09 15.27 26.96
CA GLU B 712 7.98 14.78 26.14
C GLU B 712 6.85 15.81 26.04
N TYR B 713 6.63 16.57 27.11
CA TYR B 713 5.66 17.66 27.07
CA TYR B 713 5.66 17.66 27.07
C TYR B 713 6.10 18.77 26.12
N ILE B 714 7.35 19.20 26.24
CA ILE B 714 7.88 20.28 25.41
C ILE B 714 8.32 19.72 24.05
N GLU B 715 7.73 18.60 23.66
CA GLU B 715 8.00 18.01 22.35
C GLU B 715 6.75 17.94 21.49
N GLN B 716 5.57 17.86 22.10
CA GLN B 716 4.30 17.82 21.38
C GLN B 716 3.70 19.20 21.20
N ARG B 717 4.11 20.17 22.03
CA ARG B 717 3.60 21.53 21.94
C ARG B 717 4.30 22.29 20.82
N LYS B 718 3.53 23.11 20.11
CA LYS B 718 4.09 23.97 19.08
C LYS B 718 5.18 24.86 19.64
N PRO B 719 6.26 25.12 18.87
CA PRO B 719 6.39 24.87 17.44
C PRO B 719 7.06 23.54 17.13
N CYS B 720 6.97 22.58 18.06
CA CYS B 720 7.52 21.24 17.91
C CYS B 720 8.95 21.22 17.40
N ASP B 721 9.68 22.33 17.57
CA ASP B 721 11.06 22.45 17.11
C ASP B 721 12.06 21.78 18.03
N THR B 722 11.62 21.00 19.00
CA THR B 722 12.51 20.30 19.92
C THR B 722 12.09 18.84 19.98
N MET B 723 13.05 17.98 20.33
CA MET B 723 12.80 16.54 20.32
C MET B 723 13.80 15.85 21.23
N LYS B 724 13.61 14.54 21.38
CA LYS B 724 14.42 13.70 22.25
C LYS B 724 15.25 12.74 21.41
N VAL B 725 16.49 12.51 21.84
CA VAL B 725 17.42 11.61 21.16
C VAL B 725 17.89 10.56 22.15
N GLY B 726 17.85 9.30 21.73
CA GLY B 726 18.31 8.22 22.57
C GLY B 726 17.35 7.94 23.72
N GLY B 727 17.85 7.16 24.68
CA GLY B 727 17.09 6.78 25.84
C GLY B 727 17.64 7.43 27.10
N ASN B 728 16.90 7.25 28.19
CA ASN B 728 17.29 7.84 29.46
C ASN B 728 18.65 7.29 29.93
N LEU B 729 19.29 8.05 30.81
CA LEU B 729 20.58 7.66 31.36
C LEU B 729 20.49 7.12 32.77
N ASP B 730 19.48 7.53 33.52
CA ASP B 730 19.19 6.98 34.84
C ASP B 730 17.68 6.83 34.99
N SER B 731 17.29 6.01 35.97
CA SER B 731 15.88 5.82 36.29
C SER B 731 15.61 6.28 37.72
N LYS B 732 14.74 7.26 37.88
CA LYS B 732 14.38 7.82 39.17
C LYS B 732 12.92 8.28 39.09
N GLY B 733 12.48 9.03 40.10
CA GLY B 733 11.13 9.56 40.05
C GLY B 733 10.92 10.62 41.10
N TYR B 734 9.77 11.28 41.01
CA TYR B 734 9.40 12.34 41.93
C TYR B 734 8.90 11.75 43.24
N GLY B 735 8.50 12.63 44.16
CA GLY B 735 8.03 12.19 45.46
C GLY B 735 7.60 13.31 46.38
N VAL B 736 6.47 13.13 47.05
CA VAL B 736 5.94 14.15 47.96
C VAL B 736 6.68 14.04 49.28
N ALA B 737 7.54 15.01 49.56
CA ALA B 737 8.32 15.00 50.79
C ALA B 737 7.48 15.43 51.98
N THR B 738 8.14 15.67 53.12
CA THR B 738 7.55 16.12 54.38
C THR B 738 8.67 16.29 55.41
N PRO B 739 8.56 17.25 56.32
CA PRO B 739 9.65 17.49 57.27
C PRO B 739 9.90 16.29 58.18
N LYS B 740 11.12 16.20 58.70
CA LYS B 740 11.51 15.11 59.57
C LYS B 740 10.69 15.12 60.85
N GLY B 741 9.95 14.03 61.09
CA GLY B 741 9.08 13.90 62.23
C GLY B 741 7.63 14.23 61.95
N SER B 742 7.35 15.00 60.89
CA SER B 742 6.00 15.41 60.56
C SER B 742 5.04 14.23 60.56
N SER B 743 3.92 14.38 61.27
CA SER B 743 2.90 13.34 61.32
C SER B 743 2.17 13.17 60.00
N LEU B 744 2.51 13.96 58.97
CA LEU B 744 1.93 13.83 57.65
C LEU B 744 2.81 13.02 56.70
N ARG B 745 3.51 12.01 57.21
CA ARG B 745 4.30 11.13 56.36
C ARG B 745 3.56 9.84 56.05
N THR B 746 2.96 9.22 57.07
CA THR B 746 2.29 7.94 56.90
C THR B 746 0.96 8.08 56.14
N PRO B 747 0.16 9.14 56.37
CA PRO B 747 -1.06 9.27 55.56
C PRO B 747 -0.78 9.65 54.11
N VAL B 748 0.30 10.38 53.84
CA VAL B 748 0.56 10.83 52.48
C VAL B 748 1.06 9.67 51.63
N ASN B 749 1.89 8.80 52.20
CA ASN B 749 2.46 7.69 51.46
C ASN B 749 1.36 6.73 51.01
N LEU B 750 0.66 6.13 51.97
CA LEU B 750 -0.49 5.28 51.66
C LEU B 750 -1.44 5.94 50.66
N ALA B 751 -1.74 7.22 50.85
CA ALA B 751 -2.63 7.94 49.94
C ALA B 751 -2.17 7.80 48.50
N VAL B 752 -0.90 8.09 48.23
CA VAL B 752 -0.38 8.02 46.87
C VAL B 752 -0.52 6.60 46.33
N LEU B 753 -0.37 5.60 47.20
CA LEU B 753 -0.51 4.22 46.78
C LEU B 753 -1.97 3.88 46.44
N LYS B 754 -2.92 4.51 47.12
CA LYS B 754 -4.33 4.35 46.78
C LYS B 754 -4.61 4.81 45.36
N LEU B 755 -4.07 5.97 44.98
CA LEU B 755 -4.34 6.54 43.67
C LEU B 755 -3.77 5.68 42.55
N SER B 756 -2.70 4.93 42.82
CA SER B 756 -2.05 4.17 41.76
C SER B 756 -2.84 2.91 41.40
N GLU B 757 -3.52 2.30 42.38
CA GLU B 757 -4.27 1.07 42.14
C GLU B 757 -5.71 1.34 41.71
N ALA B 758 -6.06 2.59 41.44
CA ALA B 758 -7.41 2.96 41.05
C ALA B 758 -7.49 3.49 39.62
N GLY B 759 -6.38 3.45 38.89
CA GLY B 759 -6.34 4.09 37.59
C GLY B 759 -6.41 5.61 37.62
N VAL B 760 -6.06 6.23 38.74
CA VAL B 760 -6.06 7.69 38.83
C VAL B 760 -4.82 8.25 38.16
N LEU B 761 -3.64 7.83 38.63
CA LEU B 761 -2.38 8.38 38.13
C LEU B 761 -2.26 8.20 36.62
N ASP B 762 -2.60 7.01 36.12
CA ASP B 762 -2.44 6.73 34.69
C ASP B 762 -3.28 7.68 33.84
N LYS B 763 -4.52 7.93 34.25
CA LYS B 763 -5.37 8.86 33.50
C LYS B 763 -4.82 10.29 33.57
N LEU B 764 -4.36 10.72 34.75
CA LEU B 764 -3.75 12.04 34.88
C LEU B 764 -2.61 12.22 33.88
N LYS B 765 -1.76 11.20 33.74
CA LYS B 765 -0.63 11.30 32.81
C LYS B 765 -1.13 11.42 31.38
N ASN B 766 -2.01 10.50 30.97
CA ASN B 766 -2.57 10.50 29.62
C ASN B 766 -3.21 11.83 29.24
N LYS B 767 -3.77 12.55 30.22
CA LYS B 767 -4.46 13.79 29.89
C LYS B 767 -3.55 15.01 29.82
N TRP B 768 -2.59 15.15 30.74
CA TRP B 768 -1.76 16.36 30.75
C TRP B 768 -0.55 16.25 29.83
N TRP B 769 -0.41 15.16 29.08
CA TRP B 769 0.75 14.95 28.23
C TRP B 769 0.30 14.62 26.80
N TYR B 770 -0.16 13.39 26.60
CA TYR B 770 -0.50 12.90 25.27
C TYR B 770 -1.51 13.82 24.58
N ASP B 771 -2.65 14.06 25.25
CA ASP B 771 -3.74 14.81 24.64
C ASP B 771 -3.30 16.18 24.13
N LYS B 772 -2.25 16.74 24.74
CA LYS B 772 -1.79 18.06 24.34
C LYS B 772 -0.83 17.96 23.15
N GLY B 773 -1.26 17.29 22.09
CA GLY B 773 -0.42 17.11 20.91
C GLY B 773 -0.87 17.95 19.74
N GLU B 774 -0.21 19.09 19.53
CA GLU B 774 -0.59 20.02 18.48
C GLU B 774 0.09 19.74 17.14
N CYS B 775 0.97 18.73 17.08
CA CYS B 775 1.62 18.32 15.82
C CYS B 775 1.64 16.79 15.77
N GLY B 776 0.54 16.22 15.31
CA GLY B 776 0.36 14.78 15.17
C GLY B 776 1.57 13.96 14.79
N ASP B 784 1.02 10.96 5.32
CA ASP B 784 1.10 11.85 4.17
C ASP B 784 0.19 11.38 3.04
N LYS B 785 -0.07 12.26 2.08
CA LYS B 785 -0.92 11.92 0.95
C LYS B 785 -0.07 11.42 -0.21
N THR B 786 -0.73 11.13 -1.34
CA THR B 786 -0.05 10.67 -2.54
C THR B 786 0.53 11.87 -3.28
N SER B 787 1.82 12.13 -3.08
CA SER B 787 2.49 13.27 -3.69
C SER B 787 3.06 12.88 -5.05
N ALA B 788 3.15 13.89 -5.93
CA ALA B 788 3.73 13.71 -7.26
C ALA B 788 5.22 13.99 -7.21
N LEU B 789 5.96 13.30 -8.09
CA LEU B 789 7.41 13.47 -8.13
C LEU B 789 7.77 14.88 -8.57
N SER B 790 8.85 15.41 -7.99
CA SER B 790 9.37 16.72 -8.32
C SER B 790 10.75 16.59 -8.95
N LEU B 791 11.12 17.60 -9.74
CA LEU B 791 12.41 17.56 -10.43
C LEU B 791 13.57 17.44 -9.44
N SER B 792 13.39 17.93 -8.22
CA SER B 792 14.44 17.79 -7.21
C SER B 792 14.68 16.32 -6.88
N ASN B 793 13.62 15.52 -6.85
CA ASN B 793 13.73 14.11 -6.50
C ASN B 793 14.36 13.28 -7.61
N VAL B 794 14.58 13.86 -8.78
CA VAL B 794 15.10 13.13 -9.94
C VAL B 794 16.24 13.87 -10.62
N ALA B 795 16.61 15.06 -10.15
CA ALA B 795 17.67 15.83 -10.79
C ALA B 795 19.00 15.09 -10.80
N GLY B 796 19.18 14.11 -9.91
CA GLY B 796 20.43 13.37 -9.90
C GLY B 796 20.66 12.61 -11.19
N VAL B 797 19.61 11.99 -11.73
CA VAL B 797 19.73 11.26 -12.98
C VAL B 797 19.93 12.22 -14.15
N PHE B 798 19.55 13.48 -13.98
CA PHE B 798 19.74 14.46 -15.05
C PHE B 798 21.19 14.93 -15.12
N TYR B 799 21.91 14.92 -13.99
CA TYR B 799 23.30 15.36 -14.01
C TYR B 799 24.22 14.28 -14.57
N ILE B 800 23.89 13.00 -14.35
CA ILE B 800 24.65 11.92 -14.95
C ILE B 800 24.45 11.91 -16.46
N LEU B 801 23.21 12.10 -16.91
CA LEU B 801 22.94 12.13 -18.35
C LEU B 801 23.77 13.20 -19.04
N VAL B 802 23.70 14.45 -18.54
CA VAL B 802 24.46 15.53 -19.16
C VAL B 802 25.96 15.26 -19.06
N GLY B 803 26.39 14.68 -17.94
CA GLY B 803 27.79 14.30 -17.81
C GLY B 803 28.20 13.26 -18.84
N GLY B 804 27.31 12.30 -19.12
CA GLY B 804 27.61 11.30 -20.13
C GLY B 804 27.71 11.89 -21.52
N LEU B 805 26.81 12.82 -21.86
CA LEU B 805 26.86 13.45 -23.17
C LEU B 805 28.15 14.25 -23.35
N GLY B 806 28.55 14.99 -22.31
CA GLY B 806 29.81 15.71 -22.39
C GLY B 806 31.01 14.78 -22.53
N LEU B 807 31.01 13.68 -21.77
CA LEU B 807 32.09 12.70 -21.88
C LEU B 807 32.12 12.07 -23.26
N ALA B 808 30.96 11.72 -23.80
CA ALA B 808 30.90 11.11 -25.12
C ALA B 808 31.46 12.04 -26.20
N MET B 809 31.10 13.33 -26.13
CA MET B 809 31.66 14.29 -27.09
C MET B 809 33.18 14.40 -26.91
N LEU B 810 33.65 14.37 -25.67
CA LEU B 810 35.09 14.42 -25.43
C LEU B 810 35.79 13.21 -26.04
N VAL B 811 35.20 12.03 -25.88
CA VAL B 811 35.79 10.82 -26.44
C VAL B 811 35.87 10.91 -27.96
N ALA B 812 34.78 11.35 -28.59
CA ALA B 812 34.75 11.46 -30.05
C ALA B 812 35.79 12.46 -30.55
N LEU B 813 35.89 13.62 -29.88
CA LEU B 813 36.84 14.64 -30.32
C LEU B 813 38.28 14.17 -30.14
N ILE B 814 38.58 13.46 -29.04
CA ILE B 814 39.94 12.97 -28.84
C ILE B 814 40.34 12.03 -29.96
N GLU B 815 39.45 11.13 -30.37
CA GLU B 815 39.76 10.26 -31.50
C GLU B 815 39.87 11.05 -32.80
N PHE B 816 39.28 12.23 -32.86
CA PHE B 816 39.32 13.06 -34.05
C PHE B 816 40.67 13.76 -34.13
N CYS B 817 41.14 14.22 -32.98
CA CYS B 817 42.45 14.92 -32.86
C CYS B 817 43.60 13.95 -33.14
N TYR B 818 43.44 12.69 -32.76
CA TYR B 818 44.47 11.67 -33.02
C TYR B 818 44.57 11.34 -34.50
N LYS B 819 43.43 11.10 -35.14
CA LYS B 819 43.44 10.81 -36.57
C LYS B 819 43.88 12.02 -37.39
N SER B 820 43.40 13.21 -37.03
CA SER B 820 43.76 14.41 -37.77
C SER B 820 45.27 14.66 -37.72
N ARG B 821 45.87 14.53 -36.54
CA ARG B 821 47.32 14.72 -36.43
C ARG B 821 48.06 13.64 -37.22
N ALA B 822 47.61 12.39 -37.11
CA ALA B 822 48.28 11.29 -37.81
C ALA B 822 48.20 11.49 -39.33
N GLU B 823 47.05 11.93 -39.83
CA GLU B 823 46.89 12.14 -41.27
C GLU B 823 47.87 13.18 -41.80
N ALA B 824 48.17 14.20 -41.00
CA ALA B 824 49.12 15.22 -41.44
C ALA B 824 50.50 14.63 -41.69
N LYS B 825 50.95 13.73 -40.81
CA LYS B 825 52.24 13.07 -41.03
C LYS B 825 52.22 12.23 -42.30
N ARG B 826 51.13 11.51 -42.54
CA ARG B 826 51.01 10.66 -43.72
C ARG B 826 50.46 11.44 -44.91
N GLY C 7 -13.17 -7.25 -59.84
CA GLY C 7 -14.55 -7.67 -60.05
C GLY C 7 -15.21 -8.16 -58.78
N VAL C 8 -14.48 -8.93 -57.98
CA VAL C 8 -14.98 -9.41 -56.70
C VAL C 8 -14.48 -8.54 -55.54
N GLN C 9 -13.49 -7.67 -55.79
CA GLN C 9 -12.99 -6.75 -54.78
C GLN C 9 -13.76 -5.44 -54.79
N MET C 10 -13.99 -4.89 -55.99
CA MET C 10 -14.89 -3.74 -56.12
C MET C 10 -16.28 -4.06 -55.58
N LEU C 11 -16.78 -5.27 -55.84
CA LEU C 11 -18.11 -5.65 -55.37
C LEU C 11 -18.21 -5.58 -53.86
N LEU C 12 -17.20 -6.10 -53.15
CA LEU C 12 -17.22 -6.06 -51.69
C LEU C 12 -17.18 -4.63 -51.18
N THR C 13 -16.41 -3.76 -51.84
CA THR C 13 -16.31 -2.38 -51.40
C THR C 13 -17.67 -1.68 -51.43
N ILE C 14 -18.44 -1.88 -52.50
CA ILE C 14 -19.76 -1.26 -52.61
C ILE C 14 -20.68 -1.79 -51.52
N VAL C 15 -20.67 -3.10 -51.29
CA VAL C 15 -21.51 -3.69 -50.25
C VAL C 15 -21.07 -3.17 -48.88
N GLY C 16 -19.77 -3.15 -48.64
CA GLY C 16 -19.27 -2.67 -47.35
C GLY C 16 -19.61 -1.21 -47.10
N ALA C 17 -19.44 -0.36 -48.12
CA ALA C 17 -19.75 1.05 -47.96
C ALA C 17 -21.22 1.27 -47.66
N PHE C 18 -22.10 0.57 -48.38
CA PHE C 18 -23.53 0.71 -48.13
C PHE C 18 -23.90 0.20 -46.75
N ALA C 19 -23.31 -0.94 -46.35
CA ALA C 19 -23.59 -1.50 -45.02
C ALA C 19 -23.14 -0.55 -43.92
N ALA C 20 -21.90 -0.07 -44.00
CA ALA C 20 -21.37 0.81 -42.97
C ALA C 20 -22.16 2.10 -42.86
N PHE C 21 -22.50 2.70 -44.02
CA PHE C 21 -23.32 3.90 -44.01
C PHE C 21 -24.70 3.65 -43.42
N SER C 22 -25.33 2.55 -43.82
CA SER C 22 -26.65 2.22 -43.29
C SER C 22 -26.60 1.94 -41.79
N LEU C 23 -25.58 1.21 -41.35
CA LEU C 23 -25.49 0.85 -39.93
C LEU C 23 -25.28 2.09 -39.07
N MET C 24 -24.51 3.05 -39.54
CA MET C 24 -24.22 4.24 -38.74
C MET C 24 -25.40 5.19 -38.68
N THR C 25 -26.05 5.44 -39.81
CA THR C 25 -27.22 6.33 -39.81
C THR C 25 -28.36 5.75 -38.97
N ILE C 26 -28.51 4.42 -38.95
CA ILE C 26 -29.50 3.79 -38.08
C ILE C 26 -29.14 4.03 -36.63
N ALA C 27 -27.86 3.87 -36.27
CA ALA C 27 -27.43 4.08 -34.90
C ALA C 27 -27.69 5.51 -34.45
N VAL C 28 -27.42 6.49 -35.32
CA VAL C 28 -27.69 7.88 -34.99
C VAL C 28 -29.19 8.12 -34.86
N GLY C 29 -29.99 7.43 -35.68
CA GLY C 29 -31.42 7.68 -35.72
C GLY C 29 -32.27 6.81 -34.83
N THR C 30 -31.71 5.81 -34.18
CA THR C 30 -32.46 4.93 -33.29
C THR C 30 -31.97 5.12 -31.86
N ASP C 31 -32.92 5.31 -30.94
CA ASP C 31 -32.59 5.63 -29.55
C ASP C 31 -32.64 4.36 -28.70
N TYR C 32 -31.67 3.49 -28.95
CA TYR C 32 -31.48 2.29 -28.14
C TYR C 32 -30.00 2.10 -27.86
N TRP C 33 -29.31 3.18 -27.53
CA TRP C 33 -27.88 3.13 -27.26
C TRP C 33 -27.57 2.57 -25.87
N LEU C 34 -28.40 2.91 -24.88
CA LEU C 34 -28.12 2.54 -23.50
C LEU C 34 -29.41 2.14 -22.80
N TYR C 35 -29.32 1.12 -21.96
CA TYR C 35 -30.44 0.66 -21.13
C TYR C 35 -30.07 0.95 -19.68
N SER C 36 -30.68 1.99 -19.11
CA SER C 36 -30.40 2.38 -17.74
C SER C 36 -31.71 2.76 -17.06
N ARG C 37 -31.61 3.31 -15.86
CA ARG C 37 -32.75 3.74 -15.07
C ARG C 37 -32.92 5.25 -15.16
N GLY C 38 -34.16 5.70 -15.31
CA GLY C 38 -34.42 7.12 -15.38
C GLY C 38 -35.90 7.38 -15.56
N VAL C 39 -36.23 8.67 -15.65
CA VAL C 39 -37.61 9.12 -15.78
C VAL C 39 -37.75 9.82 -17.14
N CYS C 40 -38.98 9.86 -17.65
CA CYS C 40 -39.27 10.46 -18.94
C CYS C 40 -39.96 11.80 -18.84
N LYS C 41 -41.07 11.90 -18.09
CA LYS C 41 -41.77 13.17 -17.96
C LYS C 41 -40.81 14.27 -17.51
N THR C 42 -41.13 15.51 -17.90
CA THR C 42 -40.29 16.64 -17.56
C THR C 42 -40.09 16.79 -16.05
N LYS C 43 -41.03 16.30 -15.25
CA LYS C 43 -40.99 16.37 -13.78
C LYS C 43 -41.08 17.80 -13.27
N SER C 44 -40.71 18.77 -14.11
CA SER C 44 -40.83 20.20 -13.77
C SER C 44 -42.18 20.75 -14.24
N VAL C 45 -43.25 20.15 -13.72
CA VAL C 45 -44.60 20.53 -14.10
C VAL C 45 -45.21 21.41 -13.03
N SER C 46 -44.37 22.16 -12.32
CA SER C 46 -44.81 23.05 -11.25
C SER C 46 -45.65 22.32 -10.20
N GLU C 47 -45.35 21.04 -10.00
CA GLU C 47 -46.05 20.18 -9.04
C GLU C 47 -47.57 20.34 -9.14
N ASN C 48 -48.05 20.31 -10.39
CA ASN C 48 -49.50 20.38 -10.62
C ASN C 48 -50.21 19.22 -9.94
N GLU C 49 -49.74 18.00 -10.15
CA GLU C 49 -50.28 16.83 -9.47
C GLU C 49 -49.53 16.49 -8.20
N THR C 50 -48.25 16.87 -8.12
CA THR C 50 -47.40 16.66 -6.94
C THR C 50 -47.24 15.18 -6.62
N SER C 51 -48.34 14.51 -6.24
CA SER C 51 -48.29 13.11 -5.85
C SER C 51 -47.62 12.24 -6.92
N LYS C 52 -47.81 12.57 -8.19
CA LYS C 52 -47.24 11.80 -9.29
C LYS C 52 -45.75 12.12 -9.47
N LYS C 53 -44.98 11.86 -8.42
CA LYS C 53 -43.55 12.14 -8.43
C LYS C 53 -42.84 11.23 -9.42
N ASN C 54 -41.68 11.69 -9.87
CA ASN C 54 -40.86 10.92 -10.82
C ASN C 54 -40.58 9.52 -10.29
N GLU C 55 -41.05 8.51 -11.02
CA GLU C 55 -40.83 7.12 -10.67
C GLU C 55 -39.73 6.55 -11.55
N GLU C 56 -38.63 6.12 -10.93
CA GLU C 56 -37.48 5.61 -11.67
C GLU C 56 -37.86 4.32 -12.37
N VAL C 57 -37.77 4.30 -13.71
CA VAL C 57 -38.15 3.15 -14.51
C VAL C 57 -37.02 2.84 -15.50
N MET C 58 -37.02 1.59 -15.96
CA MET C 58 -36.06 1.17 -16.98
C MET C 58 -36.19 2.06 -18.22
N THR C 59 -35.06 2.54 -18.72
CA THR C 59 -35.02 3.48 -19.83
C THR C 59 -34.18 2.91 -20.97
N HIS C 60 -34.43 3.40 -22.19
CA HIS C 60 -33.57 3.16 -23.36
C HIS C 60 -33.21 4.51 -23.98
N SER C 61 -32.17 5.14 -23.44
CA SER C 61 -31.73 6.44 -23.93
C SER C 61 -30.99 6.33 -25.26
N GLY C 62 -30.88 7.46 -25.95
CA GLY C 62 -30.14 7.58 -27.19
C GLY C 62 -29.22 8.79 -27.13
N LEU C 63 -29.05 9.45 -28.29
CA LEU C 63 -28.26 10.66 -28.38
C LEU C 63 -29.10 11.93 -28.37
N TRP C 64 -30.36 11.85 -28.76
CA TRP C 64 -31.21 13.02 -28.88
C TRP C 64 -32.44 12.94 -27.99
N ARG C 65 -33.02 11.75 -27.84
CA ARG C 65 -34.27 11.61 -27.11
C ARG C 65 -34.21 10.36 -26.24
N THR C 66 -34.76 10.45 -25.04
CA THR C 66 -34.98 9.30 -24.18
C THR C 66 -36.44 8.89 -24.20
N CYS C 67 -36.71 7.65 -23.77
CA CYS C 67 -38.07 7.13 -23.70
C CYS C 67 -38.14 6.07 -22.61
N CYS C 68 -39.37 5.76 -22.20
CA CYS C 68 -39.63 4.84 -21.10
C CYS C 68 -39.89 3.43 -21.65
N LEU C 69 -39.40 2.43 -20.92
CA LEU C 69 -39.52 1.05 -21.35
C LEU C 69 -40.55 0.24 -20.56
N GLU C 70 -41.13 0.81 -19.51
CA GLU C 70 -42.06 0.07 -18.66
C GLU C 70 -42.87 1.06 -17.85
N GLY C 71 -43.82 0.52 -17.08
CA GLY C 71 -44.64 1.34 -16.20
C GLY C 71 -45.81 1.98 -16.92
N ASN C 72 -46.44 2.92 -16.23
CA ASN C 72 -47.58 3.63 -16.78
C ASN C 72 -47.18 4.67 -17.82
N PHE C 73 -45.90 5.02 -17.90
CA PHE C 73 -45.39 6.01 -18.84
C PHE C 73 -44.80 5.37 -20.09
N LYS C 74 -44.90 4.04 -20.22
CA LYS C 74 -44.39 3.34 -21.40
C LYS C 74 -44.80 4.04 -22.68
N GLY C 75 -43.91 4.01 -23.67
CA GLY C 75 -44.14 4.69 -24.93
C GLY C 75 -44.25 6.19 -24.84
N LEU C 76 -43.62 6.80 -23.84
CA LEU C 76 -43.51 8.25 -23.72
C LEU C 76 -42.04 8.63 -23.87
N CYS C 77 -41.76 9.64 -24.67
CA CYS C 77 -40.40 10.05 -24.94
C CYS C 77 -40.14 11.46 -24.43
N LYS C 78 -38.87 11.87 -24.52
CA LYS C 78 -38.38 13.11 -23.95
C LYS C 78 -37.05 13.45 -24.60
N GLN C 79 -36.72 14.74 -24.61
CA GLN C 79 -35.44 15.20 -25.14
C GLN C 79 -34.40 15.25 -24.03
N ILE C 80 -33.18 14.84 -24.36
CA ILE C 80 -32.12 14.69 -23.36
C ILE C 80 -31.51 16.07 -23.09
N ASP C 81 -31.57 16.49 -21.83
CA ASP C 81 -31.01 17.78 -21.41
C ASP C 81 -29.52 17.59 -21.12
N HIS C 82 -28.67 18.08 -22.01
CA HIS C 82 -27.23 17.95 -21.86
C HIS C 82 -26.60 19.12 -21.12
N PHE C 83 -27.34 20.22 -20.93
CA PHE C 83 -26.85 21.39 -20.21
C PHE C 83 -27.77 21.63 -19.00
N PRO C 84 -27.58 20.87 -17.93
CA PRO C 84 -28.46 21.04 -16.76
C PRO C 84 -28.26 22.39 -16.09
N GLU C 85 -29.09 22.65 -15.09
CA GLU C 85 -29.05 23.90 -14.35
C GLU C 85 -27.69 24.11 -13.67
N ALA C 91 -18.81 25.92 -15.90
CA ALA C 91 -18.05 25.71 -14.67
C ALA C 91 -16.55 25.79 -14.92
N ASP C 92 -16.10 25.15 -16.01
CA ASP C 92 -14.70 25.13 -16.36
C ASP C 92 -14.51 24.98 -17.87
N THR C 93 -13.36 24.45 -18.28
CA THR C 93 -13.08 24.22 -19.70
C THR C 93 -12.99 22.73 -20.01
N ALA C 94 -13.26 21.86 -19.05
CA ALA C 94 -13.20 20.42 -19.25
C ALA C 94 -14.54 19.73 -19.13
N GLU C 95 -15.56 20.42 -18.58
CA GLU C 95 -16.91 19.88 -18.49
C GLU C 95 -17.91 20.70 -19.27
N TYR C 96 -17.45 21.66 -20.07
CA TYR C 96 -18.30 22.47 -20.94
C TYR C 96 -18.12 22.12 -22.40
N PHE C 97 -16.86 22.04 -22.86
CA PHE C 97 -16.61 21.64 -24.25
C PHE C 97 -16.99 20.17 -24.45
N LEU C 98 -16.74 19.33 -23.46
CA LEU C 98 -17.09 17.91 -23.60
C LEU C 98 -18.59 17.74 -23.73
N ARG C 99 -19.38 18.47 -22.94
CA ARG C 99 -20.83 18.37 -23.05
C ARG C 99 -21.33 18.98 -24.36
N ALA C 100 -20.69 20.05 -24.82
CA ALA C 100 -21.06 20.64 -26.10
C ALA C 100 -20.85 19.65 -27.24
N VAL C 101 -19.73 18.95 -27.23
CA VAL C 101 -19.48 17.91 -28.24
C VAL C 101 -20.50 16.80 -28.12
N ARG C 102 -20.77 16.35 -26.89
CA ARG C 102 -21.76 15.31 -26.68
C ARG C 102 -23.16 15.77 -27.10
N ALA C 103 -23.52 16.99 -26.73
CA ALA C 103 -24.84 17.50 -27.10
C ALA C 103 -24.98 17.65 -28.61
N SER C 104 -23.96 18.21 -29.26
CA SER C 104 -24.03 18.41 -30.70
C SER C 104 -23.89 17.10 -31.46
N SER C 105 -23.22 16.12 -30.86
CA SER C 105 -22.94 14.83 -31.51
C SER C 105 -22.27 15.05 -32.87
N ILE C 106 -21.30 15.98 -32.90
CA ILE C 106 -20.63 16.31 -34.15
C ILE C 106 -19.91 15.10 -34.71
N PHE C 107 -19.20 14.35 -33.86
CA PHE C 107 -18.41 13.22 -34.38
C PHE C 107 -19.27 12.09 -34.91
N PRO C 108 -20.29 11.60 -34.18
CA PRO C 108 -21.17 10.58 -34.79
C PRO C 108 -21.82 11.03 -36.09
N ILE C 109 -22.22 12.30 -36.17
CA ILE C 109 -22.78 12.83 -37.41
C ILE C 109 -21.69 12.97 -38.47
N LEU C 110 -20.50 13.41 -38.06
CA LEU C 110 -19.40 13.56 -39.01
C LEU C 110 -19.04 12.23 -39.64
N SER C 111 -19.08 11.16 -38.85
CA SER C 111 -18.79 9.83 -39.39
C SER C 111 -19.79 9.47 -40.50
N VAL C 112 -21.06 9.79 -40.30
CA VAL C 112 -22.07 9.53 -41.32
C VAL C 112 -21.76 10.31 -42.59
N ILE C 113 -21.37 11.57 -42.45
CA ILE C 113 -21.07 12.40 -43.62
C ILE C 113 -19.88 11.83 -44.39
N LEU C 114 -18.81 11.47 -43.68
CA LEU C 114 -17.63 10.95 -44.36
C LEU C 114 -17.91 9.65 -45.08
N LEU C 115 -18.70 8.77 -44.46
CA LEU C 115 -19.10 7.53 -45.14
C LEU C 115 -19.89 7.82 -46.40
N PHE C 116 -20.80 8.79 -46.33
CA PHE C 116 -21.56 9.20 -47.52
C PHE C 116 -20.63 9.77 -48.59
N MET C 117 -19.68 10.62 -48.19
CA MET C 117 -18.74 11.18 -49.16
C MET C 117 -17.88 10.08 -49.79
N GLY C 118 -17.43 9.12 -48.98
CA GLY C 118 -16.65 8.01 -49.53
C GLY C 118 -17.45 7.20 -50.53
N GLY C 119 -18.75 7.03 -50.29
CA GLY C 119 -19.57 6.28 -51.22
C GLY C 119 -19.65 6.93 -52.58
N LEU C 120 -19.74 8.26 -52.61
CA LEU C 120 -19.78 8.97 -53.89
C LEU C 120 -18.50 8.75 -54.69
N CYS C 121 -17.35 8.76 -54.03
CA CYS C 121 -16.09 8.50 -54.72
C CYS C 121 -16.08 7.10 -55.33
N ILE C 122 -16.57 6.10 -54.59
CA ILE C 122 -16.70 4.76 -55.14
C ILE C 122 -17.67 4.76 -56.31
N ALA C 123 -18.80 5.47 -56.16
CA ALA C 123 -19.76 5.56 -57.26
C ALA C 123 -19.16 6.27 -58.46
N ALA C 124 -18.39 7.33 -58.23
CA ALA C 124 -17.75 8.06 -59.31
C ALA C 124 -16.56 7.31 -59.91
N SER C 125 -16.12 6.22 -59.29
CA SER C 125 -15.00 5.44 -59.79
C SER C 125 -15.40 4.48 -60.91
N GLU C 126 -16.65 4.52 -61.36
CA GLU C 126 -17.09 3.73 -62.50
C GLU C 126 -17.41 4.58 -63.71
N PHE C 127 -17.20 5.89 -63.63
CA PHE C 127 -17.34 6.80 -64.75
C PHE C 127 -16.00 7.37 -65.19
N TYR C 128 -15.22 7.90 -64.25
CA TYR C 128 -13.88 8.42 -64.54
C TYR C 128 -12.83 7.36 -64.21
N LYS C 129 -12.88 6.26 -64.96
CA LYS C 129 -12.00 5.13 -64.70
C LYS C 129 -10.53 5.49 -64.88
N THR C 130 -10.24 6.43 -65.79
CA THR C 130 -8.85 6.84 -66.00
C THR C 130 -8.27 7.48 -64.74
N ARG C 131 -9.05 8.31 -64.06
CA ARG C 131 -8.59 8.91 -62.82
C ARG C 131 -8.43 7.86 -61.74
N HIS C 132 -7.32 7.94 -60.99
CA HIS C 132 -7.03 6.98 -59.93
C HIS C 132 -7.08 7.57 -58.53
N ASN C 133 -6.88 8.88 -58.37
CA ASN C 133 -6.90 9.47 -57.05
C ASN C 133 -8.29 9.48 -56.42
N ILE C 134 -9.34 9.24 -57.21
CA ILE C 134 -10.68 9.14 -56.65
C ILE C 134 -10.77 7.96 -55.70
N ILE C 135 -10.20 6.82 -56.09
CA ILE C 135 -10.24 5.64 -55.24
C ILE C 135 -9.46 5.87 -53.96
N LEU C 136 -8.35 6.61 -54.04
CA LEU C 136 -7.59 6.94 -52.83
C LEU C 136 -8.40 7.84 -51.91
N SER C 137 -9.08 8.85 -52.47
CA SER C 137 -9.89 9.75 -51.66
C SER C 137 -10.95 8.98 -50.89
N ALA C 138 -11.56 7.97 -51.52
CA ALA C 138 -12.52 7.13 -50.81
C ALA C 138 -11.88 6.42 -49.63
N GLY C 139 -10.66 5.89 -49.83
CA GLY C 139 -9.98 5.22 -48.73
C GLY C 139 -9.75 6.12 -47.53
N ILE C 140 -9.39 7.38 -47.78
CA ILE C 140 -9.17 8.32 -46.69
C ILE C 140 -10.48 8.59 -45.95
N PHE C 141 -11.58 8.76 -46.69
CA PHE C 141 -12.87 9.02 -46.05
C PHE C 141 -13.29 7.87 -45.15
N PHE C 142 -13.15 6.63 -45.63
CA PHE C 142 -13.58 5.49 -44.82
C PHE C 142 -12.68 5.29 -43.61
N VAL C 143 -11.38 5.55 -43.75
CA VAL C 143 -10.50 5.49 -42.60
C VAL C 143 -10.78 6.66 -41.67
N SER C 144 -10.95 7.86 -42.21
CA SER C 144 -11.26 9.02 -41.38
C SER C 144 -12.59 8.83 -40.66
N ALA C 145 -13.58 8.24 -41.34
CA ALA C 145 -14.86 7.99 -40.71
C ALA C 145 -14.72 7.05 -39.51
N GLY C 146 -13.88 6.03 -39.64
CA GLY C 146 -13.64 5.14 -38.51
C GLY C 146 -13.04 5.85 -37.32
N LEU C 147 -12.09 6.76 -37.58
CA LEU C 147 -11.48 7.52 -36.48
C LEU C 147 -12.48 8.46 -35.83
N SER C 148 -13.43 8.98 -36.60
CA SER C 148 -14.46 9.83 -36.01
C SER C 148 -15.44 9.01 -35.18
N ASN C 149 -15.68 7.77 -35.58
CA ASN C 149 -16.55 6.89 -34.81
C ASN C 149 -15.92 6.52 -33.48
N ILE C 150 -14.59 6.43 -33.42
CA ILE C 150 -13.92 6.17 -32.15
C ILE C 150 -14.16 7.32 -31.19
N ILE C 151 -13.99 8.56 -31.65
CA ILE C 151 -14.17 9.73 -30.80
C ILE C 151 -15.61 9.80 -30.29
N GLY C 152 -16.58 9.55 -31.17
CA GLY C 152 -17.98 9.58 -30.75
C GLY C 152 -18.28 8.58 -29.66
N ILE C 153 -17.75 7.36 -29.78
CA ILE C 153 -17.97 6.36 -28.75
C ILE C 153 -17.33 6.78 -27.44
N ILE C 154 -16.10 7.29 -27.50
CA ILE C 154 -15.40 7.72 -26.29
C ILE C 154 -16.13 8.88 -25.62
N VAL C 155 -16.58 9.86 -26.40
CA VAL C 155 -17.30 11.00 -25.83
C VAL C 155 -18.60 10.54 -25.21
N TYR C 156 -19.34 9.67 -25.90
CA TYR C 156 -20.61 9.19 -25.38
C TYR C 156 -20.43 8.46 -24.05
N ILE C 157 -19.43 7.58 -23.97
CA ILE C 157 -19.17 6.88 -22.71
C ILE C 157 -18.70 7.85 -21.63
N SER C 158 -17.80 8.77 -21.99
CA SER C 158 -17.27 9.71 -21.01
C SER C 158 -18.37 10.61 -20.44
N ALA C 159 -19.26 11.10 -21.31
CA ALA C 159 -20.35 11.96 -20.84
C ALA C 159 -21.27 11.23 -19.89
N ASN C 160 -21.60 9.97 -20.20
CA ASN C 160 -22.49 9.19 -19.34
C ASN C 160 -21.89 8.90 -17.97
N ALA C 161 -20.59 9.14 -17.78
CA ALA C 161 -19.96 8.98 -16.48
C ALA C 161 -20.10 10.22 -15.59
N GLY C 162 -20.61 11.32 -16.14
CA GLY C 162 -20.77 12.55 -15.38
C GLY C 162 -21.72 12.41 -14.19
N ASN C 172 -27.34 1.69 -10.32
CA ASN C 172 -26.23 2.33 -11.03
C ASN C 172 -25.75 1.46 -12.18
N SER C 173 -26.56 0.47 -12.55
CA SER C 173 -26.22 -0.47 -13.61
C SER C 173 -26.74 0.03 -14.95
N TYR C 174 -26.07 -0.40 -16.02
CA TYR C 174 -26.50 -0.06 -17.37
C TYR C 174 -26.05 -1.16 -18.32
N SER C 175 -26.64 -1.15 -19.52
CA SER C 175 -26.33 -2.14 -20.54
C SER C 175 -26.52 -1.50 -21.90
N TYR C 176 -25.47 -1.47 -22.71
CA TYR C 176 -25.54 -0.87 -24.03
C TYR C 176 -26.46 -1.67 -24.94
N GLY C 177 -27.19 -0.97 -25.79
CA GLY C 177 -28.19 -1.58 -26.64
C GLY C 177 -27.66 -1.90 -28.03
N TRP C 178 -28.58 -2.35 -28.89
CA TRP C 178 -28.20 -2.73 -30.25
C TRP C 178 -27.74 -1.51 -31.06
N SER C 179 -28.35 -0.36 -30.83
CA SER C 179 -27.96 0.85 -31.57
C SER C 179 -26.51 1.20 -31.28
N PHE C 180 -26.08 1.06 -30.02
CA PHE C 180 -24.67 1.29 -29.69
C PHE C 180 -23.78 0.31 -30.44
N TYR C 181 -24.21 -0.94 -30.57
CA TYR C 181 -23.43 -1.97 -31.24
C TYR C 181 -23.49 -1.86 -32.75
N PHE C 182 -24.37 -1.01 -33.27
CA PHE C 182 -24.43 -0.79 -34.72
C PHE C 182 -23.37 0.22 -35.15
N GLY C 183 -23.14 1.25 -34.34
CA GLY C 183 -22.03 2.16 -34.63
C GLY C 183 -20.68 1.50 -34.46
N ALA C 184 -20.54 0.68 -33.41
CA ALA C 184 -19.29 -0.06 -33.23
C ALA C 184 -19.04 -1.02 -34.39
N LEU C 185 -20.09 -1.72 -34.83
CA LEU C 185 -19.95 -2.61 -35.98
C LEU C 185 -19.68 -1.84 -37.26
N SER C 186 -20.20 -0.61 -37.36
CA SER C 186 -19.91 0.23 -38.52
C SER C 186 -18.43 0.58 -38.61
N PHE C 187 -17.80 0.85 -37.46
CA PHE C 187 -16.38 1.17 -37.44
C PHE C 187 -15.55 0.06 -38.07
N ILE C 188 -15.85 -1.20 -37.73
CA ILE C 188 -15.08 -2.31 -38.26
C ILE C 188 -15.27 -2.43 -39.77
N ILE C 189 -16.51 -2.33 -40.24
CA ILE C 189 -16.77 -2.42 -41.67
C ILE C 189 -16.12 -1.27 -42.41
N ALA C 190 -16.22 -0.05 -41.85
CA ALA C 190 -15.62 1.11 -42.52
C ALA C 190 -14.12 0.95 -42.66
N GLU C 191 -13.45 0.47 -41.61
CA GLU C 191 -12.00 0.26 -41.68
C GLU C 191 -11.65 -0.82 -42.70
N MET C 192 -12.45 -1.88 -42.76
CA MET C 192 -12.21 -2.92 -43.77
C MET C 192 -12.33 -2.36 -45.18
N VAL C 193 -13.35 -1.52 -45.42
CA VAL C 193 -13.50 -0.92 -46.74
C VAL C 193 -12.31 -0.03 -47.06
N GLY C 194 -11.82 0.72 -46.06
CA GLY C 194 -10.65 1.55 -46.28
C GLY C 194 -9.44 0.76 -46.73
N VAL C 195 -9.22 -0.41 -46.12
CA VAL C 195 -8.13 -1.28 -46.54
C VAL C 195 -8.35 -1.76 -47.98
N LEU C 196 -9.59 -2.15 -48.29
CA LEU C 196 -9.90 -2.62 -49.65
C LEU C 196 -9.77 -1.49 -50.66
N ALA C 197 -10.12 -0.26 -50.28
CA ALA C 197 -10.01 0.86 -51.20
C ALA C 197 -8.55 1.22 -51.45
N VAL C 198 -7.72 1.20 -50.41
CA VAL C 198 -6.29 1.47 -50.59
C VAL C 198 -5.66 0.37 -51.44
N HIS C 199 -6.07 -0.89 -51.22
CA HIS C 199 -5.52 -1.99 -52.01
C HIS C 199 -5.87 -1.87 -53.47
N MET C 200 -7.03 -1.30 -53.80
CA MET C 200 -7.36 -1.07 -55.20
C MET C 200 -6.48 0.03 -55.79
N PHE C 201 -6.23 1.08 -55.01
CA PHE C 201 -5.32 2.13 -55.48
C PHE C 201 -3.92 1.58 -55.68
N ILE C 202 -3.47 0.70 -54.79
CA ILE C 202 -2.15 0.09 -54.92
C ILE C 202 -2.09 -0.80 -56.16
N ASP C 203 -3.10 -1.66 -56.34
CA ASP C 203 -3.10 -2.56 -57.48
C ASP C 203 -3.16 -1.80 -58.81
N ARG C 204 -4.00 -0.77 -58.89
CA ARG C 204 -4.09 0.02 -60.12
C ARG C 204 -2.72 0.53 -60.55
N HIS C 205 -2.01 1.21 -59.65
CA HIS C 205 -0.72 1.78 -60.01
C HIS C 205 0.28 0.69 -60.37
N LYS C 206 0.23 -0.44 -59.68
CA LYS C 206 1.14 -1.55 -60.00
C LYS C 206 0.91 -2.03 -61.43
N GLN C 207 -0.37 -2.18 -61.82
CA GLN C 207 -0.67 -2.54 -63.20
C GLN C 207 -0.25 -1.45 -64.16
N LEU C 208 -0.47 -0.19 -63.80
CA LEU C 208 -0.11 0.92 -64.66
C LEU C 208 1.40 1.02 -64.83
N ARG C 209 2.17 0.75 -63.77
CA ARG C 209 3.62 0.77 -63.89
C ARG C 209 4.13 -0.45 -64.64
N ALA C 210 3.52 -1.61 -64.43
CA ALA C 210 3.95 -2.81 -65.14
C ALA C 210 3.78 -2.65 -66.64
N THR C 211 2.64 -2.12 -67.07
CA THR C 211 2.41 -1.90 -68.50
C THR C 211 3.38 -0.87 -69.06
N ALA C 212 3.62 0.21 -68.32
CA ALA C 212 4.54 1.25 -68.79
C ALA C 212 5.95 0.70 -68.94
N ARG C 213 6.40 -0.10 -67.97
CA ARG C 213 7.73 -0.70 -68.06
C ARG C 213 7.83 -1.63 -69.27
N ALA C 214 6.79 -2.42 -69.52
CA ALA C 214 6.81 -3.34 -70.66
C ALA C 214 6.91 -2.59 -71.97
N THR C 215 6.22 -1.44 -72.09
CA THR C 215 6.32 -0.64 -73.30
C THR C 215 7.70 -0.03 -73.45
N ASP C 216 8.33 0.36 -72.33
CA ASP C 216 9.67 0.93 -72.39
C ASP C 216 10.69 -0.10 -72.88
N TYR C 217 10.58 -1.34 -72.40
CA TYR C 217 11.52 -2.39 -72.80
C TYR C 217 11.31 -2.85 -74.23
N LEU C 218 10.28 -2.38 -74.91
CA LEU C 218 9.95 -2.86 -76.25
C LEU C 218 10.29 -1.80 -77.30
N GLY D 7 15.46 -47.73 -37.86
CA GLY D 7 16.39 -46.65 -37.59
C GLY D 7 16.51 -46.31 -36.12
N VAL D 8 17.63 -45.67 -35.75
CA VAL D 8 17.84 -45.27 -34.36
C VAL D 8 16.78 -44.27 -33.93
N GLN D 9 16.51 -43.28 -34.78
CA GLN D 9 15.49 -42.29 -34.47
C GLN D 9 14.10 -42.93 -34.33
N MET D 10 13.80 -43.89 -35.21
CA MET D 10 12.53 -44.61 -35.12
C MET D 10 12.43 -45.39 -33.82
N LEU D 11 13.52 -46.04 -33.42
CA LEU D 11 13.49 -46.86 -32.21
C LEU D 11 13.20 -46.01 -30.97
N LEU D 12 13.87 -44.87 -30.84
CA LEU D 12 13.63 -44.00 -29.70
C LEU D 12 12.20 -43.48 -29.68
N THR D 13 11.59 -43.29 -30.85
CA THR D 13 10.19 -42.91 -30.92
C THR D 13 9.30 -44.03 -30.39
N ILE D 14 9.59 -45.27 -30.77
CA ILE D 14 8.78 -46.40 -30.31
C ILE D 14 8.90 -46.56 -28.80
N VAL D 15 10.12 -46.46 -28.27
CA VAL D 15 10.32 -46.59 -26.83
C VAL D 15 9.64 -45.44 -26.10
N GLY D 16 9.82 -44.21 -26.61
CA GLY D 16 9.20 -43.06 -25.97
C GLY D 16 7.69 -43.15 -25.94
N ALA D 17 7.08 -43.63 -27.03
CA ALA D 17 5.64 -43.75 -27.08
C ALA D 17 5.12 -44.71 -26.03
N PHE D 18 5.83 -45.83 -25.81
CA PHE D 18 5.36 -46.82 -24.85
C PHE D 18 5.61 -46.37 -23.42
N ALA D 19 6.65 -45.57 -23.19
CA ALA D 19 6.87 -45.03 -21.85
C ALA D 19 5.82 -43.98 -21.50
N ALA D 20 5.52 -43.06 -22.43
CA ALA D 20 4.52 -42.04 -22.17
C ALA D 20 3.15 -42.65 -21.95
N PHE D 21 2.77 -43.64 -22.76
CA PHE D 21 1.49 -44.31 -22.59
C PHE D 21 1.43 -45.05 -21.26
N SER D 22 2.50 -45.75 -20.89
CA SER D 22 2.51 -46.50 -19.63
C SER D 22 2.45 -45.56 -18.43
N LEU D 23 3.28 -44.51 -18.43
CA LEU D 23 3.28 -43.58 -17.32
C LEU D 23 1.94 -42.88 -17.15
N MET D 24 1.35 -42.43 -18.26
CA MET D 24 0.03 -41.78 -18.19
C MET D 24 -1.04 -42.76 -17.72
N THR D 25 -1.01 -43.99 -18.23
CA THR D 25 -1.99 -44.99 -17.82
C THR D 25 -1.87 -45.29 -16.33
N ILE D 26 -0.65 -45.43 -15.82
CA ILE D 26 -0.45 -45.73 -14.41
C ILE D 26 -0.99 -44.58 -13.55
N ALA D 27 -0.66 -43.34 -13.93
CA ALA D 27 -1.08 -42.18 -13.14
C ALA D 27 -2.60 -42.12 -12.99
N VAL D 28 -3.33 -42.46 -14.06
CA VAL D 28 -4.78 -42.46 -14.00
C VAL D 28 -5.28 -43.52 -13.01
N GLY D 29 -4.70 -44.71 -13.05
CA GLY D 29 -5.18 -45.80 -12.21
C GLY D 29 -4.66 -45.82 -10.80
N THR D 30 -3.65 -45.02 -10.48
CA THR D 30 -3.06 -45.02 -9.15
C THR D 30 -3.80 -44.06 -8.22
N ASP D 31 -3.46 -44.11 -6.94
CA ASP D 31 -4.16 -43.39 -5.90
C ASP D 31 -3.28 -42.44 -5.10
N TYR D 32 -2.02 -42.27 -5.50
CA TYR D 32 -1.06 -41.45 -4.76
C TYR D 32 -0.78 -40.12 -5.47
N TRP D 33 -1.84 -39.47 -5.95
CA TRP D 33 -1.68 -38.16 -6.56
C TRP D 33 -1.37 -37.08 -5.53
N LEU D 34 -2.05 -37.10 -4.39
CA LEU D 34 -1.93 -36.04 -3.39
C LEU D 34 -1.87 -36.64 -2.00
N TYR D 35 -1.14 -35.95 -1.11
CA TYR D 35 -1.03 -36.31 0.29
C TYR D 35 -1.64 -35.16 1.11
N SER D 36 -2.82 -35.40 1.68
CA SER D 36 -3.54 -34.36 2.38
C SER D 36 -4.28 -34.96 3.56
N ARG D 37 -4.67 -34.09 4.50
CA ARG D 37 -5.40 -34.49 5.68
C ARG D 37 -6.91 -34.37 5.45
N GLY D 38 -7.64 -35.38 5.89
CA GLY D 38 -9.07 -35.44 5.66
C GLY D 38 -9.71 -36.66 6.30
N VAL D 39 -10.32 -37.51 5.49
CA VAL D 39 -11.08 -38.67 5.98
C VAL D 39 -10.97 -39.79 4.97
N CYS D 40 -11.56 -40.94 5.30
CA CYS D 40 -11.57 -42.13 4.44
C CYS D 40 -12.24 -43.29 5.15
N MET D 58 -3.68 -37.94 7.77
CA MET D 58 -2.98 -38.15 6.52
C MET D 58 -3.73 -39.11 5.61
N THR D 59 -3.96 -38.69 4.36
CA THR D 59 -4.62 -39.50 3.36
C THR D 59 -3.91 -39.31 2.04
N HIS D 60 -3.62 -40.40 1.33
CA HIS D 60 -2.99 -40.31 0.01
C HIS D 60 -4.10 -40.28 -1.03
N SER D 61 -4.66 -39.08 -1.22
CA SER D 61 -5.77 -38.91 -2.15
C SER D 61 -5.33 -39.20 -3.58
N GLY D 62 -6.22 -39.79 -4.36
CA GLY D 62 -5.96 -40.12 -5.74
C GLY D 62 -6.84 -39.35 -6.70
N LEU D 63 -6.80 -39.78 -7.97
CA LEU D 63 -7.61 -39.14 -8.99
C LEU D 63 -9.08 -39.53 -8.89
N TRP D 64 -9.38 -40.74 -8.40
CA TRP D 64 -10.74 -41.23 -8.33
C TRP D 64 -11.17 -41.56 -6.92
N ARG D 65 -10.34 -42.29 -6.16
CA ARG D 65 -10.68 -42.73 -4.82
C ARG D 65 -9.58 -42.33 -3.84
N THR D 66 -9.99 -41.82 -2.68
CA THR D 66 -9.05 -41.51 -1.62
C THR D 66 -9.01 -42.64 -0.61
N CYS D 67 -7.84 -42.82 0.01
CA CYS D 67 -7.67 -43.93 0.95
C CYS D 67 -7.14 -43.43 2.28
N CYS D 68 -6.69 -44.35 3.13
CA CYS D 68 -6.21 -44.04 4.48
C CYS D 68 -4.71 -44.25 4.58
N LEU D 69 -4.08 -43.51 5.48
CA LEU D 69 -2.66 -43.65 5.78
C LEU D 69 -2.48 -44.05 7.24
N GLU D 70 -1.41 -43.56 7.87
CA GLU D 70 -1.17 -43.84 9.28
C GLU D 70 -2.40 -43.48 10.12
N GLY D 71 -2.96 -44.49 10.77
CA GLY D 71 -4.12 -44.27 11.60
C GLY D 71 -4.80 -45.59 11.91
N ASN D 72 -5.98 -45.49 12.52
CA ASN D 72 -6.76 -46.68 12.84
C ASN D 72 -7.00 -47.52 11.59
N PHE D 73 -7.35 -46.87 10.48
CA PHE D 73 -7.54 -47.51 9.19
C PHE D 73 -6.34 -47.21 8.30
N LYS D 74 -5.85 -48.23 7.60
CA LYS D 74 -4.68 -48.07 6.76
C LYS D 74 -4.86 -48.53 5.32
N GLY D 75 -5.99 -49.16 4.99
CA GLY D 75 -6.21 -49.60 3.62
C GLY D 75 -7.57 -49.21 3.10
N LEU D 76 -8.44 -48.75 4.01
CA LEU D 76 -9.80 -48.38 3.64
C LEU D 76 -9.81 -47.28 2.60
N CYS D 77 -10.46 -47.53 1.47
CA CYS D 77 -10.58 -46.53 0.42
C CYS D 77 -12.04 -46.17 0.21
N LYS D 78 -12.28 -44.94 -0.22
CA LYS D 78 -13.64 -44.50 -0.51
C LYS D 78 -13.65 -43.64 -1.77
N GLN D 79 -14.67 -43.85 -2.60
CA GLN D 79 -14.80 -43.08 -3.83
C GLN D 79 -15.06 -41.61 -3.49
N ILE D 80 -14.24 -40.72 -4.04
CA ILE D 80 -14.33 -39.31 -3.67
C ILE D 80 -15.65 -38.74 -4.18
N ASP D 81 -16.29 -37.93 -3.34
CA ASP D 81 -17.51 -37.23 -3.71
C ASP D 81 -17.13 -35.90 -4.35
N HIS D 82 -17.10 -35.87 -5.68
CA HIS D 82 -16.69 -34.68 -6.40
C HIS D 82 -17.77 -33.61 -6.46
N PHE D 83 -18.96 -33.88 -5.94
CA PHE D 83 -20.06 -32.92 -5.91
C PHE D 83 -20.61 -32.79 -4.50
N PRO D 84 -19.79 -32.38 -3.54
CA PRO D 84 -20.24 -32.39 -2.15
C PRO D 84 -21.21 -31.26 -1.85
N GLU D 85 -22.22 -31.57 -1.04
CA GLU D 85 -23.24 -30.60 -0.65
C GLU D 85 -22.91 -30.06 0.73
N ASP D 86 -22.65 -28.75 0.80
CA ASP D 86 -22.27 -28.12 2.06
C ASP D 86 -23.05 -26.83 2.28
N TYR D 89 -25.56 -24.53 0.50
CA TYR D 89 -24.82 -23.55 -0.26
C TYR D 89 -25.40 -23.38 -1.66
N GLU D 90 -24.56 -22.95 -2.60
CA GLU D 90 -24.96 -22.74 -3.97
C GLU D 90 -23.88 -23.28 -4.90
N ALA D 91 -24.29 -23.68 -6.10
CA ALA D 91 -23.38 -24.24 -7.10
C ALA D 91 -23.33 -23.27 -8.29
N ASP D 92 -22.33 -22.39 -8.28
CA ASP D 92 -22.14 -21.45 -9.37
C ASP D 92 -21.99 -22.19 -10.69
N THR D 93 -22.59 -21.64 -11.75
CA THR D 93 -22.59 -22.32 -13.04
C THR D 93 -21.18 -22.50 -13.59
N ALA D 94 -20.28 -21.57 -13.29
CA ALA D 94 -18.87 -21.77 -13.63
C ALA D 94 -18.19 -22.75 -12.70
N GLU D 95 -18.65 -22.84 -11.45
CA GLU D 95 -18.14 -23.84 -10.52
C GLU D 95 -18.74 -25.21 -10.75
N TYR D 96 -19.93 -25.29 -11.34
CA TYR D 96 -20.53 -26.59 -11.64
C TYR D 96 -19.86 -27.25 -12.82
N PHE D 97 -19.29 -26.48 -13.74
CA PHE D 97 -18.65 -27.05 -14.92
C PHE D 97 -17.20 -27.42 -14.66
N LEU D 98 -16.55 -26.75 -13.70
CA LEU D 98 -15.21 -27.15 -13.29
C LEU D 98 -15.24 -28.49 -12.57
N ARG D 99 -16.23 -28.70 -11.71
CA ARG D 99 -16.35 -29.96 -10.99
C ARG D 99 -16.86 -31.08 -11.87
N ALA D 100 -17.53 -30.77 -12.98
CA ALA D 100 -17.92 -31.80 -13.93
C ALA D 100 -16.72 -32.31 -14.72
N VAL D 101 -15.84 -31.40 -15.15
CA VAL D 101 -14.63 -31.81 -15.86
C VAL D 101 -13.69 -32.56 -14.91
N ARG D 102 -13.53 -32.05 -13.69
CA ARG D 102 -12.74 -32.74 -12.68
C ARG D 102 -13.28 -34.15 -12.44
N ALA D 103 -14.54 -34.26 -12.03
CA ALA D 103 -15.12 -35.55 -11.65
C ALA D 103 -14.93 -36.60 -12.74
N SER D 104 -15.12 -36.20 -14.01
CA SER D 104 -15.07 -37.16 -15.09
C SER D 104 -13.66 -37.43 -15.59
N SER D 105 -12.68 -36.66 -15.11
CA SER D 105 -11.29 -36.74 -15.57
C SER D 105 -11.20 -37.01 -17.07
N ILE D 106 -11.93 -36.21 -17.84
CA ILE D 106 -11.94 -36.37 -19.29
C ILE D 106 -10.55 -36.13 -19.86
N PHE D 107 -9.87 -35.07 -19.41
CA PHE D 107 -8.58 -34.73 -20.02
C PHE D 107 -7.50 -35.75 -19.69
N PRO D 108 -7.30 -36.17 -18.43
CA PRO D 108 -6.32 -37.27 -18.21
C PRO D 108 -6.66 -38.53 -18.99
N ILE D 109 -7.94 -38.89 -19.08
CA ILE D 109 -8.32 -40.04 -19.90
C ILE D 109 -8.08 -39.74 -21.39
N LEU D 110 -8.40 -38.53 -21.83
CA LEU D 110 -8.17 -38.17 -23.22
C LEU D 110 -6.68 -38.13 -23.56
N SER D 111 -5.83 -37.90 -22.56
CA SER D 111 -4.39 -37.98 -22.80
C SER D 111 -3.96 -39.41 -23.09
N VAL D 112 -4.57 -40.39 -22.41
CA VAL D 112 -4.21 -41.78 -22.62
C VAL D 112 -4.66 -42.24 -24.00
N ILE D 113 -5.86 -41.83 -24.42
CA ILE D 113 -6.39 -42.25 -25.72
C ILE D 113 -5.51 -41.74 -26.85
N LEU D 114 -5.15 -40.44 -26.80
CA LEU D 114 -4.33 -39.87 -27.86
C LEU D 114 -2.95 -40.52 -27.93
N LEU D 115 -2.35 -40.79 -26.76
CA LEU D 115 -1.08 -41.52 -26.76
C LEU D 115 -1.24 -42.90 -27.37
N PHE D 116 -2.36 -43.57 -27.08
CA PHE D 116 -2.62 -44.88 -27.69
C PHE D 116 -2.73 -44.78 -29.20
N MET D 117 -3.43 -43.75 -29.69
CA MET D 117 -3.55 -43.56 -31.13
C MET D 117 -2.19 -43.31 -31.77
N GLY D 118 -1.35 -42.50 -31.10
CA GLY D 118 -0.02 -42.25 -31.61
C GLY D 118 0.78 -43.52 -31.78
N GLY D 119 0.68 -44.44 -30.82
CA GLY D 119 1.37 -45.71 -30.93
C GLY D 119 0.91 -46.52 -32.14
N LEU D 120 -0.39 -46.56 -32.38
CA LEU D 120 -0.91 -47.29 -33.53
C LEU D 120 -0.41 -46.69 -34.84
N CYS D 121 -0.39 -45.36 -34.94
CA CYS D 121 0.07 -44.72 -36.16
C CYS D 121 1.53 -45.04 -36.46
N ILE D 122 2.38 -45.03 -35.42
CA ILE D 122 3.78 -45.37 -35.61
C ILE D 122 3.91 -46.82 -36.09
N ALA D 123 3.16 -47.73 -35.46
CA ALA D 123 3.21 -49.13 -35.89
C ALA D 123 2.71 -49.29 -37.31
N ALA D 124 1.63 -48.59 -37.67
CA ALA D 124 1.08 -48.69 -39.02
C ALA D 124 2.07 -48.18 -40.07
N SER D 125 2.92 -47.22 -39.71
CA SER D 125 3.89 -46.68 -40.67
C SER D 125 4.85 -47.77 -41.15
N GLU D 126 5.30 -48.64 -40.24
CA GLU D 126 6.23 -49.70 -40.62
C GLU D 126 5.62 -50.62 -41.67
N PHE D 127 4.36 -51.01 -41.49
CA PHE D 127 3.73 -51.93 -42.44
C PHE D 127 3.65 -51.33 -43.84
N TYR D 128 3.34 -50.05 -43.95
CA TYR D 128 3.19 -49.42 -45.26
C TYR D 128 4.50 -48.82 -45.77
N LYS D 129 5.03 -47.82 -45.05
CA LYS D 129 6.27 -47.14 -45.40
C LYS D 129 6.18 -46.42 -46.75
N THR D 130 4.97 -46.11 -47.21
CA THR D 130 4.78 -45.45 -48.49
C THR D 130 3.91 -44.21 -48.35
N ARG D 131 3.01 -44.22 -47.37
CA ARG D 131 2.07 -43.12 -47.18
C ARG D 131 2.80 -41.82 -46.90
N HIS D 132 3.53 -41.76 -45.78
CA HIS D 132 4.28 -40.64 -45.22
C HIS D 132 3.40 -39.73 -44.38
N ASN D 133 2.07 -39.88 -44.45
CA ASN D 133 1.16 -39.01 -43.71
C ASN D 133 0.66 -39.68 -42.43
N ILE D 134 1.14 -40.88 -42.13
CA ILE D 134 0.85 -41.51 -40.85
C ILE D 134 1.87 -41.12 -39.80
N ILE D 135 3.07 -40.70 -40.21
CA ILE D 135 4.07 -40.25 -39.26
C ILE D 135 3.74 -38.84 -38.78
N LEU D 136 3.10 -38.04 -39.63
CA LEU D 136 2.64 -36.73 -39.18
C LEU D 136 1.45 -36.86 -38.24
N SER D 137 0.51 -37.75 -38.57
CA SER D 137 -0.65 -37.95 -37.72
C SER D 137 -0.25 -38.32 -36.30
N ALA D 138 0.75 -39.21 -36.16
CA ALA D 138 1.24 -39.56 -34.84
C ALA D 138 1.79 -38.34 -34.11
N GLY D 139 2.54 -37.51 -34.81
CA GLY D 139 3.09 -36.31 -34.19
C GLY D 139 2.01 -35.39 -33.63
N ILE D 140 0.90 -35.26 -34.35
CA ILE D 140 -0.19 -34.43 -33.86
C ILE D 140 -0.79 -35.00 -32.58
N PHE D 141 -0.99 -36.32 -32.53
CA PHE D 141 -1.57 -36.94 -31.34
C PHE D 141 -0.70 -36.73 -30.11
N PHE D 142 0.61 -36.95 -30.24
CA PHE D 142 1.50 -36.78 -29.09
C PHE D 142 1.53 -35.34 -28.60
N VAL D 143 1.58 -34.38 -29.54
CA VAL D 143 1.52 -32.98 -29.15
C VAL D 143 0.15 -32.67 -28.54
N SER D 144 -0.92 -33.17 -29.16
CA SER D 144 -2.26 -32.99 -28.60
C SER D 144 -2.39 -33.67 -27.25
N ALA D 145 -1.79 -34.85 -27.10
CA ALA D 145 -1.83 -35.55 -25.82
C ALA D 145 -1.15 -34.73 -24.73
N GLY D 146 -0.03 -34.10 -25.06
CA GLY D 146 0.63 -33.24 -24.08
C GLY D 146 -0.23 -32.06 -23.67
N LEU D 147 -0.93 -31.46 -24.64
CA LEU D 147 -1.79 -30.32 -24.32
C LEU D 147 -2.95 -30.72 -23.43
N SER D 148 -3.49 -31.93 -23.62
CA SER D 148 -4.55 -32.42 -22.74
C SER D 148 -4.04 -32.62 -21.32
N ASN D 149 -2.83 -33.15 -21.18
CA ASN D 149 -2.26 -33.38 -19.86
C ASN D 149 -2.08 -32.08 -19.11
N ILE D 150 -1.75 -30.99 -19.81
CA ILE D 150 -1.65 -29.68 -19.15
C ILE D 150 -2.99 -29.29 -18.56
N ILE D 151 -4.08 -29.47 -19.32
CA ILE D 151 -5.40 -29.13 -18.83
C ILE D 151 -5.76 -29.99 -17.63
N GLY D 152 -5.49 -31.29 -17.71
CA GLY D 152 -5.78 -32.17 -16.59
C GLY D 152 -5.04 -31.78 -15.33
N ILE D 153 -3.76 -31.39 -15.48
CA ILE D 153 -2.99 -30.93 -14.33
C ILE D 153 -3.60 -29.66 -13.75
N ILE D 154 -3.96 -28.71 -14.62
CA ILE D 154 -4.52 -27.44 -14.16
C ILE D 154 -5.88 -27.67 -13.50
N VAL D 155 -6.74 -28.49 -14.11
CA VAL D 155 -8.05 -28.77 -13.54
C VAL D 155 -7.92 -29.46 -12.19
N TYR D 156 -7.01 -30.43 -12.09
CA TYR D 156 -6.82 -31.15 -10.83
C TYR D 156 -6.35 -30.20 -9.72
N ILE D 157 -5.39 -29.34 -10.03
CA ILE D 157 -4.87 -28.41 -9.03
C ILE D 157 -5.94 -27.38 -8.65
N SER D 158 -6.66 -26.86 -9.65
CA SER D 158 -7.68 -25.84 -9.37
C SER D 158 -8.78 -26.38 -8.47
N ALA D 159 -9.24 -27.61 -8.73
CA ALA D 159 -10.30 -28.19 -7.90
C ALA D 159 -9.84 -28.36 -6.46
N ASN D 160 -8.61 -28.85 -6.26
CA ASN D 160 -8.09 -29.03 -4.91
C ASN D 160 -7.96 -27.70 -4.18
N ALA D 161 -7.52 -26.66 -4.88
CA ALA D 161 -7.37 -25.34 -4.27
C ALA D 161 -8.70 -24.74 -3.85
N GLY D 162 -9.82 -25.29 -4.29
CA GLY D 162 -11.11 -24.85 -3.80
C GLY D 162 -11.57 -25.62 -2.58
N ASP D 163 -10.63 -26.21 -1.86
CA ASP D 163 -10.90 -26.96 -0.64
C ASP D 163 -9.78 -26.71 0.34
N PRO D 164 -9.98 -27.01 1.63
CA PRO D 164 -8.93 -26.72 2.60
C PRO D 164 -7.95 -27.87 2.79
N ASN D 172 -3.65 -27.82 6.91
CA ASN D 172 -3.22 -26.66 6.14
C ASN D 172 -1.92 -26.94 5.40
N SER D 173 -1.74 -28.20 4.99
CA SER D 173 -0.53 -28.61 4.28
C SER D 173 -0.89 -29.74 3.34
N TYR D 174 -0.18 -29.79 2.21
CA TYR D 174 -0.38 -30.83 1.22
C TYR D 174 0.91 -31.01 0.41
N SER D 175 1.05 -32.18 -0.18
CA SER D 175 2.21 -32.50 -1.01
C SER D 175 1.81 -33.55 -2.04
N TYR D 176 2.27 -33.35 -3.27
CA TYR D 176 1.92 -34.25 -4.35
C TYR D 176 2.78 -35.52 -4.30
N GLY D 177 2.19 -36.63 -4.73
CA GLY D 177 2.87 -37.90 -4.74
C GLY D 177 3.48 -38.23 -6.10
N TRP D 178 4.02 -39.45 -6.19
CA TRP D 178 4.68 -39.87 -7.42
C TRP D 178 3.70 -40.00 -8.58
N SER D 179 2.43 -40.30 -8.28
CA SER D 179 1.45 -40.43 -9.35
C SER D 179 1.26 -39.11 -10.08
N PHE D 180 1.25 -37.99 -9.34
CA PHE D 180 1.14 -36.69 -9.97
C PHE D 180 2.35 -36.41 -10.86
N TYR D 181 3.54 -36.78 -10.40
CA TYR D 181 4.74 -36.54 -11.18
C TYR D 181 4.87 -37.51 -12.35
N PHE D 182 4.23 -38.68 -12.28
CA PHE D 182 4.22 -39.59 -13.42
C PHE D 182 3.45 -38.97 -14.58
N GLY D 183 2.35 -38.29 -14.28
CA GLY D 183 1.63 -37.57 -15.32
C GLY D 183 2.43 -36.38 -15.85
N ALA D 184 3.08 -35.64 -14.95
CA ALA D 184 3.93 -34.54 -15.37
C ALA D 184 5.10 -35.04 -16.22
N LEU D 185 5.72 -36.14 -15.80
CA LEU D 185 6.82 -36.72 -16.57
C LEU D 185 6.33 -37.20 -17.93
N SER D 186 5.14 -37.81 -17.98
CA SER D 186 4.59 -38.28 -19.25
C SER D 186 4.42 -37.14 -20.24
N PHE D 187 4.07 -35.95 -19.77
CA PHE D 187 3.96 -34.81 -20.67
C PHE D 187 5.29 -34.50 -21.34
N ILE D 188 6.39 -34.54 -20.58
CA ILE D 188 7.70 -34.28 -21.15
C ILE D 188 8.06 -35.35 -22.18
N ILE D 189 7.78 -36.61 -21.86
CA ILE D 189 8.07 -37.69 -22.80
C ILE D 189 7.23 -37.55 -24.06
N ALA D 190 5.94 -37.24 -23.90
CA ALA D 190 5.06 -37.12 -25.06
C ALA D 190 5.50 -36.01 -25.99
N GLU D 191 5.86 -34.85 -25.44
CA GLU D 191 6.32 -33.74 -26.28
C GLU D 191 7.61 -34.09 -27.00
N MET D 192 8.54 -34.77 -26.31
CA MET D 192 9.77 -35.21 -26.97
C MET D 192 9.47 -36.15 -28.12
N VAL D 193 8.55 -37.10 -27.91
CA VAL D 193 8.17 -38.01 -28.97
C VAL D 193 7.52 -37.25 -30.12
N GLY D 194 6.68 -36.26 -29.80
CA GLY D 194 6.05 -35.46 -30.84
C GLY D 194 7.07 -34.77 -31.73
N VAL D 195 8.15 -34.27 -31.14
CA VAL D 195 9.21 -33.63 -31.92
C VAL D 195 9.86 -34.64 -32.85
N LEU D 196 10.14 -35.84 -32.34
CA LEU D 196 10.79 -36.86 -33.16
C LEU D 196 9.92 -37.26 -34.36
N ALA D 197 8.61 -37.41 -34.14
CA ALA D 197 7.71 -37.76 -35.23
C ALA D 197 7.72 -36.69 -36.31
N VAL D 198 7.70 -35.42 -35.91
CA VAL D 198 7.76 -34.33 -36.87
C VAL D 198 9.09 -34.38 -37.63
N HIS D 199 10.20 -34.58 -36.91
CA HIS D 199 11.50 -34.65 -37.56
C HIS D 199 11.57 -35.81 -38.55
N MET D 200 10.98 -36.96 -38.19
CA MET D 200 10.93 -38.08 -39.13
C MET D 200 10.07 -37.73 -40.34
N PHE D 201 8.95 -37.06 -40.12
CA PHE D 201 8.12 -36.61 -41.25
C PHE D 201 8.90 -35.65 -42.14
N ILE D 202 9.66 -34.72 -41.54
CA ILE D 202 10.47 -33.79 -42.33
C ILE D 202 11.55 -34.54 -43.09
N ASP D 203 12.25 -35.46 -42.41
CA ASP D 203 13.34 -36.18 -43.06
C ASP D 203 12.84 -37.02 -44.23
N ARG D 204 11.74 -37.74 -44.04
CA ARG D 204 11.22 -38.57 -45.12
C ARG D 204 10.80 -37.74 -46.32
N HIS D 205 10.27 -36.54 -46.08
CA HIS D 205 9.89 -35.66 -47.18
C HIS D 205 11.09 -34.97 -47.81
N LYS D 206 12.24 -34.93 -47.12
CA LYS D 206 13.45 -34.40 -47.73
C LYS D 206 14.05 -35.38 -48.72
N GLN D 207 14.02 -36.68 -48.39
CA GLN D 207 14.57 -37.69 -49.28
C GLN D 207 13.85 -37.71 -50.61
N LEU D 208 12.52 -37.52 -50.59
CA LEU D 208 11.75 -37.52 -51.84
C LEU D 208 12.21 -36.40 -52.76
N ARG D 209 12.47 -35.23 -52.22
CA ARG D 209 12.95 -34.12 -53.04
C ARG D 209 14.30 -34.46 -53.68
N ALA D 210 15.20 -35.07 -52.92
CA ALA D 210 16.49 -35.48 -53.47
C ALA D 210 16.32 -36.49 -54.59
N THR D 211 15.45 -37.48 -54.39
CA THR D 211 15.20 -38.47 -55.44
C THR D 211 14.54 -37.82 -56.65
N ALA D 212 13.67 -36.84 -56.42
CA ALA D 212 13.00 -36.12 -57.50
C ALA D 212 13.82 -34.96 -58.03
N ARG D 213 15.08 -34.84 -57.61
CA ARG D 213 15.96 -33.81 -58.13
C ARG D 213 16.65 -34.24 -59.42
N ALA D 214 16.76 -35.55 -59.66
CA ALA D 214 17.38 -36.06 -60.88
C ALA D 214 16.35 -36.70 -61.80
N GLY E 7 54.36 -9.62 -27.57
CA GLY E 7 55.47 -9.09 -26.79
C GLY E 7 55.03 -8.15 -25.69
N VAL E 8 54.05 -7.28 -26.01
CA VAL E 8 53.49 -6.38 -25.01
C VAL E 8 52.18 -6.91 -24.45
N GLN E 9 51.60 -7.94 -25.07
CA GLN E 9 50.38 -8.57 -24.58
C GLN E 9 50.71 -9.70 -23.61
N MET E 10 51.67 -10.56 -23.98
CA MET E 10 52.19 -11.55 -23.03
C MET E 10 52.73 -10.89 -21.77
N LEU E 11 53.41 -9.75 -21.92
CA LEU E 11 53.98 -9.08 -20.76
C LEU E 11 52.90 -8.67 -19.77
N LEU E 12 51.80 -8.11 -20.26
CA LEU E 12 50.71 -7.70 -19.38
C LEU E 12 50.10 -8.89 -18.68
N THR E 13 49.97 -10.03 -19.38
CA THR E 13 49.37 -11.22 -18.77
C THR E 13 50.18 -11.69 -17.57
N ILE E 14 51.51 -11.71 -17.69
CA ILE E 14 52.34 -12.15 -16.57
C ILE E 14 52.20 -11.19 -15.40
N VAL E 15 52.21 -9.89 -15.67
CA VAL E 15 52.05 -8.90 -14.60
C VAL E 15 50.68 -9.03 -13.96
N GLY E 16 49.64 -9.16 -14.79
CA GLY E 16 48.30 -9.30 -14.26
C GLY E 16 48.11 -10.54 -13.42
N ALA E 17 48.65 -11.67 -13.89
CA ALA E 17 48.53 -12.93 -13.15
C ALA E 17 49.21 -12.83 -11.79
N PHE E 18 50.43 -12.27 -11.77
CA PHE E 18 51.15 -12.12 -10.51
C PHE E 18 50.42 -11.16 -9.57
N ALA E 19 49.91 -10.06 -10.12
CA ALA E 19 49.18 -9.09 -9.29
C ALA E 19 47.92 -9.71 -8.70
N ALA E 20 47.11 -10.35 -9.54
CA ALA E 20 45.87 -10.95 -9.06
C ALA E 20 46.12 -12.02 -8.02
N PHE E 21 47.12 -12.89 -8.26
CA PHE E 21 47.46 -13.92 -7.28
C PHE E 21 47.95 -13.30 -5.97
N SER E 22 48.82 -12.29 -6.06
CA SER E 22 49.33 -11.64 -4.85
C SER E 22 48.21 -10.94 -4.10
N LEU E 23 47.32 -10.25 -4.82
CA LEU E 23 46.26 -9.50 -4.17
C LEU E 23 45.30 -10.42 -3.43
N MET E 24 45.01 -11.59 -4.01
CA MET E 24 44.05 -12.51 -3.40
C MET E 24 44.64 -13.22 -2.19
N THR E 25 45.87 -13.71 -2.30
CA THR E 25 46.49 -14.38 -1.15
C THR E 25 46.69 -13.42 0.02
N ILE E 26 46.96 -12.14 -0.26
CA ILE E 26 47.04 -11.15 0.81
C ILE E 26 45.68 -10.97 1.48
N ALA E 27 44.61 -10.90 0.67
CA ALA E 27 43.27 -10.74 1.23
C ALA E 27 42.90 -11.92 2.13
N VAL E 28 43.24 -13.14 1.69
CA VAL E 28 42.95 -14.32 2.52
C VAL E 28 43.80 -14.30 3.79
N GLY E 29 45.03 -13.79 3.70
CA GLY E 29 45.95 -13.83 4.82
C GLY E 29 45.97 -12.63 5.72
N THR E 30 45.26 -11.56 5.38
CA THR E 30 45.20 -10.35 6.19
C THR E 30 43.79 -10.17 6.73
N ASP E 31 43.69 -9.94 8.04
CA ASP E 31 42.39 -9.86 8.72
C ASP E 31 41.97 -8.41 8.88
N TYR E 32 41.65 -7.79 7.75
CA TYR E 32 41.10 -6.44 7.71
C TYR E 32 39.96 -6.38 6.71
N TRP E 33 39.10 -7.40 6.72
CA TRP E 33 37.99 -7.47 5.78
C TRP E 33 36.83 -6.56 6.21
N LEU E 34 36.57 -6.47 7.51
CA LEU E 34 35.42 -5.74 8.00
C LEU E 34 35.78 -4.97 9.26
N TYR E 35 35.24 -3.76 9.39
CA TYR E 35 35.41 -2.92 10.57
C TYR E 35 34.04 -2.82 11.24
N SER E 36 33.87 -3.53 12.35
CA SER E 36 32.61 -3.52 13.06
C SER E 36 32.89 -3.49 14.56
N ARG E 37 31.84 -3.68 15.36
CA ARG E 37 31.93 -3.68 16.80
C ARG E 37 31.88 -5.10 17.33
N GLY E 38 32.73 -5.39 18.31
CA GLY E 38 32.76 -6.72 18.90
C GLY E 38 33.80 -6.82 19.98
N VAL E 39 33.90 -8.01 20.56
CA VAL E 39 34.82 -8.28 21.65
C VAL E 39 35.83 -9.33 21.17
N CYS E 40 36.99 -9.35 21.80
CA CYS E 40 38.08 -10.26 21.43
C CYS E 40 38.26 -11.40 22.42
N LYS E 41 38.39 -11.12 23.71
CA LYS E 41 38.56 -12.17 24.70
C LYS E 41 37.45 -13.21 24.58
N THR E 42 37.77 -14.44 24.96
CA THR E 42 36.79 -15.54 24.87
C THR E 42 35.52 -15.24 25.65
N LYS E 43 35.60 -14.39 26.69
CA LYS E 43 34.47 -14.02 27.55
C LYS E 43 33.94 -15.21 28.35
N SER E 44 34.18 -16.43 27.87
CA SER E 44 33.79 -17.64 28.59
C SER E 44 34.94 -18.12 29.48
N VAL E 45 35.33 -17.26 30.41
CA VAL E 45 36.44 -17.53 31.31
C VAL E 45 35.90 -17.96 32.67
N SER E 46 34.72 -18.56 32.68
CA SER E 46 34.07 -19.02 33.91
C SER E 46 33.95 -17.90 34.94
N GLU E 47 33.78 -16.67 34.45
CA GLU E 47 33.64 -15.47 35.29
C GLU E 47 34.68 -15.44 36.40
N ASN E 48 35.94 -15.73 36.02
CA ASN E 48 37.03 -15.66 36.99
C ASN E 48 37.16 -14.26 37.58
N GLU E 49 37.17 -13.24 36.73
CA GLU E 49 37.19 -11.86 37.19
C GLU E 49 35.80 -11.26 37.28
N THR E 50 34.85 -11.77 36.48
CA THR E 50 33.46 -11.33 36.48
C THR E 50 33.32 -9.86 36.11
N SER E 51 33.86 -8.97 36.94
CA SER E 51 33.73 -7.54 36.71
C SER E 51 34.22 -7.13 35.32
N LYS E 52 35.25 -7.80 34.81
CA LYS E 52 35.81 -7.48 33.49
C LYS E 52 34.94 -8.04 32.37
N LYS E 53 33.69 -7.58 32.36
CA LYS E 53 32.74 -8.06 31.36
C LYS E 53 33.14 -7.59 29.97
N ASN E 54 32.66 -8.32 28.96
CA ASN E 54 32.95 -8.00 27.57
C ASN E 54 32.57 -6.56 27.24
N GLU E 55 33.57 -5.77 26.86
CA GLU E 55 33.37 -4.38 26.48
C GLU E 55 33.40 -4.26 24.96
N GLU E 56 32.29 -3.83 24.38
CA GLU E 56 32.18 -3.74 22.93
C GLU E 56 33.13 -2.67 22.40
N VAL E 57 34.07 -3.08 21.54
CA VAL E 57 35.09 -2.19 21.00
C VAL E 57 35.15 -2.36 19.49
N MET E 58 35.67 -1.32 18.83
CA MET E 58 35.88 -1.37 17.39
C MET E 58 36.76 -2.56 17.03
N THR E 59 36.33 -3.33 16.02
CA THR E 59 37.00 -4.55 15.62
C THR E 59 37.38 -4.47 14.15
N HIS E 60 38.39 -5.28 13.76
CA HIS E 60 38.74 -5.51 12.35
C HIS E 60 38.78 -7.04 12.13
N SER E 61 37.61 -7.61 11.86
CA SER E 61 37.51 -9.05 11.63
C SER E 61 38.06 -9.44 10.26
N GLY E 62 38.33 -10.74 10.11
CA GLY E 62 38.75 -11.33 8.86
C GLY E 62 37.94 -12.59 8.57
N LEU E 63 38.61 -13.57 7.96
CA LEU E 63 37.98 -14.85 7.68
C LEU E 63 38.33 -15.94 8.68
N TRP E 64 39.46 -15.79 9.38
CA TRP E 64 39.93 -16.82 10.30
C TRP E 64 40.08 -16.30 11.72
N ARG E 65 40.50 -15.06 11.89
CA ARG E 65 40.78 -14.51 13.22
C ARG E 65 40.27 -13.09 13.30
N THR E 66 39.72 -12.74 14.46
CA THR E 66 39.38 -11.36 14.78
C THR E 66 40.42 -10.78 15.74
N CYS E 67 40.44 -9.45 15.82
CA CYS E 67 41.34 -8.74 16.72
C CYS E 67 40.72 -7.41 17.10
N CYS E 68 41.25 -6.81 18.17
CA CYS E 68 40.74 -5.57 18.74
C CYS E 68 41.51 -4.38 18.19
N LEU E 69 40.80 -3.28 17.95
CA LEU E 69 41.40 -2.09 17.36
C LEU E 69 41.59 -0.95 18.36
N GLU E 70 41.10 -1.08 19.59
CA GLU E 70 41.17 0.01 20.56
C GLU E 70 40.94 -0.57 21.96
N GLY E 71 41.05 0.30 22.97
CA GLY E 71 40.81 -0.09 24.33
C GLY E 71 42.01 -0.74 24.98
N ASN E 72 41.76 -1.35 26.14
CA ASN E 72 42.82 -2.02 26.89
C ASN E 72 43.19 -3.37 26.28
N PHE E 73 42.36 -3.90 25.38
CA PHE E 73 42.61 -5.18 24.74
C PHE E 73 43.25 -5.04 23.37
N LYS E 74 43.60 -3.82 22.97
CA LYS E 74 44.26 -3.59 21.68
C LYS E 74 45.39 -4.58 21.44
N GLY E 75 45.54 -4.97 20.18
CA GLY E 75 46.54 -5.97 19.81
C GLY E 75 46.32 -7.34 20.40
N LEU E 76 45.08 -7.69 20.70
CA LEU E 76 44.72 -9.04 21.12
C LEU E 76 43.82 -9.64 20.06
N CYS E 77 44.09 -10.88 19.67
CA CYS E 77 43.35 -11.54 18.61
C CYS E 77 42.60 -12.76 19.15
N LYS E 78 41.79 -13.35 18.27
CA LYS E 78 40.86 -14.41 18.61
C LYS E 78 40.43 -15.11 17.34
N GLN E 79 40.05 -16.37 17.47
CA GLN E 79 39.55 -17.15 16.34
C GLN E 79 38.03 -17.00 16.23
N ILE E 80 37.56 -16.89 14.99
CA ILE E 80 36.15 -16.60 14.74
C ILE E 80 35.34 -17.89 14.86
N ASP E 81 34.38 -17.91 15.77
CA ASP E 81 33.52 -19.06 15.98
C ASP E 81 32.36 -19.01 14.99
N HIS E 82 32.42 -19.87 13.97
CA HIS E 82 31.38 -19.89 12.93
C HIS E 82 30.25 -20.87 13.26
N PHE E 83 30.43 -21.74 14.25
CA PHE E 83 29.40 -22.70 14.67
C PHE E 83 29.06 -22.42 16.13
N PRO E 84 28.24 -21.42 16.40
CA PRO E 84 27.91 -21.08 17.80
C PRO E 84 27.08 -22.19 18.44
N GLU E 85 26.84 -22.02 19.74
CA GLU E 85 26.07 -22.98 20.52
C GLU E 85 24.67 -23.16 19.96
N ALA E 91 20.32 -26.79 12.54
CA ALA E 91 18.94 -26.32 12.64
C ALA E 91 18.15 -26.68 11.38
N ASP E 92 18.77 -26.47 10.22
CA ASP E 92 18.12 -26.75 8.94
C ASP E 92 19.14 -27.10 7.88
N THR E 93 18.79 -26.88 6.61
CA THR E 93 19.70 -27.13 5.50
C THR E 93 20.09 -25.84 4.79
N ALA E 94 19.67 -24.68 5.31
CA ALA E 94 19.99 -23.39 4.71
C ALA E 94 20.88 -22.52 5.58
N GLU E 95 21.02 -22.87 6.86
CA GLU E 95 21.90 -22.13 7.77
C GLU E 95 23.01 -23.01 8.32
N TYR E 96 23.18 -24.22 7.78
CA TYR E 96 24.26 -25.12 8.15
C TYR E 96 25.28 -25.26 7.05
N PHE E 97 24.84 -25.51 5.81
CA PHE E 97 25.76 -25.57 4.68
C PHE E 97 26.38 -24.21 4.40
N LEU E 98 25.59 -23.14 4.55
CA LEU E 98 26.12 -21.80 4.31
C LEU E 98 27.23 -21.47 5.29
N ARG E 99 27.03 -21.81 6.57
CA ARG E 99 28.07 -21.55 7.57
C ARG E 99 29.28 -22.44 7.35
N ALA E 100 29.06 -23.68 6.92
CA ALA E 100 30.18 -24.58 6.63
C ALA E 100 31.03 -24.02 5.50
N VAL E 101 30.41 -23.51 4.44
CA VAL E 101 31.15 -22.87 3.35
C VAL E 101 31.88 -21.64 3.86
N ARG E 102 31.20 -20.82 4.65
CA ARG E 102 31.84 -19.63 5.20
C ARG E 102 32.99 -19.99 6.14
N ALA E 103 32.77 -20.99 7.00
CA ALA E 103 33.83 -21.39 7.93
C ALA E 103 35.02 -21.97 7.18
N SER E 104 34.76 -22.84 6.19
CA SER E 104 35.87 -23.46 5.46
C SER E 104 36.53 -22.46 4.51
N SER E 105 35.78 -21.45 4.07
CA SER E 105 36.29 -20.49 3.09
C SER E 105 36.83 -21.19 1.85
N ILE E 106 36.09 -22.21 1.40
CA ILE E 106 36.54 -23.00 0.26
C ILE E 106 36.68 -22.13 -0.99
N PHE E 107 35.70 -21.26 -1.24
CA PHE E 107 35.73 -20.47 -2.48
C PHE E 107 36.85 -19.44 -2.48
N PRO E 108 37.03 -18.61 -1.44
CA PRO E 108 38.20 -17.72 -1.45
C PRO E 108 39.53 -18.44 -1.59
N ILE E 109 39.67 -19.61 -0.95
CA ILE E 109 40.89 -20.40 -1.11
C ILE E 109 40.96 -21.01 -2.51
N LEU E 110 39.81 -21.47 -3.02
CA LEU E 110 39.79 -22.05 -4.37
C LEU E 110 40.22 -21.03 -5.41
N SER E 111 39.81 -19.77 -5.24
CA SER E 111 40.22 -18.73 -6.17
C SER E 111 41.74 -18.58 -6.18
N VAL E 112 42.38 -18.66 -5.01
CA VAL E 112 43.83 -18.57 -4.94
C VAL E 112 44.46 -19.73 -5.69
N ILE E 113 43.93 -20.94 -5.52
CA ILE E 113 44.49 -22.12 -6.18
C ILE E 113 44.38 -21.98 -7.70
N LEU E 114 43.21 -21.58 -8.19
CA LEU E 114 43.02 -21.46 -9.63
C LEU E 114 43.94 -20.40 -10.23
N LEU E 115 44.11 -19.28 -9.54
CA LEU E 115 45.05 -18.26 -10.02
C LEU E 115 46.47 -18.81 -10.08
N PHE E 116 46.87 -19.59 -9.07
CA PHE E 116 48.18 -20.21 -9.09
C PHE E 116 48.30 -21.20 -10.23
N MET E 117 47.27 -22.01 -10.46
CA MET E 117 47.31 -22.96 -11.56
C MET E 117 47.37 -22.25 -12.90
N GLY E 118 46.61 -21.16 -13.06
CA GLY E 118 46.69 -20.40 -14.28
C GLY E 118 48.06 -19.81 -14.53
N GLY E 119 48.75 -19.39 -13.47
CA GLY E 119 50.09 -18.86 -13.63
C GLY E 119 51.06 -19.87 -14.17
N LEU E 120 50.95 -21.13 -13.73
CA LEU E 120 51.82 -22.18 -14.23
C LEU E 120 51.64 -22.38 -15.73
N CYS E 121 50.40 -22.36 -16.20
CA CYS E 121 50.14 -22.49 -17.63
C CYS E 121 50.79 -21.36 -18.42
N ILE E 122 50.69 -20.14 -17.91
CA ILE E 122 51.39 -19.02 -18.55
C ILE E 122 52.89 -19.24 -18.51
N ALA E 123 53.41 -19.70 -17.37
CA ALA E 123 54.84 -19.98 -17.26
C ALA E 123 55.25 -21.10 -18.21
N ALA E 124 54.41 -22.13 -18.33
CA ALA E 124 54.71 -23.25 -19.23
C ALA E 124 54.50 -22.89 -20.69
N SER E 125 53.91 -21.73 -20.98
CA SER E 125 53.67 -21.30 -22.35
C SER E 125 54.90 -20.68 -23.01
N GLU E 126 56.04 -20.68 -22.32
CA GLU E 126 57.30 -20.21 -22.90
C GLU E 126 58.29 -21.34 -23.12
N PHE E 127 57.90 -22.58 -22.84
CA PHE E 127 58.70 -23.76 -23.13
C PHE E 127 58.07 -24.61 -24.23
N TYR E 128 56.80 -24.95 -24.09
CA TYR E 128 56.07 -25.70 -25.10
C TYR E 128 55.29 -24.75 -26.02
N LYS E 129 56.05 -23.94 -26.75
CA LYS E 129 55.45 -22.92 -27.60
C LYS E 129 54.59 -23.52 -28.70
N THR E 130 54.94 -24.71 -29.17
CA THR E 130 54.14 -25.37 -30.21
C THR E 130 52.73 -25.67 -29.71
N ARG E 131 52.59 -26.13 -28.48
CA ARG E 131 51.28 -26.40 -27.91
C ARG E 131 50.52 -25.09 -27.70
N HIS E 132 49.24 -25.10 -28.06
CA HIS E 132 48.39 -23.91 -27.95
C HIS E 132 47.29 -24.03 -26.91
N ASN E 133 46.86 -25.25 -26.58
CA ASN E 133 45.79 -25.41 -25.59
C ASN E 133 46.22 -25.02 -24.19
N ILE E 134 47.53 -24.90 -23.94
CA ILE E 134 47.99 -24.45 -22.63
C ILE E 134 47.52 -23.02 -22.36
N ILE E 135 47.59 -22.15 -23.37
CA ILE E 135 47.16 -20.78 -23.19
C ILE E 135 45.66 -20.71 -22.94
N LEU E 136 44.89 -21.59 -23.60
CA LEU E 136 43.45 -21.64 -23.35
C LEU E 136 43.15 -22.11 -21.93
N SER E 137 43.87 -23.13 -21.46
CA SER E 137 43.66 -23.62 -20.10
C SER E 137 43.88 -22.51 -19.08
N ALA E 138 44.88 -21.66 -19.30
CA ALA E 138 45.10 -20.53 -18.41
C ALA E 138 43.90 -19.59 -18.41
N GLY E 139 43.34 -19.32 -19.59
CA GLY E 139 42.18 -18.45 -19.67
C GLY E 139 41.00 -18.96 -18.87
N ILE E 140 40.77 -20.28 -18.91
CA ILE E 140 39.68 -20.86 -18.13
C ILE E 140 39.93 -20.71 -16.64
N PHE E 141 41.17 -20.94 -16.20
CA PHE E 141 41.49 -20.82 -14.78
C PHE E 141 41.26 -19.39 -14.27
N PHE E 142 41.70 -18.39 -15.03
CA PHE E 142 41.55 -17.01 -14.58
C PHE E 142 40.09 -16.59 -14.60
N VAL E 143 39.31 -17.05 -15.58
CA VAL E 143 37.88 -16.77 -15.58
C VAL E 143 37.19 -17.55 -14.46
N SER E 144 37.53 -18.83 -14.30
CA SER E 144 36.95 -19.61 -13.22
C SER E 144 37.30 -19.04 -11.86
N ALA E 145 38.54 -18.55 -11.70
CA ALA E 145 38.93 -17.94 -10.43
C ALA E 145 38.07 -16.72 -10.12
N GLY E 146 37.78 -15.91 -11.14
CA GLY E 146 36.91 -14.76 -10.92
C GLY E 146 35.53 -15.16 -10.46
N LEU E 147 34.97 -16.23 -11.04
CA LEU E 147 33.65 -16.69 -10.63
C LEU E 147 33.67 -17.24 -9.21
N SER E 148 34.79 -17.83 -8.79
CA SER E 148 34.89 -18.32 -7.43
C SER E 148 35.02 -17.16 -6.44
N ASN E 149 35.65 -16.07 -6.88
CA ASN E 149 35.77 -14.89 -6.03
C ASN E 149 34.42 -14.22 -5.82
N ILE E 150 33.52 -14.30 -6.81
CA ILE E 150 32.17 -13.77 -6.65
C ILE E 150 31.44 -14.53 -5.55
N ILE E 151 31.51 -15.86 -5.58
CA ILE E 151 30.82 -16.67 -4.59
C ILE E 151 31.36 -16.39 -3.19
N GLY E 152 32.68 -16.29 -3.06
CA GLY E 152 33.26 -16.00 -1.76
C GLY E 152 32.78 -14.68 -1.18
N ILE E 153 32.71 -13.64 -2.01
CA ILE E 153 32.22 -12.34 -1.54
C ILE E 153 30.77 -12.44 -1.12
N ILE E 154 29.95 -13.11 -1.92
CA ILE E 154 28.53 -13.25 -1.61
C ILE E 154 28.33 -14.03 -0.32
N VAL E 155 29.06 -15.13 -0.15
CA VAL E 155 28.92 -15.93 1.06
C VAL E 155 29.38 -15.13 2.28
N TYR E 156 30.50 -14.42 2.15
CA TYR E 156 31.00 -13.62 3.28
C TYR E 156 29.99 -12.57 3.70
N ILE E 157 29.40 -11.86 2.74
CA ILE E 157 28.41 -10.85 3.07
C ILE E 157 27.15 -11.49 3.64
N SER E 158 26.70 -12.60 3.04
CA SER E 158 25.50 -13.26 3.50
C SER E 158 25.65 -13.78 4.93
N ALA E 159 26.80 -14.38 5.23
CA ALA E 159 27.03 -14.91 6.58
C ALA E 159 27.03 -13.79 7.62
N ASN E 160 27.65 -12.65 7.30
CA ASN E 160 27.69 -11.54 8.23
C ASN E 160 26.32 -10.93 8.50
N ALA E 161 25.31 -11.28 7.72
CA ALA E 161 23.94 -10.82 7.97
C ALA E 161 23.19 -11.71 8.96
N GLY E 162 23.77 -12.84 9.36
CA GLY E 162 23.13 -13.73 10.31
C GLY E 162 22.87 -13.12 11.66
N ASN E 172 25.16 -1.05 14.93
CA ASN E 172 24.89 -2.03 13.88
C ASN E 172 25.57 -1.63 12.58
N SER E 173 26.51 -0.69 12.68
CA SER E 173 27.21 -0.17 11.52
C SER E 173 28.48 -0.98 11.26
N TYR E 174 28.92 -0.99 10.00
CA TYR E 174 30.15 -1.65 9.63
C TYR E 174 30.73 -0.98 8.40
N SER E 175 32.01 -1.28 8.13
CA SER E 175 32.73 -0.69 7.01
C SER E 175 33.77 -1.68 6.54
N TYR E 176 33.69 -2.09 5.28
CA TYR E 176 34.64 -3.05 4.73
C TYR E 176 36.03 -2.44 4.65
N GLY E 177 37.04 -3.26 4.91
CA GLY E 177 38.41 -2.80 4.97
C GLY E 177 39.15 -3.00 3.65
N TRP E 178 40.46 -2.70 3.70
CA TRP E 178 41.28 -2.82 2.50
C TRP E 178 41.41 -4.26 2.04
N SER E 179 41.48 -5.20 2.99
CA SER E 179 41.59 -6.61 2.62
C SER E 179 40.38 -7.06 1.80
N PHE E 180 39.19 -6.61 2.18
CA PHE E 180 38.01 -6.91 1.39
C PHE E 180 38.12 -6.35 -0.01
N TYR E 181 38.68 -5.15 -0.14
CA TYR E 181 38.82 -4.49 -1.42
C TYR E 181 39.98 -5.04 -2.24
N PHE E 182 40.82 -5.89 -1.63
CA PHE E 182 41.90 -6.52 -2.38
C PHE E 182 41.40 -7.75 -3.13
N GLY E 183 40.49 -8.51 -2.51
CA GLY E 183 39.87 -9.60 -3.23
C GLY E 183 38.96 -9.12 -4.35
N ALA E 184 38.20 -8.05 -4.09
CA ALA E 184 37.36 -7.47 -5.13
C ALA E 184 38.20 -6.95 -6.29
N LEU E 185 39.32 -6.28 -5.98
CA LEU E 185 40.21 -5.80 -7.02
C LEU E 185 40.88 -6.96 -7.75
N SER E 186 41.11 -8.08 -7.05
CA SER E 186 41.68 -9.25 -7.70
C SER E 186 40.74 -9.82 -8.75
N PHE E 187 39.44 -9.82 -8.47
CA PHE E 187 38.45 -10.32 -9.43
C PHE E 187 38.54 -9.57 -10.76
N ILE E 188 38.67 -8.24 -10.70
CA ILE E 188 38.73 -7.46 -11.93
C ILE E 188 39.99 -7.77 -12.71
N ILE E 189 41.14 -7.85 -12.02
CA ILE E 189 42.39 -8.16 -12.70
C ILE E 189 42.36 -9.56 -13.28
N ALA E 190 41.83 -10.52 -12.52
CA ALA E 190 41.78 -11.90 -13.01
C ALA E 190 40.92 -12.00 -14.27
N GLU E 191 39.77 -11.32 -14.29
CA GLU E 191 38.92 -11.36 -15.48
C GLU E 191 39.61 -10.70 -16.66
N MET E 192 40.33 -9.59 -16.43
CA MET E 192 41.08 -8.96 -17.51
C MET E 192 42.13 -9.90 -18.09
N VAL E 193 42.86 -10.61 -17.22
CA VAL E 193 43.86 -11.57 -17.69
C VAL E 193 43.19 -12.67 -18.51
N GLY E 194 42.03 -13.14 -18.06
CA GLY E 194 41.31 -14.15 -18.82
C GLY E 194 40.98 -13.70 -20.24
N VAL E 195 40.55 -12.45 -20.38
CA VAL E 195 40.28 -11.91 -21.71
C VAL E 195 41.56 -11.87 -22.53
N LEU E 196 42.66 -11.42 -21.91
CA LEU E 196 43.93 -11.34 -22.62
C LEU E 196 44.46 -12.73 -22.97
N ALA E 197 44.21 -13.72 -22.11
CA ALA E 197 44.67 -15.08 -22.41
C ALA E 197 43.87 -15.70 -23.55
N VAL E 198 42.55 -15.48 -23.55
CA VAL E 198 41.72 -15.99 -24.65
C VAL E 198 42.11 -15.30 -25.95
N HIS E 199 42.40 -13.99 -25.90
CA HIS E 199 42.78 -13.27 -27.11
C HIS E 199 44.10 -13.77 -27.68
N MET E 200 45.01 -14.24 -26.82
CA MET E 200 46.24 -14.84 -27.33
C MET E 200 45.94 -16.18 -28.02
N PHE E 201 45.05 -16.99 -27.43
CA PHE E 201 44.65 -18.23 -28.07
C PHE E 201 43.98 -17.97 -29.41
N ILE E 202 43.15 -16.94 -29.47
CA ILE E 202 42.48 -16.59 -30.72
C ILE E 202 43.50 -16.13 -31.77
N ASP E 203 44.42 -15.23 -31.38
CA ASP E 203 45.41 -14.73 -32.32
C ASP E 203 46.32 -15.83 -32.83
N ARG E 204 46.78 -16.71 -31.94
CA ARG E 204 47.64 -17.82 -32.36
C ARG E 204 47.00 -18.62 -33.49
N HIS E 205 45.77 -19.08 -33.29
CA HIS E 205 45.12 -19.92 -34.29
C HIS E 205 44.89 -19.14 -35.59
N LYS E 206 44.57 -17.85 -35.47
CA LYS E 206 44.40 -17.04 -36.68
C LYS E 206 45.69 -16.98 -37.49
N GLN E 207 46.82 -16.78 -36.82
CA GLN E 207 48.11 -16.81 -37.51
C GLN E 207 48.39 -18.20 -38.07
N LEU E 208 48.08 -19.24 -37.30
CA LEU E 208 48.33 -20.61 -37.76
C LEU E 208 47.47 -20.95 -38.96
N ARG E 209 46.22 -20.49 -38.99
CA ARG E 209 45.36 -20.75 -40.13
C ARG E 209 45.77 -19.90 -41.33
N ALA E 210 46.18 -18.65 -41.10
CA ALA E 210 46.61 -17.79 -42.19
C ALA E 210 47.82 -18.38 -42.91
N THR E 211 48.80 -18.85 -42.14
CA THR E 211 49.99 -19.45 -42.76
C THR E 211 49.63 -20.73 -43.51
N ALA E 212 48.76 -21.56 -42.91
CA ALA E 212 48.37 -22.81 -43.57
C ALA E 212 47.65 -22.54 -44.89
N ARG E 213 46.75 -21.55 -44.89
CA ARG E 213 46.04 -21.19 -46.12
C ARG E 213 47.02 -20.71 -47.19
N ALA E 214 47.99 -19.88 -46.79
CA ALA E 214 48.96 -19.37 -47.76
C ALA E 214 49.77 -20.49 -48.38
N THR E 215 50.14 -21.50 -47.58
CA THR E 215 50.87 -22.65 -48.13
C THR E 215 49.99 -23.46 -49.07
N ASP E 216 48.69 -23.57 -48.76
CA ASP E 216 47.79 -24.32 -49.64
C ASP E 216 47.64 -23.64 -50.99
N TYR E 217 47.53 -22.31 -51.00
CA TYR E 217 47.37 -21.57 -52.25
C TYR E 217 48.65 -21.54 -53.10
N LEU E 218 49.76 -22.06 -52.57
CA LEU E 218 51.04 -21.96 -53.27
C LEU E 218 51.46 -23.32 -53.81
N VAL F 397 21.43 -12.16 59.26
CA VAL F 397 20.03 -11.93 58.92
C VAL F 397 19.52 -13.11 58.10
N VAL F 398 18.26 -13.47 58.29
CA VAL F 398 17.61 -14.54 57.53
C VAL F 398 16.90 -13.90 56.35
N VAL F 399 17.57 -13.88 55.20
CA VAL F 399 16.96 -13.32 53.99
C VAL F 399 15.92 -14.30 53.45
N THR F 400 14.73 -13.80 53.16
CA THR F 400 13.66 -14.58 52.56
C THR F 400 13.56 -14.28 51.07
N THR F 401 13.50 -15.31 50.25
CA THR F 401 13.44 -15.16 48.81
C THR F 401 12.71 -16.36 48.23
N ILE F 402 12.32 -16.23 46.95
CA ILE F 402 11.52 -17.23 46.27
C ILE F 402 12.23 -17.63 44.98
N MET F 403 12.02 -18.88 44.57
CA MET F 403 12.70 -19.44 43.40
C MET F 403 12.00 -18.94 42.14
N GLU F 404 12.54 -17.89 41.54
CA GLU F 404 12.06 -17.39 40.25
C GLU F 404 13.29 -17.36 39.35
N SER F 405 13.19 -16.64 38.22
CA SER F 405 14.31 -16.44 37.31
C SER F 405 14.03 -15.19 36.52
N PRO F 406 15.03 -14.35 36.24
CA PRO F 406 16.44 -14.45 36.62
C PRO F 406 16.74 -13.85 38.00
N TYR F 407 15.85 -14.00 38.97
CA TYR F 407 16.07 -13.39 40.27
C TYR F 407 16.91 -14.29 41.19
N VAL F 408 16.54 -15.56 41.31
CA VAL F 408 17.34 -16.52 42.07
C VAL F 408 17.41 -17.83 41.29
N MET F 409 18.52 -18.07 40.61
CA MET F 409 18.72 -19.26 39.80
C MET F 409 19.69 -20.21 40.50
N TYR F 410 20.31 -21.10 39.73
CA TYR F 410 21.37 -21.97 40.22
C TYR F 410 22.42 -22.14 39.14
N LYS F 411 23.61 -22.56 39.56
CA LYS F 411 24.72 -22.74 38.65
C LYS F 411 24.66 -24.12 37.98
N LYS F 412 25.56 -24.34 37.02
CA LYS F 412 25.59 -25.60 36.31
C LYS F 412 25.98 -26.76 37.21
N ASN F 413 26.65 -26.49 38.33
CA ASN F 413 26.98 -27.50 39.33
C ASN F 413 26.53 -26.97 40.69
N HIS F 414 25.33 -27.36 41.12
CA HIS F 414 24.73 -26.88 42.36
C HIS F 414 24.67 -27.98 43.42
N GLU F 415 25.52 -28.99 43.32
CA GLU F 415 25.54 -30.10 44.26
C GLU F 415 26.63 -29.99 45.31
N MET F 416 27.63 -29.12 45.09
CA MET F 416 28.89 -29.19 45.80
C MET F 416 29.24 -27.94 46.58
N PHE F 417 28.61 -26.81 46.29
CA PHE F 417 28.82 -25.60 47.08
C PHE F 417 28.08 -25.74 48.41
N GLU F 418 28.06 -24.66 49.20
CA GLU F 418 27.63 -24.73 50.59
C GLU F 418 27.17 -23.33 51.01
N GLY F 419 25.86 -23.11 50.98
CA GLY F 419 25.30 -21.86 51.47
C GLY F 419 24.84 -20.88 50.42
N ASN F 420 25.05 -19.59 50.71
CA ASN F 420 24.66 -18.53 49.77
C ASN F 420 25.48 -18.58 48.48
N ASP F 421 26.69 -19.13 48.54
CA ASP F 421 27.52 -19.29 47.35
C ASP F 421 26.77 -20.02 46.25
N LYS F 422 25.84 -20.90 46.61
CA LYS F 422 25.14 -21.73 45.63
C LYS F 422 24.00 -20.99 44.92
N TYR F 423 23.62 -19.81 45.39
CA TYR F 423 22.55 -19.04 44.78
C TYR F 423 23.13 -17.96 43.88
N GLU F 424 22.54 -17.79 42.70
CA GLU F 424 22.92 -16.74 41.76
C GLU F 424 21.66 -16.13 41.17
N GLY F 425 21.77 -14.88 40.76
CA GLY F 425 20.65 -14.19 40.15
C GLY F 425 20.74 -12.70 40.42
N TYR F 426 19.58 -12.05 40.34
CA TYR F 426 19.50 -10.60 40.49
C TYR F 426 19.22 -10.19 41.93
N CYS F 427 18.52 -11.02 42.70
CA CYS F 427 18.24 -10.72 44.10
C CYS F 427 19.23 -11.39 45.04
N VAL F 428 20.33 -11.91 44.51
CA VAL F 428 21.43 -12.38 45.32
C VAL F 428 22.67 -11.50 45.17
N ASP F 429 22.85 -10.86 44.01
CA ASP F 429 23.89 -9.85 43.86
C ASP F 429 23.46 -8.54 44.51
N LEU F 430 22.18 -8.20 44.39
CA LEU F 430 21.65 -7.04 45.10
C LEU F 430 21.77 -7.21 46.60
N ALA F 431 21.51 -8.42 47.11
CA ALA F 431 21.66 -8.68 48.53
C ALA F 431 23.10 -8.53 48.98
N SER F 432 24.05 -8.94 48.14
CA SER F 432 25.46 -8.73 48.45
C SER F 432 25.79 -7.26 48.60
N GLU F 433 25.30 -6.44 47.65
CA GLU F 433 25.54 -5.00 47.72
C GLU F 433 24.83 -4.38 48.91
N ILE F 434 23.60 -4.81 49.20
CA ILE F 434 22.85 -4.25 50.32
C ILE F 434 23.53 -4.59 51.64
N ALA F 435 24.22 -5.73 51.70
CA ALA F 435 24.86 -6.17 52.93
C ALA F 435 26.32 -5.74 53.03
N LYS F 436 26.96 -5.45 51.90
CA LYS F 436 28.32 -4.92 51.94
C LYS F 436 28.34 -3.51 52.49
N HIS F 437 27.32 -2.71 52.18
CA HIS F 437 27.24 -1.36 52.72
C HIS F 437 26.86 -1.37 54.19
N ILE F 438 25.64 -1.86 54.49
CA ILE F 438 25.15 -1.86 55.87
C ILE F 438 26.06 -2.66 56.80
N GLY F 439 26.79 -3.63 56.25
CA GLY F 439 27.69 -4.43 57.05
C GLY F 439 26.98 -5.46 57.91
N ILE F 440 26.35 -6.45 57.28
CA ILE F 440 25.66 -7.52 57.97
C ILE F 440 26.03 -8.84 57.30
N LYS F 441 25.86 -9.92 58.06
CA LYS F 441 26.10 -11.28 57.59
C LYS F 441 24.75 -11.95 57.34
N TYR F 442 24.27 -11.86 56.11
CA TYR F 442 22.95 -12.37 55.78
C TYR F 442 23.01 -13.87 55.50
N LYS F 443 21.88 -14.55 55.77
CA LYS F 443 21.73 -15.96 55.45
C LYS F 443 20.47 -16.14 54.61
N ILE F 444 20.65 -16.61 53.38
CA ILE F 444 19.51 -16.83 52.49
C ILE F 444 18.75 -18.06 52.95
N ALA F 445 17.41 -17.97 52.92
CA ALA F 445 16.56 -19.03 53.45
C ALA F 445 15.28 -19.04 52.61
N ILE F 446 15.18 -20.00 51.69
CA ILE F 446 14.10 -20.02 50.73
C ILE F 446 12.77 -20.18 51.45
N VAL F 447 11.84 -19.29 51.16
CA VAL F 447 10.49 -19.28 51.72
C VAL F 447 9.91 -20.71 51.70
N PRO F 448 9.57 -21.29 52.86
CA PRO F 448 9.05 -22.66 52.88
C PRO F 448 7.78 -22.90 52.05
N ASP F 449 6.71 -22.14 52.30
CA ASP F 449 5.47 -22.40 51.59
C ASP F 449 5.55 -22.12 50.10
N GLY F 450 6.60 -21.41 49.66
CA GLY F 450 6.84 -21.23 48.23
C GLY F 450 5.79 -20.39 47.52
N LYS F 451 5.30 -19.33 48.17
CA LYS F 451 4.35 -18.41 47.56
C LYS F 451 4.82 -16.98 47.79
N TYR F 452 4.44 -16.10 46.86
CA TYR F 452 4.84 -14.70 46.96
C TYR F 452 4.24 -14.03 48.19
N GLY F 453 2.97 -14.27 48.47
CA GLY F 453 2.35 -13.68 49.64
C GLY F 453 0.95 -13.14 49.39
N ALA F 454 0.05 -13.39 50.34
CA ALA F 454 -1.33 -12.94 50.27
C ALA F 454 -1.96 -13.20 51.62
N ARG F 455 -3.16 -12.65 51.81
CA ARG F 455 -3.88 -12.77 53.08
C ARG F 455 -5.23 -13.41 52.82
N ASP F 456 -5.49 -14.54 53.48
CA ASP F 456 -6.72 -15.30 53.29
C ASP F 456 -7.83 -14.57 54.05
N ALA F 457 -8.81 -14.04 53.32
CA ALA F 457 -9.90 -13.32 53.95
C ALA F 457 -10.61 -14.18 55.00
N ASP F 458 -10.67 -15.49 54.79
CA ASP F 458 -11.24 -16.41 55.77
C ASP F 458 -10.60 -16.26 57.14
N THR F 459 -9.31 -16.60 57.24
CA THR F 459 -8.62 -16.66 58.53
C THR F 459 -7.69 -15.48 58.77
N LYS F 460 -7.55 -14.57 57.82
CA LYS F 460 -6.66 -13.41 57.91
C LYS F 460 -5.19 -13.82 58.10
N ILE F 461 -4.86 -15.07 57.85
CA ILE F 461 -3.50 -15.58 58.05
C ILE F 461 -2.65 -15.14 56.87
N TRP F 462 -1.65 -14.31 57.14
CA TRP F 462 -0.72 -13.85 56.10
C TRP F 462 0.22 -14.98 55.71
N ASN F 463 0.14 -15.43 54.46
CA ASN F 463 1.01 -16.47 53.94
C ASN F 463 2.11 -15.87 53.06
N GLY F 464 3.08 -16.70 52.72
CA GLY F 464 4.17 -16.26 51.86
C GLY F 464 5.14 -15.34 52.58
N MET F 465 6.05 -14.78 51.77
CA MET F 465 7.07 -13.88 52.29
C MET F 465 6.48 -12.79 53.18
N VAL F 466 5.43 -12.12 52.68
CA VAL F 466 4.77 -11.06 53.44
C VAL F 466 4.27 -11.57 54.79
N GLY F 467 4.03 -12.87 54.91
CA GLY F 467 3.56 -13.46 56.15
C GLY F 467 4.68 -14.17 56.87
N GLU F 468 5.83 -14.24 56.21
CA GLU F 468 7.06 -14.79 56.80
C GLU F 468 7.84 -13.71 57.55
N LEU F 469 7.34 -12.48 57.55
CA LEU F 469 7.97 -11.34 58.22
C LEU F 469 7.15 -10.78 59.37
N VAL F 470 5.82 -10.79 59.26
CA VAL F 470 4.97 -10.22 60.29
C VAL F 470 5.08 -11.01 61.58
N TYR F 471 5.26 -12.33 61.49
CA TYR F 471 5.28 -13.17 62.68
C TYR F 471 6.64 -13.14 63.35
N GLY F 472 7.72 -13.00 62.58
CA GLY F 472 9.06 -12.91 63.15
C GLY F 472 9.98 -14.00 62.67
N LYS F 473 9.68 -14.57 61.50
CA LYS F 473 10.49 -15.64 60.94
C LYS F 473 11.61 -15.14 60.03
N ALA F 474 11.79 -13.81 59.93
CA ALA F 474 12.85 -13.20 59.12
C ALA F 474 12.72 -11.69 59.24
N GLU F 475 13.81 -10.99 58.93
CA GLU F 475 13.85 -9.54 59.00
C GLU F 475 13.91 -8.89 57.62
N ILE F 476 14.90 -9.23 56.81
CA ILE F 476 15.15 -8.59 55.52
C ILE F 476 14.71 -9.56 54.43
N ALA F 477 13.66 -9.19 53.69
CA ALA F 477 13.14 -10.03 52.61
C ALA F 477 13.54 -9.46 51.24
N ILE F 478 14.80 -9.71 50.86
CA ILE F 478 15.30 -9.22 49.57
C ILE F 478 14.78 -10.18 48.49
N ALA F 479 13.71 -9.77 47.81
CA ALA F 479 13.09 -10.57 46.75
C ALA F 479 12.23 -9.66 45.90
N PRO F 480 11.62 -10.15 44.81
CA PRO F 480 10.62 -9.32 44.11
C PRO F 480 9.29 -9.30 44.85
N LEU F 481 9.04 -8.22 45.59
CA LEU F 481 7.83 -8.05 46.40
C LEU F 481 7.17 -6.72 46.02
N THR F 482 6.23 -6.76 45.08
CA THR F 482 5.56 -5.56 44.59
C THR F 482 4.96 -4.77 45.75
N ILE F 483 4.75 -3.48 45.58
CA ILE F 483 4.18 -2.63 46.62
C ILE F 483 2.67 -2.55 46.43
N THR F 484 1.91 -2.96 47.45
CA THR F 484 0.47 -2.88 47.45
C THR F 484 0.00 -2.35 48.81
N LEU F 485 -1.27 -1.95 48.87
CA LEU F 485 -1.82 -1.41 50.11
C LEU F 485 -2.05 -2.50 51.14
N VAL F 486 -2.53 -3.68 50.70
CA VAL F 486 -2.77 -4.79 51.61
C VAL F 486 -1.51 -5.15 52.40
N ARG F 487 -0.34 -4.93 51.80
CA ARG F 487 0.92 -5.26 52.45
C ARG F 487 1.56 -4.08 53.16
N GLU F 488 1.15 -2.85 52.85
CA GLU F 488 1.79 -1.67 53.44
C GLU F 488 1.39 -1.47 54.90
N GLU F 489 0.32 -2.11 55.35
CA GLU F 489 -0.14 -1.97 56.73
C GLU F 489 0.38 -3.06 57.64
N VAL F 490 1.19 -3.99 57.10
CA VAL F 490 1.74 -5.08 57.88
C VAL F 490 3.27 -5.12 57.79
N ILE F 491 3.82 -4.93 56.59
CA ILE F 491 5.27 -4.82 56.40
C ILE F 491 5.60 -3.42 55.90
N ASP F 492 6.89 -3.13 55.72
CA ASP F 492 7.39 -1.79 55.38
C ASP F 492 8.38 -1.90 54.24
N PHE F 493 7.90 -1.73 53.01
CA PHE F 493 8.72 -1.86 51.82
C PHE F 493 9.82 -0.81 51.76
N SER F 494 10.62 -0.85 50.70
CA SER F 494 11.68 0.12 50.44
C SER F 494 11.57 0.62 49.02
N LYS F 495 12.13 1.80 48.77
CA LYS F 495 12.06 2.51 47.49
C LYS F 495 12.23 1.56 46.30
N PRO F 496 11.42 1.71 45.25
CA PRO F 496 11.46 0.77 44.12
C PRO F 496 12.83 0.66 43.46
N PHE F 497 13.46 -0.50 43.60
CA PHE F 497 14.73 -0.79 42.94
C PHE F 497 14.56 -1.37 41.55
N MET F 498 13.34 -1.37 41.02
CA MET F 498 13.05 -1.87 39.67
C MET F 498 11.59 -1.62 39.33
N SER F 499 11.31 -1.24 38.08
CA SER F 499 9.97 -0.88 37.65
C SER F 499 9.36 -2.05 36.88
N LEU F 500 8.26 -2.58 37.39
CA LEU F 500 7.52 -3.67 36.78
C LEU F 500 6.27 -3.15 36.09
N GLY F 501 5.39 -4.08 35.69
CA GLY F 501 4.10 -3.73 35.14
C GLY F 501 3.43 -4.89 34.42
N ILE F 502 2.13 -5.07 34.68
CA ILE F 502 1.39 -6.19 34.11
C ILE F 502 1.55 -6.22 32.59
N SER F 503 1.65 -7.42 32.03
CA SER F 503 1.80 -7.58 30.59
C SER F 503 1.22 -8.92 30.18
N ILE F 504 0.71 -8.98 28.95
CA ILE F 504 -0.04 -10.14 28.46
C ILE F 504 0.91 -10.96 27.60
N MET F 505 1.40 -12.07 28.14
CA MET F 505 2.21 -13.00 27.36
C MET F 505 1.30 -13.91 26.55
N ILE F 506 1.80 -14.35 25.39
CA ILE F 506 1.09 -15.26 24.50
C ILE F 506 2.09 -16.22 23.88
N LYS F 507 1.59 -17.11 23.02
CA LYS F 507 2.44 -17.99 22.24
C LYS F 507 2.97 -17.26 21.02
N LYS F 508 4.23 -17.46 20.72
CA LYS F 508 4.89 -16.76 19.62
C LYS F 508 4.42 -17.29 18.27
N PRO F 509 3.71 -16.50 17.46
CA PRO F 509 3.30 -16.99 16.13
C PRO F 509 4.47 -17.06 15.18
N GLN F 510 5.19 -18.18 15.20
CA GLN F 510 6.38 -18.36 14.38
C GLN F 510 6.10 -18.04 12.92
N LYS F 511 6.99 -17.24 12.33
CA LYS F 511 6.88 -16.82 10.94
C LYS F 511 8.08 -17.36 10.16
N SER F 512 7.81 -17.84 8.95
CA SER F 512 8.85 -18.39 8.10
C SER F 512 9.94 -17.36 7.83
N LYS F 513 11.18 -17.85 7.72
CA LYS F 513 12.33 -16.99 7.49
C LYS F 513 12.76 -17.10 6.04
N PRO F 514 12.50 -16.09 5.21
CA PRO F 514 12.87 -16.17 3.79
C PRO F 514 14.29 -16.67 3.57
N GLY F 515 14.42 -17.70 2.76
CA GLY F 515 15.71 -18.26 2.41
C GLY F 515 16.35 -17.57 1.23
N VAL F 516 17.28 -18.28 0.59
CA VAL F 516 17.96 -17.73 -0.57
C VAL F 516 17.00 -17.60 -1.75
N PHE F 517 16.17 -18.63 -1.98
CA PHE F 517 15.25 -18.63 -3.11
C PHE F 517 13.88 -18.08 -2.70
N SER F 518 13.91 -16.84 -2.21
CA SER F 518 12.70 -16.17 -1.74
C SER F 518 12.09 -15.27 -2.80
N PHE F 519 12.76 -15.07 -3.93
CA PHE F 519 12.18 -14.34 -5.04
C PHE F 519 11.11 -15.13 -5.76
N LEU F 520 10.93 -16.41 -5.42
CA LEU F 520 9.87 -17.24 -5.98
C LEU F 520 8.61 -17.23 -5.12
N ASP F 521 8.63 -16.52 -3.99
CA ASP F 521 7.45 -16.48 -3.12
C ASP F 521 6.19 -15.93 -3.79
N PRO F 522 6.22 -14.85 -4.59
CA PRO F 522 4.96 -14.31 -5.11
C PRO F 522 4.11 -15.33 -5.87
N LEU F 523 4.73 -16.26 -6.58
CA LEU F 523 4.02 -17.28 -7.34
C LEU F 523 4.17 -18.62 -6.64
N ALA F 524 3.06 -19.32 -6.42
CA ALA F 524 3.12 -20.63 -5.80
C ALA F 524 3.86 -21.60 -6.72
N TYR F 525 4.46 -22.63 -6.12
CA TYR F 525 5.27 -23.57 -6.90
C TYR F 525 4.46 -24.26 -7.98
N GLU F 526 3.14 -24.30 -7.86
CA GLU F 526 2.32 -24.94 -8.88
C GLU F 526 2.18 -24.07 -10.12
N ILE F 527 2.34 -22.75 -9.99
CA ILE F 527 2.39 -21.87 -11.15
C ILE F 527 3.72 -22.01 -11.87
N TRP F 528 4.82 -22.04 -11.11
CA TRP F 528 6.13 -22.24 -11.72
C TRP F 528 6.20 -23.57 -12.47
N MET F 529 5.60 -24.62 -11.89
CA MET F 529 5.57 -25.91 -12.57
C MET F 529 4.81 -25.82 -13.88
N CYS F 530 3.66 -25.13 -13.89
CA CYS F 530 2.86 -25.04 -15.10
C CYS F 530 3.48 -24.11 -16.13
N ILE F 531 4.22 -23.08 -15.69
CA ILE F 531 4.91 -22.21 -16.64
C ILE F 531 5.93 -23.01 -17.44
N VAL F 532 6.66 -23.90 -16.78
CA VAL F 532 7.63 -24.75 -17.48
C VAL F 532 6.90 -25.65 -18.49
N PHE F 533 5.79 -26.26 -18.07
CA PHE F 533 5.02 -27.08 -18.99
C PHE F 533 4.47 -26.26 -20.15
N ALA F 534 3.97 -25.06 -19.87
CA ALA F 534 3.52 -24.18 -20.94
C ALA F 534 4.67 -23.80 -21.86
N TYR F 535 5.84 -23.52 -21.30
CA TYR F 535 7.00 -23.19 -22.12
C TYR F 535 7.36 -24.33 -23.06
N ILE F 536 7.35 -25.57 -22.55
CA ILE F 536 7.63 -26.73 -23.39
C ILE F 536 6.54 -26.90 -24.44
N GLY F 537 5.27 -26.77 -24.04
CA GLY F 537 4.18 -26.97 -24.98
C GLY F 537 4.14 -25.92 -26.09
N VAL F 538 4.33 -24.65 -25.73
CA VAL F 538 4.29 -23.58 -26.72
C VAL F 538 5.40 -23.75 -27.75
N SER F 539 6.61 -24.07 -27.29
CA SER F 539 7.74 -24.19 -28.20
C SER F 539 7.56 -25.34 -29.18
N VAL F 540 7.04 -26.48 -28.70
CA VAL F 540 6.80 -27.62 -29.59
C VAL F 540 5.74 -27.26 -30.63
N VAL F 541 4.66 -26.62 -30.20
CA VAL F 541 3.60 -26.23 -31.13
C VAL F 541 4.14 -25.21 -32.13
N LEU F 542 4.91 -24.23 -31.65
CA LEU F 542 5.49 -23.23 -32.55
C LEU F 542 6.41 -23.87 -33.57
N PHE F 543 7.22 -24.83 -33.14
CA PHE F 543 8.06 -25.57 -34.08
C PHE F 543 7.21 -26.40 -35.04
N LEU F 544 6.15 -27.03 -34.53
CA LEU F 544 5.35 -27.91 -35.37
C LEU F 544 4.69 -27.15 -36.51
N VAL F 545 3.99 -26.05 -36.19
CA VAL F 545 3.25 -25.31 -37.20
C VAL F 545 4.13 -24.53 -38.16
N SER F 546 5.44 -24.46 -37.89
CA SER F 546 6.35 -23.65 -38.69
C SER F 546 7.25 -24.46 -39.59
N ARG F 547 7.30 -25.78 -39.43
CA ARG F 547 8.21 -26.62 -40.20
C ARG F 547 7.59 -27.86 -40.80
N PHE F 548 6.44 -28.32 -40.29
CA PHE F 548 5.90 -29.61 -40.72
C PHE F 548 5.48 -29.58 -42.20
N SER F 549 4.88 -28.50 -42.66
CA SER F 549 4.33 -28.44 -44.01
C SER F 549 5.43 -28.58 -45.05
N PRO F 550 5.38 -29.58 -45.93
CA PRO F 550 6.43 -29.73 -46.94
C PRO F 550 6.32 -28.76 -48.10
N TYR F 551 5.22 -28.00 -48.21
CA TYR F 551 5.03 -27.06 -49.30
C TYR F 551 5.65 -25.70 -49.02
N GLU F 552 6.58 -25.63 -48.06
CA GLU F 552 7.29 -24.40 -47.75
C GLU F 552 8.79 -24.52 -47.94
N TRP F 553 9.36 -25.72 -47.89
CA TRP F 553 10.79 -25.93 -48.02
C TRP F 553 11.26 -25.68 -49.45
N PRO F 569 14.53 -24.80 -45.80
CA PRO F 569 13.88 -24.30 -44.58
C PRO F 569 13.27 -22.92 -44.75
N PRO F 570 11.94 -22.84 -44.71
CA PRO F 570 11.29 -21.54 -44.93
C PRO F 570 11.60 -20.52 -43.85
N ASN F 571 11.90 -20.96 -42.64
CA ASN F 571 12.17 -20.06 -41.53
C ASN F 571 13.25 -20.67 -40.64
N GLU F 572 13.74 -19.87 -39.69
CA GLU F 572 14.71 -20.31 -38.71
C GLU F 572 14.10 -20.96 -37.48
N PHE F 573 12.79 -21.16 -37.46
CA PHE F 573 12.11 -21.67 -36.26
C PHE F 573 12.18 -23.20 -36.24
N GLY F 574 13.36 -23.70 -35.86
CA GLY F 574 13.56 -25.11 -35.58
C GLY F 574 13.20 -25.44 -34.15
N ILE F 575 13.50 -26.68 -33.77
CA ILE F 575 13.22 -27.12 -32.40
C ILE F 575 14.14 -26.41 -31.40
N PHE F 576 15.23 -25.81 -31.86
CA PHE F 576 16.17 -25.14 -30.98
C PHE F 576 15.94 -23.64 -30.92
N ASN F 577 15.48 -23.03 -32.02
CA ASN F 577 15.21 -21.61 -32.05
C ASN F 577 13.82 -21.27 -31.55
N SER F 578 12.92 -22.25 -31.50
CA SER F 578 11.61 -22.03 -30.91
C SER F 578 11.70 -21.91 -29.39
N LEU F 579 12.52 -22.76 -28.77
CA LEU F 579 12.75 -22.65 -27.33
C LEU F 579 13.38 -21.31 -26.98
N TRP F 580 14.35 -20.86 -27.79
CA TRP F 580 14.99 -19.57 -27.54
C TRP F 580 14.01 -18.42 -27.71
N PHE F 581 13.17 -18.47 -28.74
CA PHE F 581 12.20 -17.40 -28.96
C PHE F 581 11.20 -17.32 -27.80
N SER F 582 10.69 -18.48 -27.37
CA SER F 582 9.73 -18.50 -26.27
C SER F 582 10.38 -18.01 -24.98
N LEU F 583 11.62 -18.42 -24.72
CA LEU F 583 12.31 -17.99 -23.52
C LEU F 583 12.51 -16.48 -23.50
N GLY F 584 12.96 -15.92 -24.62
CA GLY F 584 13.12 -14.48 -24.71
C GLY F 584 11.82 -13.73 -24.49
N ALA F 585 10.74 -14.20 -25.11
CA ALA F 585 9.44 -13.54 -24.95
C ALA F 585 9.00 -13.53 -23.50
N PHE F 586 9.14 -14.66 -22.80
CA PHE F 586 8.71 -14.73 -21.41
C PHE F 586 9.53 -13.79 -20.53
N MET F 587 10.83 -13.74 -20.76
CA MET F 587 11.72 -12.88 -19.98
C MET F 587 11.51 -11.40 -20.26
N GLN F 588 10.70 -11.06 -21.26
CA GLN F 588 10.46 -9.69 -21.74
C GLN F 588 11.65 -9.15 -22.53
N GLN F 589 12.55 -10.02 -22.94
CA GLN F 589 13.60 -9.71 -23.89
C GLN F 589 13.16 -10.20 -25.27
N GLY F 590 14.06 -10.14 -26.23
CA GLY F 590 13.83 -10.76 -27.52
C GLY F 590 14.50 -9.99 -28.64
N CYS F 591 14.90 -10.73 -29.66
CA CYS F 591 15.67 -10.21 -30.79
C CYS F 591 15.65 -11.28 -31.88
N ASP F 592 16.50 -11.09 -32.89
CA ASP F 592 16.80 -12.10 -33.91
C ASP F 592 15.66 -12.37 -34.89
N ILE F 593 14.62 -13.07 -34.44
CA ILE F 593 13.58 -13.56 -35.34
C ILE F 593 12.21 -13.47 -34.68
N SER F 594 11.20 -13.23 -35.50
CA SER F 594 9.80 -13.24 -35.10
C SER F 594 8.99 -14.07 -36.08
N PRO F 595 7.96 -14.78 -35.61
CA PRO F 595 7.17 -15.63 -36.51
C PRO F 595 6.50 -14.83 -37.61
N ARG F 596 6.56 -15.36 -38.84
CA ARG F 596 6.04 -14.68 -40.01
C ARG F 596 4.86 -15.37 -40.68
N SER F 597 4.55 -16.60 -40.30
CA SER F 597 3.39 -17.30 -40.85
C SER F 597 2.17 -17.09 -39.96
N LEU F 598 0.99 -17.29 -40.56
CA LEU F 598 -0.26 -17.12 -39.81
C LEU F 598 -0.31 -18.03 -38.60
N SER F 599 0.01 -19.31 -38.78
CA SER F 599 0.00 -20.25 -37.67
C SER F 599 1.03 -19.86 -36.61
N GLY F 600 2.23 -19.46 -37.04
CA GLY F 600 3.26 -19.07 -36.09
C GLY F 600 2.89 -17.82 -35.32
N ARG F 601 2.27 -16.84 -36.00
CA ARG F 601 1.89 -15.60 -35.33
C ARG F 601 0.86 -15.86 -34.24
N ILE F 602 -0.08 -16.78 -34.47
CA ILE F 602 -1.08 -17.10 -33.45
C ILE F 602 -0.40 -17.63 -32.20
N VAL F 603 0.56 -18.54 -32.37
CA VAL F 603 1.27 -19.08 -31.21
C VAL F 603 2.03 -17.98 -30.48
N GLY F 604 2.71 -17.12 -31.24
CA GLY F 604 3.40 -16.00 -30.62
C GLY F 604 2.46 -15.03 -29.92
N GLY F 605 1.30 -14.78 -30.54
CA GLY F 605 0.35 -13.83 -29.96
C GLY F 605 -0.17 -14.28 -28.60
N VAL F 606 -0.59 -15.54 -28.51
CA VAL F 606 -1.10 -16.06 -27.23
C VAL F 606 0.02 -16.15 -26.21
N TRP F 607 1.23 -16.53 -26.64
CA TRP F 607 2.36 -16.57 -25.73
C TRP F 607 2.70 -15.17 -25.21
N TRP F 608 2.64 -14.17 -26.09
CA TRP F 608 2.83 -12.79 -25.64
C TRP F 608 1.74 -12.38 -24.65
N PHE F 609 0.49 -12.77 -24.94
CA PHE F 609 -0.59 -12.48 -24.00
C PHE F 609 -0.37 -13.21 -22.68
N PHE F 610 0.02 -14.50 -22.75
CA PHE F 610 0.28 -15.26 -21.53
C PHE F 610 1.40 -14.64 -20.72
N THR F 611 2.47 -14.22 -21.40
CA THR F 611 3.61 -13.61 -20.70
C THR F 611 3.20 -12.32 -20.01
N LEU F 612 2.38 -11.49 -20.67
CA LEU F 612 2.03 -10.19 -20.13
C LEU F 612 1.32 -10.32 -18.78
N ILE F 613 0.39 -11.28 -18.67
CA ILE F 613 -0.34 -11.45 -17.42
C ILE F 613 0.57 -12.00 -16.33
N ILE F 614 1.36 -13.03 -16.66
CA ILE F 614 2.15 -13.71 -15.63
C ILE F 614 3.26 -12.80 -15.10
N ILE F 615 4.02 -12.16 -16.00
CA ILE F 615 5.09 -11.29 -15.56
C ILE F 615 4.54 -10.11 -14.76
N SER F 616 3.46 -9.50 -15.26
CA SER F 616 2.87 -8.37 -14.55
C SER F 616 2.35 -8.81 -13.18
N SER F 617 1.73 -9.97 -13.10
CA SER F 617 1.25 -10.48 -11.81
C SER F 617 2.41 -10.71 -10.85
N TYR F 618 3.51 -11.27 -11.35
CA TYR F 618 4.66 -11.51 -10.49
C TYR F 618 5.22 -10.20 -9.95
N THR F 619 5.45 -9.23 -10.83
CA THR F 619 6.00 -7.94 -10.41
C THR F 619 5.06 -7.22 -9.47
N ALA F 620 3.75 -7.21 -9.79
CA ALA F 620 2.78 -6.53 -8.93
C ALA F 620 2.70 -7.20 -7.56
N ASN F 621 2.66 -8.54 -7.54
CA ASN F 621 2.57 -9.25 -6.27
C ASN F 621 3.87 -9.15 -5.49
N LEU F 622 5.02 -9.13 -6.17
CA LEU F 622 6.29 -9.00 -5.47
C LEU F 622 6.39 -7.69 -4.70
N ALA F 623 5.70 -6.64 -5.17
CA ALA F 623 5.69 -5.38 -4.43
C ALA F 623 5.06 -5.55 -3.05
N ALA F 624 3.98 -6.34 -2.97
CA ALA F 624 3.36 -6.60 -1.68
C ALA F 624 4.30 -7.35 -0.74
N PHE F 625 5.01 -8.36 -1.26
CA PHE F 625 5.95 -9.10 -0.43
C PHE F 625 7.07 -8.21 0.09
N LEU F 626 7.58 -7.31 -0.76
CA LEU F 626 8.59 -6.35 -0.32
C LEU F 626 8.01 -5.30 0.62
N THR F 627 6.70 -5.10 0.63
CA THR F 627 6.05 -4.10 1.46
C THR F 627 5.13 -4.74 2.47
N VAL F 628 5.52 -5.90 3.02
CA VAL F 628 4.73 -6.55 4.05
C VAL F 628 4.65 -5.62 5.26
N GLU F 629 3.43 -5.29 5.68
CA GLU F 629 3.22 -4.49 6.87
C GLU F 629 3.38 -5.36 8.11
N ARG F 630 3.87 -4.76 9.18
CA ARG F 630 4.06 -5.48 10.43
C ARG F 630 2.73 -6.09 10.90
N MET F 631 2.67 -7.41 10.94
CA MET F 631 1.49 -8.11 11.41
C MET F 631 1.53 -8.29 12.91
N VAL F 632 0.36 -8.24 13.53
CA VAL F 632 0.21 -8.35 14.97
C VAL F 632 -0.81 -9.44 15.28
N SER F 633 -0.68 -10.04 16.45
CA SER F 633 -1.60 -11.06 16.88
C SER F 633 -2.98 -10.45 17.12
N PRO F 634 -4.05 -11.28 17.14
CA PRO F 634 -5.38 -10.76 17.46
C PRO F 634 -5.40 -9.96 18.76
N ILE F 635 -4.99 -10.58 19.86
CA ILE F 635 -4.99 -9.92 21.16
C ILE F 635 -3.83 -8.92 21.21
N GLU F 636 -4.17 -7.63 21.32
CA GLU F 636 -3.17 -6.58 21.36
C GLU F 636 -3.31 -5.67 22.58
N SER F 637 -4.22 -5.97 23.50
CA SER F 637 -4.35 -5.24 24.77
C SER F 637 -5.37 -5.99 25.62
N ALA F 638 -5.63 -5.44 26.80
CA ALA F 638 -6.62 -6.04 27.70
C ALA F 638 -8.01 -6.02 27.08
N GLU F 639 -8.36 -4.92 26.41
CA GLU F 639 -9.67 -4.81 25.78
C GLU F 639 -9.91 -5.94 24.78
N ASP F 640 -8.88 -6.28 23.99
CA ASP F 640 -9.03 -7.31 22.97
C ASP F 640 -9.41 -8.66 23.59
N LEU F 641 -9.07 -8.89 24.85
CA LEU F 641 -9.50 -10.11 25.52
C LEU F 641 -11.02 -10.16 25.65
N ALA F 642 -11.65 -9.02 25.96
CA ALA F 642 -13.11 -8.96 26.04
C ALA F 642 -13.77 -9.27 24.70
N LYS F 643 -13.07 -9.05 23.58
CA LYS F 643 -13.62 -9.32 22.26
C LYS F 643 -13.74 -10.81 21.95
N GLN F 644 -13.19 -11.69 22.79
CA GLN F 644 -13.22 -13.11 22.52
C GLN F 644 -13.41 -13.89 23.81
N THR F 645 -13.79 -15.15 23.68
CA THR F 645 -13.92 -16.05 24.82
C THR F 645 -13.25 -17.40 24.62
N GLU F 646 -12.92 -17.79 23.39
CA GLU F 646 -12.26 -19.08 23.19
C GLU F 646 -10.89 -19.13 23.85
N ILE F 647 -10.12 -18.05 23.71
CA ILE F 647 -8.79 -17.99 24.32
C ILE F 647 -8.93 -17.67 25.79
N ALA F 648 -8.32 -18.49 26.63
CA ALA F 648 -8.39 -18.30 28.08
C ALA F 648 -7.18 -17.53 28.58
N TYR F 649 -7.27 -17.07 29.82
CA TYR F 649 -6.17 -16.38 30.47
C TYR F 649 -6.35 -16.45 31.98
N GLY F 650 -5.26 -16.22 32.70
CA GLY F 650 -5.27 -16.29 34.14
C GLY F 650 -4.10 -15.54 34.73
N THR F 651 -3.99 -15.60 36.06
CA THR F 651 -2.94 -14.91 36.79
C THR F 651 -2.39 -15.84 37.87
N LEU F 652 -1.18 -15.53 38.31
CA LEU F 652 -0.54 -16.31 39.37
C LEU F 652 -1.32 -16.18 40.68
N ASP F 653 -1.27 -17.24 41.47
CA ASP F 653 -1.94 -17.26 42.78
C ASP F 653 -1.10 -16.53 43.82
N SER F 654 -1.78 -15.85 44.74
CA SER F 654 -1.13 -15.14 45.84
C SER F 654 -0.07 -14.17 45.34
N GLY F 655 -0.38 -13.49 44.24
CA GLY F 655 0.56 -12.56 43.63
C GLY F 655 -0.15 -11.27 43.26
N SER F 656 0.59 -10.17 43.38
CA SER F 656 0.08 -8.80 43.22
C SER F 656 -0.92 -8.71 42.07
N THR F 657 -0.59 -9.32 40.94
CA THR F 657 -1.44 -9.21 39.74
C THR F 657 -2.85 -9.70 40.04
N LYS F 658 -2.96 -10.87 40.68
CA LYS F 658 -4.27 -11.42 41.01
C LYS F 658 -5.06 -10.46 41.89
N GLU F 659 -4.40 -9.81 42.85
CA GLU F 659 -5.08 -8.90 43.76
C GLU F 659 -5.53 -7.63 43.03
N PHE F 660 -4.85 -7.27 41.94
CA PHE F 660 -5.20 -6.06 41.20
C PHE F 660 -6.57 -6.19 40.54
N PHE F 661 -6.80 -7.31 39.85
CA PHE F 661 -8.09 -7.52 39.19
C PHE F 661 -9.23 -7.59 40.21
N ARG F 662 -9.00 -8.28 41.34
CA ARG F 662 -10.05 -8.43 42.35
C ARG F 662 -10.58 -7.08 42.81
N ARG F 663 -9.68 -6.13 43.08
CA ARG F 663 -10.07 -4.83 43.61
C ARG F 663 -10.10 -3.74 42.54
N SER F 664 -9.90 -4.09 41.28
CA SER F 664 -9.97 -3.10 40.20
C SER F 664 -11.41 -2.63 40.01
N LYS F 665 -11.63 -1.32 40.16
CA LYS F 665 -12.95 -0.72 39.95
C LYS F 665 -13.09 -0.14 38.55
N ILE F 666 -12.45 -0.77 37.56
CA ILE F 666 -12.49 -0.30 36.19
C ILE F 666 -13.53 -1.14 35.44
N ALA F 667 -14.00 -0.62 34.31
CA ALA F 667 -15.02 -1.33 33.54
C ALA F 667 -14.46 -2.58 32.88
N VAL F 668 -13.23 -2.52 32.38
CA VAL F 668 -12.65 -3.64 31.66
C VAL F 668 -12.00 -4.64 32.61
N TYR F 669 -11.24 -4.15 33.59
CA TYR F 669 -10.53 -5.04 34.50
C TYR F 669 -11.49 -5.84 35.37
N GLU F 670 -12.57 -5.22 35.84
CA GLU F 670 -13.57 -5.95 36.61
C GLU F 670 -14.10 -7.14 35.83
N LYS F 671 -14.51 -6.91 34.57
CA LYS F 671 -15.02 -8.00 33.73
C LYS F 671 -14.09 -9.19 33.74
N MET F 672 -12.78 -8.95 33.65
CA MET F 672 -11.82 -10.04 33.59
C MET F 672 -11.82 -10.86 34.87
N TRP F 673 -11.89 -10.17 36.02
CA TRP F 673 -11.86 -10.87 37.31
C TRP F 673 -12.98 -11.91 37.40
N THR F 674 -14.15 -11.60 36.83
CA THR F 674 -15.27 -12.51 36.92
C THR F 674 -15.18 -13.63 35.89
N TYR F 675 -14.61 -13.34 34.72
CA TYR F 675 -14.43 -14.36 33.69
C TYR F 675 -13.58 -15.52 34.21
N MET F 676 -12.48 -15.21 34.91
CA MET F 676 -11.52 -16.23 35.27
C MET F 676 -11.91 -16.98 36.55
N ARG F 677 -12.49 -16.27 37.53
CA ARG F 677 -12.85 -16.91 38.78
C ARG F 677 -13.83 -18.06 38.58
N SER F 678 -14.69 -17.98 37.57
CA SER F 678 -15.71 -18.99 37.33
C SER F 678 -15.36 -19.91 36.17
N ALA F 679 -14.14 -19.85 35.65
CA ALA F 679 -13.73 -20.60 34.48
C ALA F 679 -13.01 -21.88 34.91
N GLU F 680 -13.50 -23.02 34.42
CA GLU F 680 -12.85 -24.31 34.62
C GLU F 680 -12.03 -24.69 33.39
N PRO F 681 -10.86 -25.31 33.57
CA PRO F 681 -10.25 -25.77 34.83
C PRO F 681 -9.48 -24.67 35.55
N SER F 682 -8.44 -25.02 36.30
CA SER F 682 -7.73 -24.03 37.11
C SER F 682 -6.78 -23.25 36.21
N VAL F 683 -7.05 -21.95 36.06
CA VAL F 683 -6.15 -21.07 35.34
C VAL F 683 -5.13 -20.40 36.27
N PHE F 684 -5.41 -20.34 37.57
CA PHE F 684 -4.52 -19.72 38.54
C PHE F 684 -3.43 -20.74 38.89
N THR F 685 -2.31 -20.65 38.18
CA THR F 685 -1.22 -21.60 38.36
C THR F 685 -0.55 -21.42 39.71
N ARG F 686 -0.01 -22.53 40.24
CA ARG F 686 0.68 -22.50 41.52
C ARG F 686 1.95 -21.66 41.45
N THR F 687 2.69 -21.74 40.35
CA THR F 687 3.93 -21.01 40.17
C THR F 687 4.04 -20.54 38.72
N THR F 688 4.91 -19.55 38.51
CA THR F 688 5.10 -19.00 37.17
C THR F 688 5.65 -20.03 36.21
N ALA F 689 6.49 -20.95 36.71
CA ALA F 689 7.09 -21.96 35.84
C ALA F 689 6.02 -22.84 35.20
N GLU F 690 4.99 -23.21 35.97
CA GLU F 690 3.92 -24.03 35.43
C GLU F 690 3.11 -23.25 34.40
N GLY F 691 2.81 -21.98 34.67
CA GLY F 691 1.99 -21.21 33.75
C GLY F 691 2.65 -21.01 32.40
N VAL F 692 3.93 -20.64 32.41
CA VAL F 692 4.64 -20.38 31.16
C VAL F 692 4.71 -21.64 30.31
N ALA F 693 5.02 -22.78 30.94
CA ALA F 693 5.08 -24.04 30.20
C ALA F 693 3.72 -24.41 29.62
N ARG F 694 2.65 -24.18 30.39
CA ARG F 694 1.31 -24.49 29.89
C ARG F 694 0.96 -23.66 28.67
N VAL F 695 1.38 -22.40 28.64
CA VAL F 695 1.11 -21.56 27.47
C VAL F 695 1.87 -22.09 26.27
N ARG F 696 3.10 -22.57 26.49
CA ARG F 696 3.90 -23.11 25.39
C ARG F 696 3.20 -24.28 24.74
N LYS F 697 2.69 -25.23 25.56
CA LYS F 697 1.98 -26.38 25.03
C LYS F 697 0.60 -26.00 24.50
N SER F 698 0.06 -24.85 24.92
CA SER F 698 -1.27 -24.44 24.51
C SER F 698 -1.32 -24.20 23.01
N LYS F 699 -0.23 -23.68 22.42
CA LYS F 699 -0.08 -23.34 21.01
C LYS F 699 -0.83 -22.06 20.64
N GLY F 700 -1.29 -21.29 21.63
CA GLY F 700 -1.97 -20.03 21.37
C GLY F 700 -3.35 -19.92 21.98
N LYS F 701 -3.89 -20.96 22.61
CA LYS F 701 -5.23 -20.85 23.19
C LYS F 701 -5.22 -20.26 24.59
N PHE F 702 -4.05 -20.01 25.17
CA PHE F 702 -3.94 -19.44 26.50
C PHE F 702 -2.98 -18.26 26.49
N ALA F 703 -3.36 -17.20 27.21
CA ALA F 703 -2.51 -16.04 27.41
C ALA F 703 -2.22 -15.89 28.90
N PHE F 704 -0.93 -15.76 29.25
CA PHE F 704 -0.52 -15.66 30.63
C PHE F 704 -0.32 -14.19 31.00
N LEU F 705 -0.96 -13.76 32.08
CA LEU F 705 -0.87 -12.39 32.56
C LEU F 705 0.13 -12.33 33.70
N LEU F 706 1.18 -11.55 33.52
CA LEU F 706 2.23 -11.46 34.53
C LEU F 706 2.92 -10.11 34.38
N GLU F 707 3.85 -9.84 35.30
CA GLU F 707 4.61 -8.60 35.27
C GLU F 707 5.59 -8.56 34.09
N SER F 708 5.91 -7.35 33.66
CA SER F 708 6.77 -7.16 32.49
C SER F 708 8.15 -7.76 32.72
N THR F 709 8.70 -7.60 33.92
CA THR F 709 10.08 -8.04 34.17
C THR F 709 10.24 -9.53 33.90
N MET F 710 9.30 -10.35 34.39
CA MET F 710 9.32 -11.76 34.06
C MET F 710 9.01 -12.02 32.58
N ASN F 711 8.48 -11.02 31.87
CA ASN F 711 8.14 -11.15 30.47
C ASN F 711 9.27 -10.66 29.57
N GLU F 712 10.49 -10.60 30.09
CA GLU F 712 11.65 -10.19 29.31
C GLU F 712 12.83 -11.13 29.44
N TYR F 713 12.80 -12.07 30.38
CA TYR F 713 13.78 -13.14 30.46
C TYR F 713 13.23 -14.46 29.95
N ILE F 714 12.08 -14.43 29.28
CA ILE F 714 11.51 -15.59 28.63
C ILE F 714 11.45 -15.41 27.12
N GLU F 715 11.18 -14.19 26.65
CA GLU F 715 11.18 -13.90 25.23
C GLU F 715 12.59 -13.91 24.65
N GLN F 716 13.61 -13.73 25.50
CA GLN F 716 15.00 -13.74 25.08
C GLN F 716 15.76 -14.95 25.63
N ARG F 717 15.03 -16.04 25.90
CA ARG F 717 15.62 -17.27 26.38
C ARG F 717 14.95 -18.45 25.69
N LYS F 718 15.66 -19.57 25.62
CA LYS F 718 15.22 -20.68 24.79
C LYS F 718 13.94 -21.30 25.36
N PRO F 719 13.17 -21.99 24.52
CA PRO F 719 13.26 -22.06 23.05
C PRO F 719 12.78 -20.80 22.34
N CYS F 720 12.58 -19.69 23.08
CA CYS F 720 12.19 -18.41 22.51
C CYS F 720 10.88 -18.52 21.72
N ASP F 721 9.82 -18.83 22.47
CA ASP F 721 8.51 -19.09 21.90
C ASP F 721 7.40 -18.34 22.64
N THR F 722 7.72 -17.15 23.16
CA THR F 722 6.74 -16.29 23.82
C THR F 722 7.06 -14.85 23.46
N MET F 723 6.00 -14.03 23.35
CA MET F 723 6.14 -12.63 22.98
C MET F 723 5.16 -11.78 23.76
N LYS F 724 5.59 -10.58 24.10
CA LYS F 724 4.76 -9.64 24.86
C LYS F 724 3.96 -8.78 23.89
N VAL F 725 2.63 -8.82 24.03
CA VAL F 725 1.72 -8.02 23.21
C VAL F 725 1.06 -6.99 24.09
N GLY F 726 1.20 -5.72 23.73
CA GLY F 726 0.55 -4.67 24.49
C GLY F 726 1.45 -4.07 25.54
N GLY F 727 1.21 -2.78 25.83
CA GLY F 727 1.93 -2.09 26.89
C GLY F 727 1.60 -2.62 28.26
N ASN F 728 1.92 -1.84 29.29
CA ASN F 728 1.65 -2.26 30.66
C ASN F 728 0.30 -1.73 31.14
N LEU F 729 -0.31 -2.47 32.06
CA LEU F 729 -1.61 -2.09 32.59
C LEU F 729 -1.50 -1.16 33.79
N ASP F 730 -0.46 -1.32 34.61
CA ASP F 730 -0.24 -0.46 35.75
C ASP F 730 1.27 -0.29 35.96
N SER F 731 1.64 0.79 36.65
CA SER F 731 3.03 1.10 36.95
C SER F 731 3.30 0.76 38.41
N LYS F 732 4.13 -0.24 38.65
CA LYS F 732 4.46 -0.69 40.00
C LYS F 732 5.96 -0.91 40.09
N GLY F 733 6.42 -1.21 41.30
CA GLY F 733 7.83 -1.47 41.51
C GLY F 733 8.08 -2.50 42.59
N TYR F 734 9.30 -3.02 42.61
CA TYR F 734 9.75 -4.00 43.58
C TYR F 734 10.35 -3.30 44.79
N GLY F 735 10.50 -4.05 45.87
CA GLY F 735 10.96 -3.44 47.11
C GLY F 735 11.56 -4.45 48.05
N VAL F 736 12.13 -3.93 49.13
CA VAL F 736 12.73 -4.73 50.19
C VAL F 736 11.92 -4.50 51.45
N ALA F 737 11.35 -5.57 51.98
CA ALA F 737 10.44 -5.47 53.11
C ALA F 737 11.17 -5.67 54.43
N THR F 738 10.44 -5.40 55.53
CA THR F 738 10.85 -5.42 56.94
C THR F 738 9.60 -5.31 57.80
N PRO F 739 9.63 -5.85 59.03
CA PRO F 739 8.51 -5.62 59.95
C PRO F 739 8.33 -4.13 60.23
N LYS F 740 7.16 -3.78 60.79
CA LYS F 740 6.81 -2.39 61.02
C LYS F 740 7.34 -1.87 62.35
N GLY F 741 8.43 -2.44 62.85
CA GLY F 741 9.13 -1.91 64.00
C GLY F 741 10.62 -2.18 63.86
N SER F 742 11.03 -2.52 62.65
CA SER F 742 12.40 -2.94 62.39
C SER F 742 13.37 -1.79 62.58
N SER F 743 14.52 -2.09 63.18
CA SER F 743 15.65 -1.17 63.21
C SER F 743 16.46 -1.20 61.92
N LEU F 744 16.04 -2.01 60.94
CA LEU F 744 16.71 -2.13 59.65
C LEU F 744 15.91 -1.44 58.55
N ARG F 745 15.21 -0.36 58.88
CA ARG F 745 14.43 0.39 57.91
C ARG F 745 15.26 1.50 57.25
N THR F 746 15.95 2.30 58.06
CA THR F 746 16.76 3.38 57.50
C THR F 746 18.00 2.87 56.78
N PRO F 747 18.83 1.97 57.35
CA PRO F 747 19.99 1.47 56.59
C PRO F 747 19.64 0.87 55.24
N VAL F 748 18.49 0.21 55.11
CA VAL F 748 18.15 -0.46 53.84
C VAL F 748 17.50 0.50 52.85
N ASN F 749 16.93 1.61 53.32
CA ASN F 749 16.31 2.57 52.42
C ASN F 749 17.31 3.61 51.90
N LEU F 750 18.38 3.85 52.64
CA LEU F 750 19.47 4.70 52.17
C LEU F 750 20.44 3.95 51.28
N ALA F 751 20.50 2.62 51.40
CA ALA F 751 21.40 1.81 50.59
C ALA F 751 20.97 1.80 49.12
N VAL F 752 19.67 1.61 48.86
CA VAL F 752 19.20 1.51 47.49
C VAL F 752 19.52 2.79 46.72
N LEU F 753 19.31 3.95 47.33
CA LEU F 753 19.62 5.23 46.69
C LEU F 753 21.11 5.39 46.40
N LYS F 754 21.94 4.43 46.81
CA LYS F 754 23.37 4.48 46.55
C LYS F 754 23.78 3.58 45.40
N LEU F 755 23.10 2.45 45.21
CA LEU F 755 23.31 1.62 44.04
C LEU F 755 22.66 2.20 42.79
N SER F 756 21.74 3.14 42.93
CA SER F 756 21.13 3.79 41.79
C SER F 756 21.98 4.93 41.26
N GLU F 757 22.38 5.85 42.15
CA GLU F 757 23.32 6.90 41.76
C GLU F 757 24.62 6.31 41.22
N ALA F 758 25.14 5.26 41.88
CA ALA F 758 26.31 4.58 41.37
C ALA F 758 26.06 3.89 40.03
N GLY F 759 24.81 3.59 39.71
CA GLY F 759 24.49 2.86 38.50
C GLY F 759 24.57 1.35 38.62
N VAL F 760 24.81 0.82 39.82
CA VAL F 760 24.90 -0.62 39.98
C VAL F 760 23.59 -1.30 39.62
N LEU F 761 22.47 -0.72 40.05
CA LEU F 761 21.16 -1.27 39.72
C LEU F 761 20.99 -1.47 38.23
N ASP F 762 21.46 -0.51 37.42
CA ASP F 762 21.42 -0.69 35.97
C ASP F 762 22.37 -1.79 35.53
N LYS F 763 23.55 -1.87 36.14
CA LYS F 763 24.50 -2.92 35.81
C LYS F 763 23.90 -4.30 36.05
N LEU F 764 23.23 -4.47 37.19
CA LEU F 764 22.63 -5.77 37.51
C LEU F 764 21.56 -6.15 36.51
N LYS F 765 20.80 -5.17 36.02
CA LYS F 765 19.71 -5.48 35.08
C LYS F 765 20.22 -5.68 33.65
N ASN F 766 21.45 -5.28 33.36
CA ASN F 766 22.04 -5.53 32.06
C ASN F 766 22.69 -6.91 31.97
N LYS F 767 23.20 -7.41 33.08
CA LYS F 767 23.88 -8.69 33.14
C LYS F 767 22.91 -9.87 33.31
N TRP F 768 21.64 -9.59 33.65
CA TRP F 768 20.67 -10.64 33.91
C TRP F 768 19.47 -10.59 32.99
N TRP F 769 19.38 -9.62 32.08
CA TRP F 769 18.27 -9.57 31.14
C TRP F 769 18.76 -9.39 29.71
N TYR F 770 19.92 -8.75 29.53
CA TYR F 770 20.43 -8.42 28.20
C TYR F 770 21.68 -9.22 27.86
N ASP F 771 22.72 -9.15 28.70
CA ASP F 771 23.95 -9.90 28.48
C ASP F 771 23.68 -11.33 28.02
N LYS F 772 22.73 -12.00 28.67
CA LYS F 772 22.41 -13.40 28.36
C LYS F 772 21.26 -13.48 27.36
N GLY F 773 21.50 -12.92 26.18
CA GLY F 773 20.51 -12.91 25.12
C GLY F 773 20.67 -14.11 24.21
N GLU F 774 19.67 -15.00 24.19
CA GLU F 774 19.75 -16.22 23.40
C GLU F 774 19.08 -16.12 22.04
N CYS F 775 18.16 -15.17 21.85
CA CYS F 775 17.58 -14.93 20.54
C CYS F 775 17.38 -13.43 20.36
N GLY F 776 17.39 -12.99 19.10
CA GLY F 776 17.22 -11.59 18.77
C GLY F 776 17.43 -11.29 17.30
N LYS F 785 8.33 1.04 7.20
CA LYS F 785 9.25 2.06 6.72
C LYS F 785 10.18 1.50 5.65
N THR F 786 10.25 2.21 4.52
CA THR F 786 11.12 1.87 3.40
C THR F 786 12.50 1.43 3.87
N SER F 787 12.84 0.18 3.60
CA SER F 787 14.10 -0.42 4.03
C SER F 787 14.85 -0.92 2.80
N ALA F 788 16.08 -0.45 2.63
CA ALA F 788 16.93 -0.91 1.53
C ALA F 788 17.01 -2.43 1.52
N LEU F 789 16.91 -3.00 0.31
CA LEU F 789 16.96 -4.44 0.16
C LEU F 789 18.37 -4.96 0.44
N SER F 790 18.45 -6.06 1.19
CA SER F 790 19.73 -6.65 1.56
C SER F 790 20.17 -7.71 0.54
N LEU F 791 21.48 -7.92 0.47
CA LEU F 791 22.03 -8.90 -0.45
C LEU F 791 21.58 -10.32 -0.09
N SER F 792 21.54 -10.64 1.20
CA SER F 792 21.17 -11.99 1.62
C SER F 792 19.77 -12.36 1.16
N ASN F 793 18.90 -11.38 0.98
CA ASN F 793 17.53 -11.67 0.53
C ASN F 793 17.50 -12.04 -0.95
N VAL F 794 18.48 -11.58 -1.72
CA VAL F 794 18.48 -11.81 -3.17
C VAL F 794 19.77 -12.54 -3.53
N ALA F 795 20.26 -13.37 -2.61
CA ALA F 795 21.48 -14.13 -2.87
C ALA F 795 21.24 -15.34 -3.76
N GLY F 796 19.99 -15.79 -3.90
CA GLY F 796 19.72 -16.97 -4.69
C GLY F 796 20.03 -16.80 -6.17
N VAL F 797 19.64 -15.66 -6.74
CA VAL F 797 19.87 -15.43 -8.17
C VAL F 797 21.36 -15.44 -8.49
N PHE F 798 22.18 -14.90 -7.60
CA PHE F 798 23.63 -14.89 -7.83
C PHE F 798 24.18 -16.31 -7.91
N TYR F 799 23.73 -17.20 -7.02
CA TYR F 799 24.16 -18.58 -7.09
C TYR F 799 23.70 -19.24 -8.38
N ILE F 800 22.45 -18.96 -8.79
CA ILE F 800 21.96 -19.50 -10.06
C ILE F 800 22.75 -18.93 -11.22
N LEU F 801 23.03 -17.62 -11.19
CA LEU F 801 23.78 -16.99 -12.27
C LEU F 801 25.18 -17.60 -12.40
N VAL F 802 25.90 -17.72 -11.30
CA VAL F 802 27.24 -18.32 -11.34
C VAL F 802 27.14 -19.77 -11.76
N GLY F 803 26.11 -20.48 -11.29
CA GLY F 803 25.91 -21.86 -11.72
C GLY F 803 25.69 -21.96 -13.22
N GLY F 804 24.93 -21.03 -13.78
CA GLY F 804 24.73 -21.03 -15.22
C GLY F 804 26.01 -20.73 -15.98
N LEU F 805 26.80 -19.77 -15.49
CA LEU F 805 28.07 -19.46 -16.12
C LEU F 805 29.02 -20.64 -16.08
N GLY F 806 29.10 -21.33 -14.93
CA GLY F 806 29.93 -22.52 -14.85
C GLY F 806 29.44 -23.62 -15.76
N LEU F 807 28.13 -23.82 -15.84
CA LEU F 807 27.56 -24.83 -16.73
C LEU F 807 27.86 -24.50 -18.19
N ALA F 808 27.73 -23.22 -18.56
CA ALA F 808 27.95 -22.82 -19.95
C ALA F 808 29.37 -23.11 -20.40
N MET F 809 30.36 -22.82 -19.55
CA MET F 809 31.74 -23.14 -19.90
C MET F 809 31.94 -24.64 -20.02
N LEU F 810 31.29 -25.41 -19.14
CA LEU F 810 31.37 -26.87 -19.23
C LEU F 810 30.83 -27.37 -20.56
N VAL F 811 29.68 -26.83 -20.99
CA VAL F 811 29.09 -27.24 -22.26
C VAL F 811 30.01 -26.87 -23.41
N ALA F 812 30.55 -25.65 -23.40
CA ALA F 812 31.39 -25.19 -24.50
C ALA F 812 32.67 -26.01 -24.59
N LEU F 813 33.29 -26.32 -23.45
CA LEU F 813 34.52 -27.09 -23.47
C LEU F 813 34.29 -28.54 -23.90
N ILE F 814 33.14 -29.11 -23.57
CA ILE F 814 32.82 -30.46 -24.06
C ILE F 814 32.73 -30.45 -25.58
N GLU F 815 32.05 -29.46 -26.15
CA GLU F 815 31.98 -29.34 -27.60
C GLU F 815 33.36 -29.21 -28.22
N PHE F 816 34.35 -28.75 -27.47
CA PHE F 816 35.68 -28.49 -27.98
C PHE F 816 36.59 -29.71 -27.83
N CYS F 817 36.37 -30.50 -26.78
CA CYS F 817 37.11 -31.77 -26.61
C CYS F 817 36.56 -32.81 -27.59
N TYR F 818 35.26 -32.80 -27.87
CA TYR F 818 34.67 -33.76 -28.81
C TYR F 818 35.19 -33.50 -30.21
N LYS F 819 35.31 -32.22 -30.56
CA LYS F 819 35.80 -31.85 -31.88
C LYS F 819 37.31 -32.07 -32.00
N SER F 820 38.05 -31.84 -30.92
CA SER F 820 39.50 -32.00 -30.99
C SER F 820 39.89 -33.47 -31.16
N ARG F 821 39.23 -34.38 -30.45
CA ARG F 821 39.54 -35.81 -30.61
C ARG F 821 39.28 -36.26 -32.04
N ALA F 822 38.13 -35.85 -32.61
CA ALA F 822 37.75 -36.33 -33.93
C ALA F 822 38.77 -35.90 -34.98
N GLU F 823 39.17 -34.63 -34.95
CA GLU F 823 40.18 -34.14 -35.90
C GLU F 823 41.43 -35.01 -35.87
N ALA F 824 41.90 -35.38 -34.68
CA ALA F 824 43.05 -36.28 -34.58
C ALA F 824 42.74 -37.64 -35.18
N LYS F 825 41.51 -38.12 -35.03
CA LYS F 825 41.13 -39.41 -35.58
C LYS F 825 40.79 -39.35 -37.06
N ARG F 826 40.55 -38.16 -37.60
CA ARG F 826 40.24 -38.00 -39.01
C ARG F 826 41.19 -37.00 -39.67
N VAL G 397 -43.33 -5.64 42.12
CA VAL G 397 -43.56 -5.22 40.74
C VAL G 397 -43.25 -6.40 39.81
N VAL G 398 -43.98 -6.51 38.70
CA VAL G 398 -43.77 -7.57 37.73
C VAL G 398 -43.23 -6.92 36.45
N VAL G 399 -41.93 -7.08 36.21
CA VAL G 399 -41.32 -6.60 34.98
C VAL G 399 -41.36 -7.73 33.95
N THR G 400 -42.54 -8.05 33.45
CA THR G 400 -42.67 -9.10 32.44
C THR G 400 -41.83 -8.76 31.21
N THR G 401 -41.03 -9.72 30.76
CA THR G 401 -40.15 -9.52 29.62
C THR G 401 -40.00 -10.82 28.87
N ILE G 402 -39.37 -10.75 27.70
CA ILE G 402 -39.26 -11.88 26.80
C ILE G 402 -37.87 -12.49 26.91
N MET G 403 -37.74 -13.72 26.39
CA MET G 403 -36.49 -14.48 26.43
C MET G 403 -35.71 -14.32 25.13
N GLU G 404 -35.51 -13.09 24.68
CA GLU G 404 -34.72 -12.83 23.49
C GLU G 404 -33.29 -12.57 23.94
N SER G 405 -32.40 -12.21 23.01
CA SER G 405 -30.98 -12.03 23.32
C SER G 405 -30.44 -11.01 22.33
N PRO G 406 -29.80 -9.94 22.83
CA PRO G 406 -29.10 -9.80 24.09
C PRO G 406 -29.91 -9.02 25.12
N TYR G 407 -31.15 -9.45 25.41
CA TYR G 407 -32.00 -8.74 26.34
CA TYR G 407 -32.01 -8.75 26.34
C TYR G 407 -32.17 -9.47 27.67
N VAL G 408 -32.53 -10.75 27.65
CA VAL G 408 -32.64 -11.56 28.87
C VAL G 408 -31.89 -12.87 28.61
N MET G 409 -30.58 -12.88 28.86
CA MET G 409 -29.74 -14.03 28.63
C MET G 409 -29.49 -14.75 29.94
N TYR G 410 -29.67 -16.07 29.95
CA TYR G 410 -29.32 -16.85 31.14
C TYR G 410 -27.83 -16.76 31.42
N LYS G 411 -27.48 -16.61 32.69
CA LYS G 411 -26.08 -16.56 33.11
C LYS G 411 -25.59 -17.97 33.37
N LYS G 412 -24.35 -18.24 32.94
CA LYS G 412 -23.69 -19.51 33.21
C LYS G 412 -23.98 -19.97 34.63
N ASN G 413 -24.44 -21.22 34.76
CA ASN G 413 -24.91 -21.78 36.03
C ASN G 413 -26.01 -20.90 36.60
N HIS G 414 -27.13 -20.88 35.88
CA HIS G 414 -28.30 -20.11 36.28
C HIS G 414 -29.02 -20.71 37.49
N GLU G 415 -28.63 -21.91 37.92
CA GLU G 415 -29.27 -22.57 39.07
C GLU G 415 -28.57 -22.23 40.37
N MET G 416 -27.91 -21.07 40.46
CA MET G 416 -27.13 -20.68 41.62
C MET G 416 -27.43 -19.25 42.06
N PHE G 417 -28.53 -18.68 41.60
CA PHE G 417 -28.90 -17.31 41.90
C PHE G 417 -30.37 -17.25 42.29
N GLU G 418 -30.76 -16.15 42.92
CA GLU G 418 -32.12 -15.97 43.41
C GLU G 418 -32.70 -14.65 42.90
N GLY G 419 -34.00 -14.67 42.62
CA GLY G 419 -34.70 -13.47 42.21
C GLY G 419 -34.15 -12.87 40.93
N ASN G 420 -33.74 -11.60 41.01
CA ASN G 420 -33.30 -10.88 39.82
C ASN G 420 -31.87 -11.23 39.41
N ASP G 421 -31.05 -11.66 40.38
CA ASP G 421 -29.66 -12.03 40.08
C ASP G 421 -29.56 -13.22 39.13
N LYS G 422 -30.68 -13.84 38.77
CA LYS G 422 -30.62 -15.02 37.91
C LYS G 422 -30.29 -14.66 36.47
N TYR G 423 -30.93 -13.62 35.93
CA TYR G 423 -30.85 -13.28 34.52
C TYR G 423 -30.00 -12.03 34.30
N GLU G 424 -29.40 -11.95 33.12
CA GLU G 424 -28.64 -10.77 32.72
C GLU G 424 -29.16 -10.25 31.38
N GLY G 425 -28.47 -9.29 30.79
CA GLY G 425 -28.83 -8.77 29.48
C GLY G 425 -29.07 -7.27 29.51
N TYR G 426 -29.58 -6.77 28.39
CA TYR G 426 -29.79 -5.34 28.25
C TYR G 426 -30.99 -4.89 29.09
N CYS G 427 -32.09 -5.62 29.01
CA CYS G 427 -33.28 -5.21 29.76
C CYS G 427 -33.11 -5.45 31.25
N VAL G 428 -32.30 -6.44 31.63
CA VAL G 428 -32.00 -6.65 33.04
C VAL G 428 -31.31 -5.43 33.63
N ASP G 429 -30.27 -4.94 32.95
CA ASP G 429 -29.58 -3.73 33.41
C ASP G 429 -30.50 -2.52 33.35
N LEU G 430 -31.24 -2.37 32.24
CA LEU G 430 -32.12 -1.23 32.07
C LEU G 430 -33.14 -1.16 33.21
N ALA G 431 -33.76 -2.29 33.54
CA ALA G 431 -34.67 -2.34 34.68
C ALA G 431 -34.00 -1.94 35.97
N SER G 432 -32.69 -2.10 36.07
CA SER G 432 -31.94 -1.68 37.25
C SER G 432 -31.53 -0.22 37.20
N GLU G 433 -31.90 0.51 36.14
CA GLU G 433 -31.62 1.93 36.03
C GLU G 433 -32.89 2.76 36.00
N ILE G 434 -34.07 2.14 36.05
CA ILE G 434 -35.33 2.86 36.01
C ILE G 434 -36.03 2.62 37.35
N ALA G 435 -35.77 1.46 37.95
CA ALA G 435 -36.29 1.18 39.28
C ALA G 435 -35.62 2.06 40.33
N LYS G 436 -34.30 2.21 40.24
CA LYS G 436 -33.57 3.03 41.21
C LYS G 436 -34.12 4.45 41.27
N HIS G 437 -34.27 5.09 40.12
CA HIS G 437 -34.82 6.45 40.08
C HIS G 437 -36.20 6.49 40.72
N ILE G 438 -37.11 5.61 40.28
CA ILE G 438 -38.48 5.63 40.79
C ILE G 438 -38.55 5.05 42.21
N GLY G 439 -37.55 4.28 42.62
CA GLY G 439 -37.56 3.64 43.91
C GLY G 439 -38.63 2.57 44.07
N ILE G 440 -38.58 1.54 43.23
CA ILE G 440 -39.53 0.43 43.28
C ILE G 440 -38.76 -0.87 43.41
N LYS G 441 -39.42 -1.87 43.99
CA LYS G 441 -38.87 -3.22 44.13
C LYS G 441 -39.53 -4.12 43.09
N TYR G 442 -38.74 -4.59 42.12
CA TYR G 442 -39.25 -5.32 40.98
C TYR G 442 -38.79 -6.78 41.02
N LYS G 443 -39.45 -7.59 40.19
CA LYS G 443 -39.14 -9.01 40.06
C LYS G 443 -39.48 -9.44 38.64
N ILE G 444 -38.52 -10.05 37.95
CA ILE G 444 -38.69 -10.38 36.54
C ILE G 444 -39.50 -11.67 36.43
N ALA G 445 -40.76 -11.54 36.02
CA ALA G 445 -41.70 -12.66 35.86
C ALA G 445 -41.88 -12.96 34.37
N ILE G 446 -40.89 -13.64 33.78
CA ILE G 446 -40.89 -13.97 32.35
C ILE G 446 -42.27 -14.40 31.85
N VAL G 447 -42.73 -13.76 30.78
CA VAL G 447 -44.07 -14.05 30.25
C VAL G 447 -44.12 -15.50 29.80
N PRO G 448 -45.21 -16.23 30.04
CA PRO G 448 -45.36 -17.54 29.43
C PRO G 448 -45.77 -17.46 27.96
N ASP G 449 -45.81 -18.63 27.33
CA ASP G 449 -46.10 -18.85 25.91
C ASP G 449 -44.96 -18.42 25.01
N GLY G 450 -44.23 -17.37 25.37
CA GLY G 450 -43.13 -16.91 24.55
C GLY G 450 -43.49 -16.03 23.39
N LYS G 451 -44.58 -15.28 23.48
CA LYS G 451 -45.07 -14.46 22.38
C LYS G 451 -45.11 -12.99 22.76
N TYR G 452 -44.68 -12.13 21.84
CA TYR G 452 -44.60 -10.70 22.11
C TYR G 452 -45.98 -10.11 22.37
N GLY G 453 -46.91 -10.34 21.45
CA GLY G 453 -48.28 -9.90 21.64
C GLY G 453 -48.99 -9.65 20.32
N ALA G 454 -50.24 -10.13 20.21
CA ALA G 454 -51.04 -9.86 19.03
C ALA G 454 -52.51 -9.97 19.39
N ARG G 455 -53.35 -9.55 18.45
CA ARG G 455 -54.80 -9.51 18.63
C ARG G 455 -55.44 -10.54 17.70
N ASP G 456 -55.98 -11.60 18.27
CA ASP G 456 -56.75 -12.58 17.50
C ASP G 456 -57.85 -11.88 16.72
N ALA G 457 -57.93 -12.19 15.43
CA ALA G 457 -58.89 -11.53 14.54
C ALA G 457 -60.30 -12.08 14.68
N ASP G 458 -60.53 -13.05 15.56
CA ASP G 458 -61.85 -13.63 15.76
C ASP G 458 -62.43 -13.29 17.13
N THR G 459 -61.73 -13.66 18.21
CA THR G 459 -62.21 -13.40 19.56
C THR G 459 -61.80 -12.03 20.08
N LYS G 460 -60.94 -11.31 19.36
CA LYS G 460 -60.47 -9.98 19.76
C LYS G 460 -59.85 -10.01 21.15
N ILE G 461 -59.08 -11.06 21.43
CA ILE G 461 -58.39 -11.23 22.70
C ILE G 461 -56.91 -10.95 22.47
N TRP G 462 -56.26 -10.37 23.47
CA TRP G 462 -54.83 -10.09 23.41
C TRP G 462 -54.08 -11.18 24.17
N ASN G 463 -53.25 -11.91 23.45
CA ASN G 463 -52.39 -12.93 24.03
C ASN G 463 -50.98 -12.39 24.22
N GLY G 464 -50.02 -13.28 24.47
CA GLY G 464 -48.63 -12.85 24.52
C GLY G 464 -48.33 -12.08 25.79
N MET G 465 -47.64 -10.94 25.62
CA MET G 465 -47.28 -10.06 26.72
C MET G 465 -48.26 -8.91 26.91
N VAL G 466 -48.78 -8.35 25.81
CA VAL G 466 -49.77 -7.28 25.90
C VAL G 466 -51.03 -7.75 26.61
N GLY G 467 -51.25 -9.06 26.67
CA GLY G 467 -52.40 -9.58 27.39
C GLY G 467 -52.31 -9.42 28.88
N GLU G 468 -51.08 -9.41 29.42
CA GLU G 468 -50.92 -9.32 30.87
C GLU G 468 -51.13 -7.91 31.39
N LEU G 469 -50.68 -6.91 30.63
CA LEU G 469 -50.78 -5.52 31.06
C LEU G 469 -52.19 -4.96 30.89
N VAL G 470 -53.06 -5.65 30.17
CA VAL G 470 -54.43 -5.22 29.96
C VAL G 470 -55.39 -5.87 30.95
N TYR G 471 -55.14 -7.13 31.28
CA TYR G 471 -55.93 -7.85 32.27
C TYR G 471 -55.38 -7.68 33.68
N GLY G 472 -54.24 -7.00 33.83
CA GLY G 472 -53.72 -6.66 35.13
C GLY G 472 -52.71 -7.63 35.71
N LYS G 473 -52.44 -8.75 35.02
CA LYS G 473 -51.49 -9.73 35.53
C LYS G 473 -50.16 -9.09 35.90
N ALA G 474 -49.57 -8.33 34.98
CA ALA G 474 -48.33 -7.63 35.21
C ALA G 474 -48.58 -6.15 35.49
N GLU G 475 -47.52 -5.46 35.91
CA GLU G 475 -47.59 -4.05 36.26
C GLU G 475 -46.78 -3.16 35.34
N ILE G 476 -45.70 -3.67 34.76
CA ILE G 476 -44.88 -2.95 33.79
C ILE G 476 -44.34 -4.01 32.83
N ALA G 477 -43.71 -3.57 31.73
CA ALA G 477 -43.08 -4.52 30.82
C ALA G 477 -41.87 -3.84 30.17
N ILE G 478 -40.72 -3.91 30.85
CA ILE G 478 -39.49 -3.45 30.25
C ILE G 478 -39.03 -4.56 29.32
N ALA G 479 -39.55 -4.57 28.10
CA ALA G 479 -39.27 -5.59 27.10
C ALA G 479 -38.97 -4.94 25.76
N PRO G 480 -38.40 -5.68 24.82
CA PRO G 480 -38.28 -5.16 23.45
C PRO G 480 -39.60 -5.21 22.70
N LEU G 481 -40.54 -4.34 23.11
CA LEU G 481 -41.90 -4.34 22.59
C LEU G 481 -42.10 -3.09 21.74
N THR G 482 -42.31 -3.30 20.44
CA THR G 482 -42.44 -2.22 19.47
C THR G 482 -43.67 -1.35 19.80
N ILE G 483 -43.68 -0.13 19.25
CA ILE G 483 -44.77 0.82 19.44
C ILE G 483 -45.59 0.88 18.16
N THR G 484 -46.86 0.50 18.27
CA THR G 484 -47.76 0.42 17.12
C THR G 484 -49.11 1.00 17.51
N LEU G 485 -49.91 1.34 16.49
CA LEU G 485 -51.21 1.97 16.73
C LEU G 485 -52.19 1.03 17.43
N VAL G 486 -52.01 -0.28 17.29
CA VAL G 486 -52.94 -1.23 17.91
C VAL G 486 -52.62 -1.39 19.38
N ARG G 487 -51.36 -1.25 19.76
CA ARG G 487 -50.92 -1.47 21.13
C ARG G 487 -51.05 -0.24 22.01
N GLU G 488 -51.58 0.87 21.52
CA GLU G 488 -51.65 2.08 22.35
C GLU G 488 -53.05 2.33 22.87
N GLU G 489 -54.06 1.65 22.34
CA GLU G 489 -55.42 1.78 22.82
C GLU G 489 -55.70 0.84 23.98
N VAL G 490 -54.70 0.06 24.39
CA VAL G 490 -54.83 -0.89 25.49
C VAL G 490 -53.79 -0.64 26.58
N ILE G 491 -52.55 -0.37 26.21
CA ILE G 491 -51.49 -0.05 27.16
C ILE G 491 -50.84 1.27 26.78
N ASP G 492 -50.38 1.99 27.81
CA ASP G 492 -49.76 3.31 27.66
C ASP G 492 -48.25 3.19 27.45
N PHE G 493 -47.81 3.22 26.20
CA PHE G 493 -46.40 3.10 25.91
C PHE G 493 -45.64 4.34 26.38
N SER G 494 -44.31 4.21 26.43
CA SER G 494 -43.41 5.30 26.76
C SER G 494 -42.54 5.64 25.54
N LYS G 495 -41.57 6.53 25.75
CA LYS G 495 -40.75 7.00 24.64
C LYS G 495 -39.72 5.95 24.25
N PRO G 496 -39.41 5.84 22.95
CA PRO G 496 -38.41 4.87 22.48
C PRO G 496 -37.07 4.98 23.19
N PHE G 497 -36.64 3.93 23.86
CA PHE G 497 -35.30 3.90 24.45
C PHE G 497 -34.23 3.45 23.48
N MET G 498 -34.61 2.91 22.31
CA MET G 498 -33.65 2.47 21.32
C MET G 498 -34.33 2.49 19.96
N SER G 499 -33.53 2.42 18.90
CA SER G 499 -33.99 2.57 17.53
C SER G 499 -33.75 1.28 16.76
N LEU G 500 -34.77 0.83 16.03
CA LEU G 500 -34.72 -0.46 15.34
C LEU G 500 -35.23 -0.25 13.90
N GLY G 501 -35.55 -1.35 13.23
CA GLY G 501 -36.10 -1.28 11.89
C GLY G 501 -36.02 -2.62 11.19
N ILE G 502 -37.09 -2.97 10.47
CA ILE G 502 -37.18 -4.28 9.81
C ILE G 502 -35.98 -4.48 8.90
N SER G 503 -35.49 -5.72 8.82
CA SER G 503 -34.31 -6.01 8.04
C SER G 503 -34.35 -7.47 7.60
N ILE G 504 -33.75 -7.72 6.44
CA ILE G 504 -33.71 -9.06 5.86
C ILE G 504 -32.44 -9.76 6.32
N MET G 505 -32.58 -10.98 6.82
CA MET G 505 -31.45 -11.82 7.20
C MET G 505 -31.36 -12.98 6.23
N ILE G 506 -30.15 -13.25 5.72
CA ILE G 506 -29.93 -14.34 4.79
C ILE G 506 -28.68 -15.11 5.20
N LYS G 507 -28.63 -16.38 4.80
CA LYS G 507 -27.48 -17.23 5.05
C LYS G 507 -26.26 -16.68 4.32
N LYS G 508 -25.28 -16.16 5.09
CA LYS G 508 -24.08 -15.53 4.56
C LYS G 508 -23.47 -16.32 3.41
N PRO G 509 -23.60 -15.83 2.17
CA PRO G 509 -23.06 -16.56 1.02
C PRO G 509 -21.53 -16.53 1.02
N GLN G 510 -20.93 -17.71 1.11
CA GLN G 510 -19.48 -17.84 1.16
C GLN G 510 -18.82 -16.96 0.09
N LYS G 511 -17.62 -16.48 0.40
CA LYS G 511 -16.88 -15.67 -0.57
C LYS G 511 -16.68 -16.44 -1.86
N SER G 512 -16.78 -15.72 -2.98
CA SER G 512 -16.68 -16.34 -4.29
C SER G 512 -15.25 -16.37 -4.78
N LYS G 513 -15.00 -17.21 -5.77
CA LYS G 513 -13.70 -17.33 -6.41
C LYS G 513 -13.63 -16.37 -7.58
N PRO G 514 -12.56 -15.57 -7.70
CA PRO G 514 -12.41 -14.68 -8.87
C PRO G 514 -12.66 -15.43 -10.17
N GLY G 515 -13.31 -14.74 -11.11
CA GLY G 515 -13.73 -15.37 -12.34
C GLY G 515 -12.56 -15.89 -13.16
N VAL G 516 -12.89 -16.80 -14.08
CA VAL G 516 -11.88 -17.39 -14.95
C VAL G 516 -11.21 -16.31 -15.79
N PHE G 517 -11.91 -15.23 -16.10
CA PHE G 517 -11.38 -14.13 -16.89
C PHE G 517 -11.17 -12.90 -16.00
N SER G 518 -10.70 -13.12 -14.78
CA SER G 518 -10.49 -12.03 -13.83
C SER G 518 -9.38 -11.08 -14.27
N PHE G 519 -8.51 -11.50 -15.19
CA PHE G 519 -7.43 -10.64 -15.66
C PHE G 519 -7.94 -9.44 -16.45
N LEU G 520 -9.21 -9.43 -16.85
CA LEU G 520 -9.81 -8.28 -17.49
C LEU G 520 -10.42 -7.29 -16.50
N ASP G 521 -10.50 -7.66 -15.23
CA ASP G 521 -11.09 -6.77 -14.22
C ASP G 521 -10.38 -5.43 -14.06
N PRO G 522 -9.03 -5.33 -14.07
CA PRO G 522 -8.40 -4.03 -13.81
C PRO G 522 -8.89 -2.88 -14.69
N LEU G 523 -9.42 -3.19 -15.87
CA LEU G 523 -9.94 -2.17 -16.78
C LEU G 523 -11.40 -2.45 -17.09
N ALA G 524 -12.18 -1.38 -17.23
CA ALA G 524 -13.60 -1.52 -17.51
C ALA G 524 -13.83 -2.08 -18.91
N TYR G 525 -15.01 -2.67 -19.10
CA TYR G 525 -15.35 -3.26 -20.39
C TYR G 525 -15.28 -2.24 -21.52
N GLU G 526 -15.54 -0.97 -21.22
CA GLU G 526 -15.46 0.07 -22.25
C GLU G 526 -14.03 0.23 -22.75
N ILE G 527 -13.05 0.20 -21.85
CA ILE G 527 -11.66 0.38 -22.25
C ILE G 527 -11.21 -0.75 -23.15
N TRP G 528 -11.55 -1.99 -22.79
CA TRP G 528 -11.18 -3.13 -23.63
C TRP G 528 -11.80 -3.03 -25.02
N MET G 529 -13.06 -2.60 -25.09
CA MET G 529 -13.69 -2.38 -26.38
C MET G 529 -12.96 -1.31 -27.19
N CYS G 530 -12.56 -0.21 -26.53
CA CYS G 530 -11.90 0.87 -27.25
C CYS G 530 -10.48 0.52 -27.63
N ILE G 531 -9.80 -0.30 -26.83
CA ILE G 531 -8.46 -0.74 -27.19
C ILE G 531 -8.48 -1.52 -28.50
N VAL G 532 -9.49 -2.38 -28.66
CA VAL G 532 -9.65 -3.12 -29.91
C VAL G 532 -9.85 -2.17 -31.08
N PHE G 533 -10.72 -1.17 -30.90
CA PHE G 533 -10.93 -0.17 -31.94
C PHE G 533 -9.64 0.59 -32.24
N ALA G 534 -8.91 0.98 -31.19
CA ALA G 534 -7.64 1.66 -31.40
C ALA G 534 -6.64 0.76 -32.13
N TYR G 535 -6.60 -0.53 -31.74
CA TYR G 535 -5.69 -1.45 -32.40
C TYR G 535 -5.99 -1.58 -33.89
N ILE G 536 -7.28 -1.70 -34.25
CA ILE G 536 -7.65 -1.76 -35.65
C ILE G 536 -7.38 -0.43 -36.34
N GLY G 537 -7.74 0.69 -35.69
CA GLY G 537 -7.55 1.99 -36.31
C GLY G 537 -6.08 2.31 -36.59
N VAL G 538 -5.22 2.04 -35.61
CA VAL G 538 -3.80 2.31 -35.78
C VAL G 538 -3.21 1.48 -36.91
N SER G 539 -3.57 0.20 -36.96
CA SER G 539 -2.98 -0.69 -37.97
C SER G 539 -3.40 -0.29 -39.38
N VAL G 540 -4.66 0.08 -39.57
CA VAL G 540 -5.12 0.51 -40.89
C VAL G 540 -4.41 1.78 -41.32
N VAL G 541 -4.31 2.75 -40.40
CA VAL G 541 -3.62 4.01 -40.73
C VAL G 541 -2.15 3.76 -41.02
N LEU G 542 -1.50 2.92 -40.20
CA LEU G 542 -0.09 2.61 -40.43
C LEU G 542 0.11 1.95 -41.79
N PHE G 543 -0.77 1.02 -42.16
CA PHE G 543 -0.71 0.42 -43.48
C PHE G 543 -1.00 1.45 -44.56
N LEU G 544 -1.97 2.35 -44.32
CA LEU G 544 -2.35 3.33 -45.33
C LEU G 544 -1.19 4.24 -45.67
N VAL G 545 -0.58 4.85 -44.65
CA VAL G 545 0.47 5.83 -44.89
C VAL G 545 1.71 5.18 -45.51
N SER G 546 2.01 3.93 -45.14
CA SER G 546 3.24 3.30 -45.57
C SER G 546 3.16 2.68 -46.95
N ARG G 547 1.97 2.59 -47.55
CA ARG G 547 1.81 1.88 -48.82
C ARG G 547 1.00 2.62 -49.88
N PHE G 548 0.21 3.62 -49.51
CA PHE G 548 -0.69 4.23 -50.50
C PHE G 548 0.08 4.97 -51.58
N SER G 549 1.20 5.58 -51.25
CA SER G 549 1.92 6.42 -52.21
C SER G 549 2.52 5.57 -53.32
N PRO G 550 2.19 5.84 -54.59
CA PRO G 550 2.80 5.07 -55.68
C PRO G 550 4.22 5.51 -56.03
N TYR G 551 4.68 6.63 -55.49
CA TYR G 551 6.00 7.15 -55.81
C TYR G 551 7.11 6.52 -54.97
N GLU G 552 6.76 5.60 -54.07
CA GLU G 552 7.74 4.90 -53.27
C GLU G 552 8.10 3.52 -53.82
N TRP G 553 7.22 2.92 -54.61
CA TRP G 553 7.43 1.58 -55.13
C TRP G 553 8.55 1.56 -56.17
N ASN G 571 9.37 -0.80 -47.92
CA ASN G 571 8.87 -1.22 -46.61
C ASN G 571 8.17 -2.57 -46.70
N GLU G 572 7.95 -3.19 -45.54
CA GLU G 572 7.28 -4.48 -45.44
C GLU G 572 5.98 -4.34 -44.65
N PHE G 573 5.47 -3.13 -44.50
CA PHE G 573 4.31 -2.85 -43.65
C PHE G 573 3.02 -2.98 -44.46
N GLY G 574 2.74 -4.21 -44.86
CA GLY G 574 1.46 -4.55 -45.45
C GLY G 574 0.36 -4.52 -44.40
N ILE G 575 -0.86 -4.86 -44.84
CA ILE G 575 -2.00 -4.84 -43.93
C ILE G 575 -1.81 -5.83 -42.80
N PHE G 576 -1.30 -7.03 -43.10
CA PHE G 576 -1.15 -8.05 -42.06
C PHE G 576 0.11 -7.83 -41.23
N ASN G 577 1.16 -7.24 -41.82
CA ASN G 577 2.35 -6.92 -41.04
C ASN G 577 2.12 -5.72 -40.14
N SER G 578 1.20 -4.83 -40.51
CA SER G 578 0.84 -3.71 -39.64
C SER G 578 0.12 -4.19 -38.39
N LEU G 579 -0.78 -5.16 -38.55
CA LEU G 579 -1.46 -5.74 -37.39
C LEU G 579 -0.46 -6.37 -36.43
N TRP G 580 0.52 -7.09 -36.96
CA TRP G 580 1.54 -7.71 -36.13
C TRP G 580 2.38 -6.67 -35.41
N PHE G 581 2.79 -5.61 -36.11
CA PHE G 581 3.59 -4.56 -35.48
C PHE G 581 2.83 -3.91 -34.34
N SER G 582 1.56 -3.57 -34.55
CA SER G 582 0.77 -2.96 -33.50
C SER G 582 0.58 -3.91 -32.32
N LEU G 583 0.34 -5.19 -32.61
CA LEU G 583 0.16 -6.17 -31.54
C LEU G 583 1.43 -6.34 -30.73
N GLY G 584 2.58 -6.42 -31.41
CA GLY G 584 3.84 -6.55 -30.69
C GLY G 584 4.14 -5.36 -29.79
N ALA G 585 3.86 -4.15 -30.27
CA ALA G 585 4.08 -2.97 -29.45
C ALA G 585 3.21 -2.99 -28.20
N PHE G 586 1.93 -3.34 -28.35
CA PHE G 586 1.04 -3.33 -27.21
C PHE G 586 1.40 -4.42 -26.20
N MET G 587 1.83 -5.58 -26.69
CA MET G 587 2.23 -6.69 -25.83
C MET G 587 3.55 -6.44 -25.11
N GLN G 588 4.19 -5.29 -25.34
CA GLN G 588 5.47 -4.93 -24.73
C GLN G 588 6.59 -5.83 -25.21
N GLN G 589 6.53 -6.25 -26.46
CA GLN G 589 7.52 -7.10 -27.10
C GLN G 589 8.27 -6.30 -28.15
N GLY G 590 9.07 -6.99 -28.96
CA GLY G 590 9.89 -6.30 -29.93
C GLY G 590 9.39 -6.49 -31.34
N CYS G 591 9.79 -5.60 -32.25
CA CYS G 591 9.38 -5.69 -33.64
C CYS G 591 10.51 -6.25 -34.51
N ASP G 592 10.12 -6.80 -35.65
CA ASP G 592 11.06 -7.24 -36.66
C ASP G 592 11.22 -6.23 -37.78
N ILE G 593 10.20 -5.39 -38.00
CA ILE G 593 10.24 -4.31 -38.97
C ILE G 593 9.84 -3.02 -38.25
N SER G 594 10.48 -1.92 -38.62
CA SER G 594 10.19 -0.61 -38.05
C SER G 594 10.04 0.42 -39.15
N PRO G 595 9.08 1.33 -39.05
CA PRO G 595 8.85 2.28 -40.13
C PRO G 595 10.04 3.21 -40.33
N ARG G 596 10.26 3.58 -41.59
CA ARG G 596 11.36 4.48 -41.96
C ARG G 596 10.87 5.80 -42.55
N SER G 597 9.58 6.11 -42.42
CA SER G 597 9.00 7.31 -42.99
C SER G 597 8.42 8.19 -41.89
N LEU G 598 8.38 9.50 -42.16
CA LEU G 598 7.89 10.44 -41.16
C LEU G 598 6.44 10.12 -40.78
N SER G 599 5.58 9.93 -41.78
CA SER G 599 4.18 9.62 -41.51
C SER G 599 4.04 8.32 -40.73
N GLY G 600 4.77 7.29 -41.17
CA GLY G 600 4.72 6.01 -40.47
C GLY G 600 5.24 6.09 -39.05
N ARG G 601 6.32 6.84 -38.84
CA ARG G 601 6.91 6.95 -37.52
C ARG G 601 6.02 7.71 -36.55
N ILE G 602 5.24 8.68 -37.05
CA ILE G 602 4.27 9.35 -36.20
C ILE G 602 3.24 8.35 -35.69
N VAL G 603 2.76 7.46 -36.56
CA VAL G 603 1.78 6.45 -36.13
C VAL G 603 2.40 5.54 -35.07
N GLY G 604 3.65 5.13 -35.28
CA GLY G 604 4.29 4.25 -34.32
C GLY G 604 4.73 4.93 -33.05
N GLY G 605 4.87 6.26 -33.06
CA GLY G 605 5.27 6.98 -31.88
C GLY G 605 4.12 7.25 -30.93
N VAL G 606 2.95 7.57 -31.47
CA VAL G 606 1.77 7.77 -30.64
C VAL G 606 1.18 6.45 -30.17
N TRP G 607 1.45 5.35 -30.87
CA TRP G 607 1.00 4.04 -30.41
C TRP G 607 1.89 3.50 -29.31
N TRP G 608 3.16 3.90 -29.27
CA TRP G 608 4.02 3.55 -28.15
C TRP G 608 3.65 4.34 -26.91
N PHE G 609 3.31 5.63 -27.07
CA PHE G 609 2.86 6.42 -25.95
C PHE G 609 1.53 5.91 -25.41
N PHE G 610 0.60 5.56 -26.30
CA PHE G 610 -0.68 5.01 -25.88
C PHE G 610 -0.47 3.68 -25.15
N THR G 611 0.41 2.82 -25.67
CA THR G 611 0.69 1.55 -25.02
C THR G 611 1.27 1.75 -23.63
N LEU G 612 2.22 2.69 -23.50
CA LEU G 612 2.88 2.91 -22.22
C LEU G 612 1.90 3.31 -21.13
N ILE G 613 0.98 4.24 -21.45
CA ILE G 613 0.00 4.68 -20.48
C ILE G 613 -0.97 3.56 -20.13
N ILE G 614 -1.33 2.73 -21.12
CA ILE G 614 -2.37 1.73 -20.90
C ILE G 614 -1.82 0.49 -20.21
N ILE G 615 -0.58 0.12 -20.52
CA ILE G 615 -0.01 -1.07 -19.89
C ILE G 615 0.49 -0.75 -18.48
N SER G 616 0.87 0.51 -18.23
CA SER G 616 1.28 0.88 -16.88
C SER G 616 0.10 0.87 -15.93
N SER G 617 -1.03 1.44 -16.35
CA SER G 617 -2.23 1.44 -15.52
C SER G 617 -2.73 0.03 -15.27
N TYR G 618 -2.77 -0.80 -16.31
CA TYR G 618 -3.28 -2.16 -16.16
C TYR G 618 -2.42 -2.97 -15.19
N THR G 619 -1.10 -2.90 -15.33
CA THR G 619 -0.21 -3.69 -14.50
C THR G 619 -0.11 -3.18 -13.07
N ALA G 620 -0.65 -1.99 -12.78
CA ALA G 620 -0.57 -1.40 -11.46
C ALA G 620 -1.02 -2.38 -10.38
N ASN G 621 -2.25 -2.89 -10.51
CA ASN G 621 -2.86 -3.73 -9.49
C ASN G 621 -3.41 -5.02 -10.11
N LEU G 622 -2.66 -5.60 -11.04
CA LEU G 622 -3.13 -6.83 -11.67
C LEU G 622 -3.27 -7.96 -10.65
N ALA G 623 -2.29 -8.10 -9.76
CA ALA G 623 -2.35 -9.16 -8.75
C ALA G 623 -3.50 -8.94 -7.78
N ALA G 624 -3.78 -7.68 -7.42
CA ALA G 624 -4.85 -7.40 -6.47
C ALA G 624 -6.20 -7.84 -7.01
N PHE G 625 -6.48 -7.58 -8.29
CA PHE G 625 -7.72 -8.03 -8.89
C PHE G 625 -7.78 -9.55 -8.99
N LEU G 626 -6.62 -10.21 -9.10
CA LEU G 626 -6.61 -11.67 -9.21
C LEU G 626 -6.72 -12.36 -7.86
N THR G 627 -6.43 -11.66 -6.77
CA THR G 627 -6.40 -12.25 -5.43
C THR G 627 -7.50 -11.70 -4.53
N VAL G 628 -8.58 -11.19 -5.11
CA VAL G 628 -9.66 -10.58 -4.34
C VAL G 628 -10.86 -11.53 -4.36
N GLU G 629 -11.42 -11.79 -3.18
CA GLU G 629 -12.61 -12.59 -3.02
C GLU G 629 -13.73 -11.64 -2.60
N ARG G 630 -14.42 -11.07 -3.59
CA ARG G 630 -15.44 -10.07 -3.32
C ARG G 630 -16.70 -10.74 -2.78
N MET G 631 -17.36 -10.05 -1.85
CA MET G 631 -18.56 -10.56 -1.21
C MET G 631 -19.75 -10.25 -2.09
N VAL G 632 -20.38 -11.29 -2.64
CA VAL G 632 -21.51 -11.13 -3.53
C VAL G 632 -22.76 -11.64 -2.82
N SER G 633 -23.89 -11.02 -3.12
CA SER G 633 -25.15 -11.38 -2.49
C SER G 633 -26.18 -11.75 -3.56
N PRO G 634 -27.18 -12.56 -3.22
CA PRO G 634 -28.25 -12.86 -4.18
C PRO G 634 -29.24 -11.72 -4.33
N ILE G 635 -29.57 -11.06 -3.21
CA ILE G 635 -30.56 -9.98 -3.20
C ILE G 635 -30.04 -8.84 -2.35
N GLU G 636 -30.56 -7.65 -2.62
CA GLU G 636 -30.20 -6.45 -1.86
C GLU G 636 -31.40 -5.81 -1.19
N SER G 637 -32.50 -5.60 -1.92
CA SER G 637 -33.67 -4.91 -1.40
C SER G 637 -34.82 -5.87 -1.18
N ALA G 638 -35.82 -5.41 -0.43
CA ALA G 638 -37.01 -6.22 -0.18
C ALA G 638 -37.79 -6.47 -1.47
N GLU G 639 -37.69 -5.55 -2.43
CA GLU G 639 -38.38 -5.73 -3.71
C GLU G 639 -37.97 -7.03 -4.41
N ASP G 640 -36.73 -7.46 -4.19
CA ASP G 640 -36.23 -8.66 -4.84
C ASP G 640 -37.04 -9.90 -4.43
N LEU G 641 -37.41 -9.99 -3.15
CA LEU G 641 -38.18 -11.14 -2.68
C LEU G 641 -39.49 -11.29 -3.44
N ALA G 642 -40.20 -10.18 -3.66
CA ALA G 642 -41.47 -10.25 -4.37
C ALA G 642 -41.28 -10.72 -5.81
N LYS G 643 -40.25 -10.22 -6.49
CA LYS G 643 -40.08 -10.51 -7.91
C LYS G 643 -39.74 -11.96 -8.20
N GLN G 644 -39.16 -12.68 -7.23
CA GLN G 644 -38.80 -14.08 -7.43
C GLN G 644 -39.75 -14.99 -6.65
N THR G 645 -39.45 -16.29 -6.67
CA THR G 645 -40.17 -17.29 -5.89
C THR G 645 -39.30 -18.41 -5.34
N GLU G 646 -38.06 -18.57 -5.81
CA GLU G 646 -37.18 -19.65 -5.39
C GLU G 646 -36.91 -19.66 -3.89
N ILE G 647 -36.18 -18.66 -3.40
CA ILE G 647 -35.96 -18.50 -1.97
C ILE G 647 -37.31 -18.22 -1.31
N ALA G 648 -37.38 -18.34 0.02
CA ALA G 648 -38.60 -18.09 0.77
C ALA G 648 -38.30 -17.10 1.88
N TYR G 649 -39.32 -16.80 2.68
CA TYR G 649 -39.19 -15.83 3.76
C TYR G 649 -40.45 -15.87 4.61
N GLY G 650 -40.30 -15.44 5.87
CA GLY G 650 -41.40 -15.36 6.80
C GLY G 650 -41.16 -14.33 7.88
N THR G 651 -42.04 -14.28 8.88
CA THR G 651 -41.88 -13.36 10.00
C THR G 651 -42.23 -14.08 11.30
N LEU G 652 -41.84 -13.45 12.41
CA LEU G 652 -42.14 -13.98 13.75
C LEU G 652 -43.64 -13.96 13.98
N ASP G 653 -44.26 -15.14 14.02
CA ASP G 653 -45.67 -15.27 14.33
C ASP G 653 -46.01 -14.49 15.61
N SER G 654 -47.19 -13.87 15.62
CA SER G 654 -47.63 -13.00 16.71
C SER G 654 -46.55 -11.97 17.05
N GLY G 655 -46.27 -11.12 16.06
CA GLY G 655 -45.21 -10.13 16.19
C GLY G 655 -45.60 -8.83 15.53
N SER G 656 -44.73 -7.84 15.70
CA SER G 656 -44.95 -6.51 15.15
C SER G 656 -44.37 -6.35 13.75
N THR G 657 -43.53 -7.28 13.31
CA THR G 657 -43.03 -7.29 11.94
C THR G 657 -43.99 -7.98 10.99
N LYS G 658 -45.06 -8.58 11.52
CA LYS G 658 -46.09 -9.25 10.72
C LYS G 658 -47.30 -8.37 10.51
N GLU G 659 -47.86 -7.81 11.58
CA GLU G 659 -48.96 -6.86 11.47
C GLU G 659 -48.64 -5.70 10.54
N PHE G 660 -47.35 -5.40 10.33
CA PHE G 660 -46.98 -4.27 9.47
C PHE G 660 -47.24 -4.59 8.00
N PHE G 661 -47.24 -5.88 7.64
CA PHE G 661 -47.56 -6.29 6.28
C PHE G 661 -49.06 -6.27 6.04
N ARG G 662 -49.83 -6.81 6.98
CA ARG G 662 -51.27 -6.90 6.81
C ARG G 662 -51.91 -5.52 6.69
N ARG G 663 -51.45 -4.56 7.49
CA ARG G 663 -52.05 -3.24 7.55
C ARG G 663 -51.40 -2.24 6.62
N SER G 664 -50.60 -2.69 5.65
CA SER G 664 -49.95 -1.77 4.73
C SER G 664 -50.64 -1.81 3.37
N LYS G 665 -50.77 -0.64 2.76
CA LYS G 665 -51.45 -0.49 1.48
C LYS G 665 -50.48 -0.44 0.30
N ILE G 666 -49.19 -0.64 0.55
CA ILE G 666 -48.18 -0.51 -0.49
C ILE G 666 -48.18 -1.77 -1.34
N ALA G 667 -47.91 -1.59 -2.64
CA ALA G 667 -47.95 -2.71 -3.58
C ALA G 667 -46.94 -3.79 -3.19
N VAL G 668 -45.68 -3.39 -2.97
CA VAL G 668 -44.65 -4.35 -2.63
C VAL G 668 -44.99 -5.08 -1.33
N TYR G 669 -45.49 -4.34 -0.34
CA TYR G 669 -45.77 -4.93 0.96
C TYR G 669 -47.01 -5.80 0.94
N GLU G 670 -47.98 -5.49 0.06
CA GLU G 670 -49.17 -6.34 -0.05
C GLU G 670 -48.86 -7.62 -0.81
N LYS G 671 -47.98 -7.54 -1.81
CA LYS G 671 -47.67 -8.71 -2.62
C LYS G 671 -46.95 -9.77 -1.81
N MET G 672 -46.01 -9.35 -0.95
CA MET G 672 -45.23 -10.31 -0.16
C MET G 672 -46.13 -11.09 0.79
N TRP G 673 -47.12 -10.42 1.38
CA TRP G 673 -48.08 -11.12 2.25
C TRP G 673 -48.78 -12.25 1.49
N THR G 674 -49.27 -11.96 0.28
CA THR G 674 -49.92 -12.98 -0.54
C THR G 674 -49.07 -14.24 -0.61
N TYR G 675 -47.78 -14.09 -0.91
CA TYR G 675 -46.89 -15.23 -1.03
C TYR G 675 -46.82 -16.01 0.29
N MET G 676 -46.89 -15.31 1.41
CA MET G 676 -46.78 -15.97 2.71
C MET G 676 -47.95 -16.91 2.96
N ARG G 677 -49.17 -16.36 3.01
CA ARG G 677 -50.37 -17.15 3.31
C ARG G 677 -50.34 -18.54 2.67
N SER G 678 -50.21 -18.60 1.34
CA SER G 678 -50.20 -19.86 0.61
C SER G 678 -48.77 -20.38 0.44
N ALA G 679 -48.09 -20.60 1.56
CA ALA G 679 -46.72 -21.10 1.59
C ALA G 679 -46.68 -22.32 2.51
N GLU G 680 -46.86 -23.50 1.94
CA GLU G 680 -46.83 -24.75 2.69
C GLU G 680 -45.48 -25.42 2.54
N PRO G 681 -44.71 -25.64 3.62
CA PRO G 681 -45.08 -25.47 5.03
C PRO G 681 -45.02 -24.02 5.50
N SER G 682 -45.82 -23.70 6.52
CA SER G 682 -45.90 -22.34 7.08
C SER G 682 -44.52 -21.76 7.32
N VAL G 683 -44.38 -20.47 7.01
CA VAL G 683 -43.09 -19.78 7.12
C VAL G 683 -42.95 -19.03 8.44
N PHE G 684 -44.04 -18.76 9.15
CA PHE G 684 -43.98 -18.10 10.43
C PHE G 684 -43.50 -19.05 11.52
N THR G 685 -42.78 -18.50 12.50
CA THR G 685 -42.18 -19.28 13.57
C THR G 685 -42.60 -18.70 14.90
N ARG G 686 -43.01 -19.57 15.83
CA ARG G 686 -43.57 -19.11 17.10
C ARG G 686 -42.52 -18.40 17.95
N THR G 687 -41.24 -18.73 17.78
CA THR G 687 -40.16 -18.18 18.59
C THR G 687 -39.06 -17.68 17.69
N THR G 688 -38.43 -16.58 18.10
CA THR G 688 -37.41 -15.92 17.29
C THR G 688 -36.35 -16.89 16.81
N ALA G 689 -35.67 -17.56 17.76
CA ALA G 689 -34.55 -18.42 17.38
C ALA G 689 -34.99 -19.69 16.66
N GLU G 690 -36.29 -19.89 16.45
CA GLU G 690 -36.74 -20.99 15.60
C GLU G 690 -36.72 -20.62 14.13
N GLY G 691 -36.71 -19.32 13.81
CA GLY G 691 -36.59 -18.85 12.45
C GLY G 691 -35.15 -18.67 12.05
N VAL G 692 -34.41 -17.88 12.84
CA VAL G 692 -33.02 -17.58 12.53
C VAL G 692 -32.20 -18.85 12.40
N ALA G 693 -32.57 -19.91 13.12
CA ALA G 693 -31.85 -21.17 13.01
C ALA G 693 -32.28 -21.94 11.78
N ARG G 694 -33.59 -21.99 11.50
CA ARG G 694 -34.08 -22.61 10.27
C ARG G 694 -33.43 -21.98 9.04
N VAL G 695 -33.11 -20.69 9.10
CA VAL G 695 -32.41 -20.05 7.99
C VAL G 695 -31.04 -20.68 7.80
N ARG G 696 -30.36 -20.97 8.91
CA ARG G 696 -28.99 -21.50 8.83
C ARG G 696 -28.96 -22.89 8.22
N LYS G 697 -29.99 -23.70 8.47
CA LYS G 697 -30.06 -25.07 7.98
C LYS G 697 -30.74 -25.18 6.62
N SER G 698 -31.36 -24.11 6.13
CA SER G 698 -32.13 -24.16 4.90
C SER G 698 -31.28 -24.11 3.65
N LYS G 699 -29.95 -24.06 3.78
CA LYS G 699 -29.04 -24.01 2.62
C LYS G 699 -29.26 -22.74 1.80
N GLY G 700 -29.59 -21.64 2.47
CA GLY G 700 -29.77 -20.36 1.79
C GLY G 700 -31.13 -20.16 1.17
N LYS G 701 -32.03 -21.14 1.22
CA LYS G 701 -33.36 -21.03 0.63
C LYS G 701 -34.39 -20.51 1.63
N PHE G 702 -33.99 -19.63 2.53
CA PHE G 702 -34.89 -18.94 3.43
C PHE G 702 -34.26 -17.62 3.84
N ALA G 703 -35.09 -16.58 3.96
CA ALA G 703 -34.63 -15.29 4.45
C ALA G 703 -35.57 -14.81 5.56
N PHE G 704 -35.08 -14.79 6.79
CA PHE G 704 -35.90 -14.32 7.90
C PHE G 704 -36.07 -12.81 7.82
N LEU G 705 -37.18 -12.32 8.38
CA LEU G 705 -37.44 -10.89 8.47
C LEU G 705 -37.56 -10.52 9.95
N LEU G 706 -36.53 -9.85 10.47
CA LEU G 706 -36.48 -9.45 11.86
C LEU G 706 -35.91 -8.04 11.96
N GLU G 707 -36.02 -7.46 13.15
CA GLU G 707 -35.60 -6.09 13.39
C GLU G 707 -34.10 -5.95 13.14
N SER G 708 -33.65 -4.69 13.04
CA SER G 708 -32.25 -4.42 12.72
C SER G 708 -31.33 -4.75 13.88
N THR G 709 -31.70 -4.35 15.10
CA THR G 709 -30.82 -4.55 16.25
C THR G 709 -30.53 -6.04 16.47
N MET G 710 -31.57 -6.87 16.43
CA MET G 710 -31.39 -8.30 16.61
CA MET G 710 -31.39 -8.30 16.61
C MET G 710 -30.53 -8.89 15.49
N ASN G 711 -30.82 -8.51 14.25
CA ASN G 711 -30.05 -9.00 13.11
C ASN G 711 -28.59 -8.57 13.15
N GLU G 712 -28.28 -7.44 13.80
CA GLU G 712 -26.88 -7.06 14.00
C GLU G 712 -26.22 -7.91 15.09
N TYR G 713 -26.99 -8.26 16.13
CA TYR G 713 -26.47 -9.16 17.16
CA TYR G 713 -26.47 -9.16 17.16
C TYR G 713 -26.21 -10.55 16.61
N ILE G 714 -27.17 -11.11 15.88
CA ILE G 714 -27.04 -12.46 15.34
C ILE G 714 -26.24 -12.41 14.03
N GLU G 715 -25.41 -11.38 13.89
CA GLU G 715 -24.52 -11.27 12.74
C GLU G 715 -23.05 -11.28 13.14
N GLN G 716 -22.73 -10.85 14.35
CA GLN G 716 -21.37 -10.84 14.86
C GLN G 716 -21.03 -12.11 15.63
N ARG G 717 -22.05 -12.83 16.11
CA ARG G 717 -21.85 -14.07 16.85
C ARG G 717 -21.58 -15.22 15.90
N LYS G 718 -20.67 -16.11 16.32
CA LYS G 718 -20.38 -17.30 15.55
C LYS G 718 -21.64 -18.13 15.34
N PRO G 719 -21.80 -18.76 14.16
CA PRO G 719 -20.78 -18.99 13.14
C PRO G 719 -20.80 -17.92 12.06
N CYS G 720 -21.30 -16.73 12.38
CA CYS G 720 -21.35 -15.58 11.46
C CYS G 720 -21.90 -15.95 10.09
N ASP G 721 -22.66 -17.05 9.99
CA ASP G 721 -23.22 -17.50 8.72
C ASP G 721 -24.48 -16.73 8.31
N THR G 722 -24.80 -15.63 8.98
CA THR G 722 -25.96 -14.82 8.63
C THR G 722 -25.54 -13.37 8.53
N MET G 723 -26.29 -12.59 7.77
CA MET G 723 -25.92 -11.21 7.50
C MET G 723 -27.15 -10.42 7.07
N LYS G 724 -26.95 -9.12 6.92
CA LYS G 724 -28.00 -8.18 6.56
C LYS G 724 -27.80 -7.66 5.14
N VAL G 725 -28.88 -7.49 4.41
CA VAL G 725 -28.85 -6.98 3.03
C VAL G 725 -29.74 -5.76 2.95
N GLY G 726 -29.22 -4.70 2.35
CA GLY G 726 -30.00 -3.50 2.16
C GLY G 726 -30.19 -2.74 3.47
N GLY G 727 -31.13 -1.79 3.43
CA GLY G 727 -31.45 -0.96 4.57
C GLY G 727 -32.84 -1.27 5.09
N ASN G 728 -33.14 -0.66 6.23
CA ASN G 728 -34.44 -0.89 6.87
C ASN G 728 -35.57 -0.42 5.97
N LEU G 729 -36.76 -0.96 6.25
CA LEU G 729 -37.96 -0.62 5.49
C LEU G 729 -38.88 0.34 6.23
N ASP G 730 -38.84 0.33 7.56
CA ASP G 730 -39.56 1.29 8.38
C ASP G 730 -38.67 1.70 9.54
N SER G 731 -39.02 2.83 10.17
CA SER G 731 -38.33 3.31 11.35
C SER G 731 -39.29 3.35 12.52
N LYS G 732 -38.97 2.60 13.57
CA LYS G 732 -39.78 2.53 14.78
C LYS G 732 -38.84 2.28 15.95
N GLY G 733 -39.41 1.96 17.12
CA GLY G 733 -38.58 1.64 18.27
C GLY G 733 -39.37 0.98 19.37
N TYR G 734 -38.65 0.51 20.37
CA TYR G 734 -39.25 -0.15 21.51
C TYR G 734 -39.82 0.88 22.49
N GLY G 735 -40.37 0.39 23.59
CA GLY G 735 -40.97 1.27 24.57
C GLY G 735 -41.53 0.55 25.79
N VAL G 736 -41.28 1.09 26.97
CA VAL G 736 -41.74 0.49 28.21
C VAL G 736 -43.21 0.88 28.41
N ALA G 737 -44.11 -0.07 28.24
CA ALA G 737 -45.54 0.21 28.38
C ALA G 737 -45.94 0.29 29.84
N THR G 738 -47.25 0.32 30.09
CA THR G 738 -47.87 0.37 31.41
C THR G 738 -49.39 0.36 31.23
N PRO G 739 -50.15 -0.26 32.15
CA PRO G 739 -51.60 -0.35 31.98
C PRO G 739 -52.26 1.02 31.97
N LYS G 740 -53.43 1.08 31.33
CA LYS G 740 -54.18 2.32 31.21
C LYS G 740 -54.60 2.82 32.59
N GLY G 741 -54.14 4.03 32.94
CA GLY G 741 -54.41 4.62 34.23
C GLY G 741 -53.31 4.44 35.25
N SER G 742 -52.45 3.44 35.06
CA SER G 742 -51.38 3.14 36.01
C SER G 742 -50.59 4.40 36.36
N SER G 743 -50.42 4.63 37.66
CA SER G 743 -49.64 5.78 38.13
C SER G 743 -48.15 5.63 37.84
N LEU G 744 -47.72 4.53 37.22
CA LEU G 744 -46.34 4.33 36.84
C LEU G 744 -46.09 4.68 35.37
N ARG G 745 -46.78 5.68 34.84
CA ARG G 745 -46.53 6.14 33.48
C ARG G 745 -45.63 7.37 33.45
N THR G 746 -45.92 8.35 34.30
CA THR G 746 -45.18 9.60 34.31
C THR G 746 -43.77 9.43 34.90
N PRO G 747 -43.56 8.61 35.95
CA PRO G 747 -42.18 8.43 36.43
C PRO G 747 -41.34 7.59 35.48
N VAL G 748 -41.94 6.65 34.74
CA VAL G 748 -41.17 5.78 33.87
C VAL G 748 -40.68 6.54 32.65
N ASN G 749 -41.54 7.40 32.10
CA ASN G 749 -41.20 8.14 30.89
C ASN G 749 -40.01 9.07 31.15
N LEU G 750 -40.18 10.03 32.06
CA LEU G 750 -39.09 10.91 32.47
C LEU G 750 -37.81 10.13 32.79
N ALA G 751 -37.94 9.01 33.53
CA ALA G 751 -36.79 8.19 33.87
C ALA G 751 -35.99 7.81 32.63
N VAL G 752 -36.66 7.26 31.61
CA VAL G 752 -35.96 6.85 30.40
C VAL G 752 -35.27 8.03 29.75
N LEU G 753 -35.87 9.22 29.84
CA LEU G 753 -35.27 10.42 29.27
C LEU G 753 -34.03 10.83 30.04
N LYS G 754 -34.00 10.59 31.36
CA LYS G 754 -32.82 10.86 32.16
C LYS G 754 -31.64 10.03 31.67
N LEU G 755 -31.87 8.73 31.40
CA LEU G 755 -30.79 7.84 31.01
C LEU G 755 -30.21 8.22 29.65
N SER G 756 -31.00 8.86 28.79
CA SER G 756 -30.52 9.15 27.45
C SER G 756 -29.56 10.34 27.43
N GLU G 757 -29.76 11.31 28.32
CA GLU G 757 -28.92 12.50 28.37
C GLU G 757 -27.71 12.34 29.27
N ALA G 758 -27.45 11.13 29.75
CA ALA G 758 -26.33 10.86 30.65
C ALA G 758 -25.29 9.94 30.03
N GLY G 759 -25.46 9.57 28.75
CA GLY G 759 -24.61 8.57 28.15
C GLY G 759 -24.80 7.17 28.69
N VAL G 760 -25.96 6.88 29.29
CA VAL G 760 -26.22 5.54 29.78
C VAL G 760 -26.61 4.61 28.64
N LEU G 761 -27.66 4.98 27.90
CA LEU G 761 -28.19 4.13 26.84
C LEU G 761 -27.12 3.82 25.80
N ASP G 762 -26.35 4.83 25.39
CA ASP G 762 -25.35 4.64 24.34
C ASP G 762 -24.30 3.61 24.76
N LYS G 763 -23.84 3.68 26.00
CA LYS G 763 -22.86 2.69 26.48
C LYS G 763 -23.47 1.30 26.55
N LEU G 764 -24.71 1.19 27.04
CA LEU G 764 -25.40 -0.10 27.06
C LEU G 764 -25.41 -0.75 25.68
N LYS G 765 -25.72 0.04 24.65
CA LYS G 765 -25.77 -0.49 23.29
C LYS G 765 -24.40 -0.97 22.84
N ASN G 766 -23.39 -0.10 22.99
CA ASN G 766 -22.02 -0.44 22.60
C ASN G 766 -21.50 -1.71 23.27
N LYS G 767 -21.97 -2.02 24.48
CA LYS G 767 -21.45 -3.18 25.18
C LYS G 767 -22.17 -4.48 24.83
N TRP G 768 -23.49 -4.48 24.70
CA TRP G 768 -24.21 -5.73 24.46
C TRP G 768 -24.29 -6.09 22.99
N TRP G 769 -23.67 -5.30 22.11
CA TRP G 769 -23.75 -5.54 20.68
C TRP G 769 -22.36 -5.59 20.06
N TYR G 770 -21.74 -4.43 19.91
CA TYR G 770 -20.44 -4.33 19.22
C TYR G 770 -19.41 -5.25 19.86
N ASP G 771 -19.21 -5.12 21.18
CA ASP G 771 -18.14 -5.84 21.86
C ASP G 771 -18.25 -7.35 21.65
N LYS G 772 -19.46 -7.85 21.39
CA LYS G 772 -19.65 -9.28 21.22
C LYS G 772 -19.37 -9.69 19.78
N GLY G 773 -18.20 -9.32 19.26
CA GLY G 773 -17.85 -9.63 17.89
C GLY G 773 -16.79 -10.71 17.79
N GLU G 774 -17.22 -11.94 17.52
CA GLU G 774 -16.33 -13.09 17.47
C GLU G 774 -15.73 -13.33 16.09
N CYS G 775 -16.12 -12.54 15.08
CA CYS G 775 -15.55 -12.62 13.73
C CYS G 775 -15.31 -11.21 13.21
N GLY G 776 -14.16 -10.64 13.59
CA GLY G 776 -13.73 -9.30 13.19
C GLY G 776 -14.12 -8.83 11.81
N ASP G 784 -6.27 -8.82 5.69
CA ASP G 784 -5.59 -10.02 5.23
C ASP G 784 -4.09 -9.78 5.10
N LYS G 785 -3.33 -10.87 5.01
CA LYS G 785 -1.88 -10.78 4.86
C LYS G 785 -1.49 -10.78 3.38
N THR G 786 -0.19 -10.76 3.13
CA THR G 786 0.34 -10.80 1.77
C THR G 786 0.34 -12.23 1.27
N SER G 787 -0.68 -12.60 0.51
CA SER G 787 -0.82 -13.96 0.00
C SER G 787 -0.13 -14.10 -1.35
N ALA G 788 0.34 -15.32 -1.63
CA ALA G 788 0.97 -15.64 -2.90
C ALA G 788 -0.08 -16.11 -3.91
N LEU G 789 0.19 -15.84 -5.18
CA LEU G 789 -0.74 -16.22 -6.23
C LEU G 789 -0.85 -17.74 -6.34
N SER G 790 -2.05 -18.21 -6.63
CA SER G 790 -2.33 -19.63 -6.80
C SER G 790 -2.74 -19.90 -8.25
N LEU G 791 -2.53 -21.14 -8.69
CA LEU G 791 -2.85 -21.50 -10.06
C LEU G 791 -4.32 -21.26 -10.39
N SER G 792 -5.19 -21.33 -9.38
CA SER G 792 -6.61 -21.03 -9.60
C SER G 792 -6.79 -19.59 -10.05
N ASN G 793 -6.02 -18.67 -9.48
CA ASN G 793 -6.16 -17.25 -9.79
C ASN G 793 -5.62 -16.90 -11.18
N VAL G 794 -4.97 -17.84 -11.85
CA VAL G 794 -4.35 -17.58 -13.15
C VAL G 794 -4.67 -18.66 -14.17
N ALA G 795 -5.44 -19.68 -13.80
CA ALA G 795 -5.76 -20.76 -14.73
C ALA G 795 -6.51 -20.26 -15.96
N GLY G 796 -7.14 -19.09 -15.88
CA GLY G 796 -7.86 -18.57 -17.02
C GLY G 796 -6.95 -18.29 -18.20
N VAL G 797 -5.77 -17.72 -17.91
CA VAL G 797 -4.81 -17.42 -18.98
C VAL G 797 -4.20 -18.71 -19.52
N PHE G 798 -4.26 -19.80 -18.75
CA PHE G 798 -3.74 -21.07 -19.22
C PHE G 798 -4.68 -21.75 -20.19
N TYR G 799 -5.99 -21.50 -20.07
CA TYR G 799 -6.94 -22.12 -20.98
C TYR G 799 -6.96 -21.41 -22.33
N ILE G 800 -6.74 -20.09 -22.34
CA ILE G 800 -6.64 -19.36 -23.60
C ILE G 800 -5.37 -19.79 -24.35
N LEU G 801 -4.26 -19.93 -23.63
CA LEU G 801 -3.02 -20.35 -24.27
C LEU G 801 -3.19 -21.70 -24.97
N VAL G 802 -3.69 -22.70 -24.24
CA VAL G 802 -3.88 -24.02 -24.84
C VAL G 802 -4.89 -23.95 -25.98
N GLY G 803 -5.93 -23.14 -25.82
CA GLY G 803 -6.88 -22.94 -26.90
C GLY G 803 -6.22 -22.33 -28.13
N GLY G 804 -5.30 -21.38 -27.93
CA GLY G 804 -4.60 -20.79 -29.06
C GLY G 804 -3.71 -21.79 -29.77
N LEU G 805 -3.00 -22.64 -29.02
CA LEU G 805 -2.15 -23.64 -29.64
C LEU G 805 -2.97 -24.63 -30.46
N GLY G 806 -4.10 -25.07 -29.92
CA GLY G 806 -4.98 -25.95 -30.68
C GLY G 806 -5.50 -25.30 -31.94
N LEU G 807 -5.93 -24.04 -31.84
CA LEU G 807 -6.41 -23.31 -33.01
C LEU G 807 -5.31 -23.14 -34.04
N ALA G 808 -4.10 -22.81 -33.60
CA ALA G 808 -2.99 -22.62 -34.52
C ALA G 808 -2.68 -23.90 -35.29
N MET G 809 -2.69 -25.05 -34.59
CA MET G 809 -2.47 -26.32 -35.28
C MET G 809 -3.59 -26.60 -36.27
N LEU G 810 -4.83 -26.26 -35.90
CA LEU G 810 -5.95 -26.44 -36.81
C LEU G 810 -5.78 -25.59 -38.06
N VAL G 811 -5.34 -24.35 -37.90
CA VAL G 811 -5.15 -23.47 -39.05
C VAL G 811 -4.07 -24.02 -39.97
N ALA G 812 -2.95 -24.47 -39.39
CA ALA G 812 -1.87 -25.02 -40.20
C ALA G 812 -2.30 -26.26 -40.95
N LEU G 813 -3.03 -27.16 -40.29
CA LEU G 813 -3.47 -28.39 -40.93
C LEU G 813 -4.47 -28.11 -42.05
N ILE G 814 -5.38 -27.15 -41.84
CA ILE G 814 -6.35 -26.82 -42.88
C ILE G 814 -5.64 -26.34 -44.14
N GLU G 815 -4.64 -25.48 -43.99
CA GLU G 815 -3.87 -25.06 -45.16
C GLU G 815 -3.09 -26.22 -45.77
N PHE G 816 -2.81 -27.27 -44.99
CA PHE G 816 -2.07 -28.42 -45.48
C PHE G 816 -2.98 -29.30 -46.33
N CYS G 817 -4.22 -29.44 -45.85
CA CYS G 817 -5.26 -30.26 -46.53
C CYS G 817 -5.66 -29.59 -47.86
N TYR G 818 -5.66 -28.27 -47.90
CA TYR G 818 -5.99 -27.55 -49.13
C TYR G 818 -4.90 -27.69 -50.19
N LYS G 819 -3.65 -27.50 -49.79
CA LYS G 819 -2.54 -27.67 -50.73
C LYS G 819 -2.39 -29.12 -51.17
N SER G 820 -2.52 -30.06 -50.23
CA SER G 820 -2.37 -31.47 -50.58
C SER G 820 -3.42 -31.91 -51.60
N ARG G 821 -4.68 -31.51 -51.39
CA ARG G 821 -5.72 -31.86 -52.34
C ARG G 821 -5.48 -31.20 -53.69
N ALA G 822 -5.08 -29.92 -53.68
CA ALA G 822 -4.83 -29.22 -54.93
C ALA G 822 -3.68 -29.85 -55.71
N GLU G 823 -2.62 -30.24 -55.01
CA GLU G 823 -1.47 -30.86 -55.67
C GLU G 823 -1.86 -32.14 -56.40
N ALA G 824 -2.80 -32.91 -55.85
CA ALA G 824 -3.24 -34.14 -56.50
C ALA G 824 -3.85 -33.86 -57.85
N LYS G 825 -4.68 -32.82 -57.95
CA LYS G 825 -5.25 -32.44 -59.24
C LYS G 825 -4.18 -32.04 -60.23
N ARG G 826 -3.18 -31.27 -59.78
CA ARG G 826 -2.11 -30.81 -60.64
C ARG G 826 -0.97 -31.83 -60.71
N GLY H 7 25.20 30.94 -48.67
CA GLY H 7 24.24 29.87 -48.89
C GLY H 7 23.01 29.99 -48.00
N VAL H 8 21.93 29.35 -48.41
CA VAL H 8 20.70 29.38 -47.63
C VAL H 8 20.92 28.71 -46.27
N GLN H 9 21.59 27.56 -46.26
CA GLN H 9 21.88 26.88 -45.01
C GLN H 9 22.77 27.73 -44.10
N MET H 10 23.77 28.40 -44.69
CA MET H 10 24.62 29.29 -43.91
C MET H 10 23.83 30.44 -43.31
N LEU H 11 22.91 31.02 -44.09
CA LEU H 11 22.15 32.17 -43.61
C LEU H 11 21.30 31.80 -42.40
N LEU H 12 20.60 30.66 -42.47
CA LEU H 12 19.78 30.23 -41.34
C LEU H 12 20.62 29.97 -40.10
N THR H 13 21.86 29.51 -40.30
CA THR H 13 22.76 29.34 -39.16
C THR H 13 23.12 30.69 -38.53
N ILE H 14 23.39 31.69 -39.36
CA ILE H 14 23.73 33.01 -38.84
C ILE H 14 22.55 33.61 -38.09
N VAL H 15 21.35 33.51 -38.66
CA VAL H 15 20.17 34.05 -37.99
C VAL H 15 19.89 33.29 -36.70
N GLY H 16 19.98 31.95 -36.74
CA GLY H 16 19.73 31.16 -35.55
C GLY H 16 20.71 31.48 -34.43
N ALA H 17 21.99 31.67 -34.78
CA ALA H 17 22.99 31.99 -33.77
C ALA H 17 22.68 33.29 -33.06
N PHE H 18 22.22 34.30 -33.81
CA PHE H 18 21.94 35.60 -33.21
C PHE H 18 20.65 35.59 -32.40
N ALA H 19 19.69 34.75 -32.79
CA ALA H 19 18.46 34.63 -32.00
C ALA H 19 18.73 33.90 -30.68
N ALA H 20 19.49 32.80 -30.73
CA ALA H 20 19.80 32.06 -29.52
C ALA H 20 20.62 32.92 -28.55
N PHE H 21 21.61 33.64 -29.05
CA PHE H 21 22.41 34.52 -28.19
C PHE H 21 21.57 35.63 -27.60
N SER H 22 20.69 36.24 -28.40
CA SER H 22 19.86 37.33 -27.90
C SER H 22 18.86 36.83 -26.86
N LEU H 23 18.18 35.73 -27.15
CA LEU H 23 17.21 35.19 -26.20
C LEU H 23 17.87 34.79 -24.89
N MET H 24 19.01 34.11 -24.96
CA MET H 24 19.71 33.72 -23.74
C MET H 24 20.21 34.93 -22.97
N THR H 25 20.74 35.94 -23.68
CA THR H 25 21.22 37.14 -23.00
C THR H 25 20.07 37.87 -22.30
N ILE H 26 18.92 37.97 -22.97
CA ILE H 26 17.78 38.66 -22.37
C ILE H 26 17.31 37.93 -21.11
N ALA H 27 17.21 36.60 -21.19
CA ALA H 27 16.73 35.82 -20.06
C ALA H 27 17.61 36.03 -18.82
N VAL H 28 18.92 36.13 -19.01
CA VAL H 28 19.82 36.37 -17.89
C VAL H 28 19.56 37.73 -17.25
N GLY H 29 19.38 38.76 -18.09
CA GLY H 29 19.23 40.10 -17.58
C GLY H 29 17.84 40.50 -17.13
N THR H 30 16.83 39.69 -17.44
CA THR H 30 15.45 40.02 -17.10
C THR H 30 15.11 39.52 -15.70
N ASP H 31 13.93 39.91 -15.22
CA ASP H 31 13.50 39.66 -13.86
C ASP H 31 12.20 38.87 -13.76
N TYR H 32 11.65 38.41 -14.87
CA TYR H 32 10.36 37.73 -14.90
C TYR H 32 10.51 36.23 -15.11
N TRP H 33 11.47 35.62 -14.40
CA TRP H 33 11.63 34.17 -14.47
C TRP H 33 10.50 33.43 -13.76
N LEU H 34 10.10 33.91 -12.58
CA LEU H 34 9.13 33.20 -11.77
C LEU H 34 8.13 34.18 -11.17
N TYR H 35 6.90 33.71 -10.97
CA TYR H 35 5.83 34.46 -10.33
C TYR H 35 5.45 33.73 -9.04
N SER H 36 5.84 34.31 -7.91
CA SER H 36 5.62 33.64 -6.62
C SER H 36 5.32 34.68 -5.57
N ARG H 37 4.74 34.21 -4.46
CA ARG H 37 4.40 35.07 -3.34
C ARG H 37 5.52 35.10 -2.31
N GLY H 38 5.82 36.30 -1.83
CA GLY H 38 6.93 36.49 -0.91
C GLY H 38 7.04 37.93 -0.44
N VAL H 39 8.18 38.56 -0.72
CA VAL H 39 8.46 39.90 -0.23
C VAL H 39 9.31 40.64 -1.25
N CYS H 40 9.61 41.91 -0.99
CA CYS H 40 10.42 42.76 -1.85
C CYS H 40 10.51 44.17 -1.29
N MET H 58 2.21 38.71 -4.46
CA MET H 58 2.72 38.41 -5.80
C MET H 58 4.03 39.14 -6.07
N THR H 59 5.05 38.39 -6.50
CA THR H 59 6.34 38.94 -6.85
C THR H 59 6.85 38.23 -8.10
N HIS H 60 7.33 39.01 -9.08
CA HIS H 60 7.89 38.42 -10.29
C HIS H 60 9.39 38.23 -10.06
N SER H 61 9.72 37.13 -9.39
CA SER H 61 11.12 36.85 -9.06
C SER H 61 11.93 36.60 -10.33
N GLY H 62 13.19 37.06 -10.30
CA GLY H 62 14.09 36.90 -11.41
C GLY H 62 15.27 36.00 -11.08
N LEU H 63 16.25 36.01 -11.99
CA LEU H 63 17.45 35.20 -11.79
C LEU H 63 18.37 35.82 -10.75
N TRP H 64 18.38 37.15 -10.62
CA TRP H 64 19.29 37.84 -9.72
C TRP H 64 18.55 38.65 -8.67
N ARG H 65 17.56 39.44 -9.07
CA ARG H 65 16.86 40.32 -8.16
C ARG H 65 15.35 40.10 -8.27
N THR H 66 14.67 40.03 -7.13
CA THR H 66 13.22 39.92 -7.11
C THR H 66 12.61 41.30 -6.90
N CYS H 67 11.41 41.49 -7.45
CA CYS H 67 10.76 42.79 -7.37
C CYS H 67 9.34 42.67 -6.82
N CYS H 68 8.55 43.73 -6.94
CA CYS H 68 7.20 43.77 -6.42
C CYS H 68 6.18 43.79 -7.54
N LEU H 69 4.99 43.29 -7.24
CA LEU H 69 3.86 43.30 -8.18
C LEU H 69 2.72 44.10 -7.57
N GLU H 70 1.48 43.68 -7.84
CA GLU H 70 0.30 44.34 -7.28
C GLU H 70 0.42 44.44 -5.77
N GLY H 71 0.45 45.67 -5.27
CA GLY H 71 0.56 45.90 -3.84
C GLY H 71 0.95 47.34 -3.57
N ASN H 72 1.25 47.61 -2.30
CA ASN H 72 1.70 48.93 -1.90
C ASN H 72 2.91 49.37 -2.72
N PHE H 73 3.87 48.46 -2.91
CA PHE H 73 5.04 48.70 -3.73
C PHE H 73 4.89 47.96 -5.05
N LYS H 74 5.25 48.63 -6.14
CA LYS H 74 5.08 48.05 -7.47
C LYS H 74 6.34 48.07 -8.32
N GLY H 75 7.41 48.71 -7.88
CA GLY H 75 8.64 48.73 -8.65
C GLY H 75 9.85 48.40 -7.81
N LEU H 76 9.67 48.39 -6.49
CA LEU H 76 10.78 48.13 -5.58
C LEU H 76 11.39 46.77 -5.85
N CYS H 77 12.70 46.75 -6.10
CA CYS H 77 13.42 45.50 -6.34
C CYS H 77 14.47 45.32 -5.25
N LYS H 78 14.78 44.06 -4.94
CA LYS H 78 15.81 43.75 -3.96
C LYS H 78 16.64 42.56 -4.43
N GLN H 79 17.95 42.64 -4.22
CA GLN H 79 18.85 41.56 -4.61
C GLN H 79 18.55 40.33 -3.76
N ILE H 80 18.28 39.20 -4.42
CA ILE H 80 17.87 38.00 -3.70
C ILE H 80 19.02 37.50 -2.84
N ASP H 81 18.70 37.09 -1.61
CA ASP H 81 19.67 36.50 -0.70
C ASP H 81 19.70 35.00 -0.95
N HIS H 82 20.68 34.55 -1.74
CA HIS H 82 20.77 33.15 -2.12
C HIS H 82 21.35 32.27 -1.01
N PHE H 83 21.79 32.87 0.10
CA PHE H 83 22.34 32.14 1.23
C PHE H 83 21.63 32.55 2.52
N PRO H 84 20.32 32.33 2.61
CA PRO H 84 19.57 32.84 3.76
C PRO H 84 19.82 32.01 5.01
N GLU H 85 19.92 32.70 6.14
CA GLU H 85 20.16 32.07 7.43
C GLU H 85 18.82 31.93 8.17
N ASP H 86 18.42 30.70 8.43
CA ASP H 86 17.14 30.44 9.08
C ASP H 86 17.29 29.39 10.18
N TYR H 89 19.91 27.06 11.73
CA TYR H 89 19.85 25.78 11.03
C TYR H 89 21.26 25.29 10.69
N GLU H 90 21.34 24.46 9.64
CA GLU H 90 22.62 23.90 9.20
C GLU H 90 22.67 23.97 7.68
N ALA H 91 23.90 24.03 7.16
CA ALA H 91 24.14 24.10 5.72
C ALA H 91 24.83 22.82 5.28
N ASP H 92 24.06 21.85 4.81
CA ASP H 92 24.61 20.60 4.31
C ASP H 92 25.61 20.86 3.18
N THR H 93 26.71 20.10 3.19
CA THR H 93 27.77 20.35 2.22
C THR H 93 27.29 20.14 0.79
N ALA H 94 26.33 19.22 0.58
CA ALA H 94 25.71 19.10 -0.74
C ALA H 94 24.72 20.21 -0.99
N GLU H 95 24.10 20.75 0.06
CA GLU H 95 23.21 21.90 -0.09
C GLU H 95 23.97 23.21 -0.21
N TYR H 96 25.21 23.27 0.31
CA TYR H 96 26.00 24.48 0.18
C TYR H 96 26.55 24.65 -1.23
N PHE H 97 26.75 23.55 -1.96
CA PHE H 97 27.29 23.64 -3.30
C PHE H 97 26.20 23.85 -4.34
N LEU H 98 24.97 23.42 -4.05
CA LEU H 98 23.86 23.72 -4.93
C LEU H 98 23.54 25.21 -4.90
N ARG H 99 23.56 25.82 -3.72
CA ARG H 99 23.29 27.24 -3.60
C ARG H 99 24.44 28.10 -4.10
N ALA H 100 25.65 27.55 -4.15
CA ALA H 100 26.77 28.29 -4.73
C ALA H 100 26.65 28.34 -6.26
N VAL H 101 26.28 27.23 -6.88
CA VAL H 101 26.07 27.23 -8.32
C VAL H 101 24.86 28.07 -8.70
N ARG H 102 23.77 27.96 -7.94
CA ARG H 102 22.60 28.81 -8.15
C ARG H 102 22.98 30.28 -8.05
N ALA H 103 23.50 30.69 -6.90
CA ALA H 103 23.79 32.11 -6.66
C ALA H 103 24.63 32.73 -7.76
N SER H 104 25.64 31.99 -8.24
CA SER H 104 26.56 32.56 -9.21
C SER H 104 26.05 32.44 -10.64
N SER H 105 24.95 31.73 -10.85
CA SER H 105 24.39 31.45 -12.18
C SER H 105 25.49 31.23 -13.22
N ILE H 106 26.42 30.34 -12.87
CA ILE H 106 27.53 30.05 -13.78
C ILE H 106 27.03 29.44 -15.07
N PHE H 107 26.09 28.48 -14.99
CA PHE H 107 25.65 27.78 -16.19
C PHE H 107 24.86 28.69 -17.13
N PRO H 108 23.85 29.45 -16.67
CA PRO H 108 23.21 30.40 -17.61
C PRO H 108 24.19 31.40 -18.20
N ILE H 109 25.14 31.89 -17.43
CA ILE H 109 26.18 32.76 -17.97
C ILE H 109 27.07 32.00 -18.93
N LEU H 110 27.43 30.76 -18.58
CA LEU H 110 28.28 29.96 -19.46
C LEU H 110 27.56 29.60 -20.75
N SER H 111 26.22 29.58 -20.73
CA SER H 111 25.47 29.36 -21.97
C SER H 111 25.62 30.55 -22.91
N VAL H 112 25.66 31.76 -22.36
CA VAL H 112 25.78 32.96 -23.18
C VAL H 112 27.17 33.03 -23.81
N ILE H 113 28.20 32.68 -23.03
CA ILE H 113 29.57 32.76 -23.53
C ILE H 113 29.76 31.80 -24.70
N LEU H 114 29.31 30.55 -24.54
CA LEU H 114 29.49 29.56 -25.60
C LEU H 114 28.74 29.95 -26.86
N LEU H 115 27.52 30.48 -26.71
CA LEU H 115 26.80 30.98 -27.87
C LEU H 115 27.55 32.11 -28.55
N PHE H 116 28.16 32.99 -27.75
CA PHE H 116 28.96 34.07 -28.32
C PHE H 116 30.16 33.52 -29.10
N MET H 117 30.83 32.51 -28.55
CA MET H 117 31.95 31.90 -29.25
C MET H 117 31.50 31.26 -30.56
N GLY H 118 30.35 30.59 -30.54
CA GLY H 118 29.82 30.00 -31.76
C GLY H 118 29.61 31.02 -32.85
N GLY H 119 29.10 32.20 -32.48
CA GLY H 119 28.92 33.26 -33.47
C GLY H 119 30.22 33.71 -34.09
N LEU H 120 31.26 33.87 -33.27
CA LEU H 120 32.57 34.27 -33.79
C LEU H 120 33.13 33.23 -34.75
N CYS H 121 33.00 31.94 -34.41
CA CYS H 121 33.52 30.88 -35.27
C CYS H 121 32.84 30.90 -36.63
N ILE H 122 31.51 31.08 -36.65
CA ILE H 122 30.80 31.14 -37.92
C ILE H 122 31.27 32.32 -38.75
N ALA H 123 31.42 33.49 -38.12
CA ALA H 123 31.90 34.66 -38.82
C ALA H 123 33.32 34.45 -39.35
N ALA H 124 34.18 33.83 -38.53
CA ALA H 124 35.56 33.59 -38.95
C ALA H 124 35.63 32.65 -40.14
N SER H 125 34.67 31.73 -40.27
CA SER H 125 34.68 30.79 -41.39
C SER H 125 34.56 31.51 -42.73
N GLU H 126 33.72 32.55 -42.80
CA GLU H 126 33.55 33.29 -44.03
C GLU H 126 34.87 33.92 -44.50
N PHE H 127 35.61 34.53 -43.57
CA PHE H 127 36.86 35.18 -43.94
C PHE H 127 37.87 34.20 -44.53
N TYR H 128 37.97 33.00 -43.96
CA TYR H 128 38.96 32.03 -44.43
C TYR H 128 38.40 31.12 -45.52
N LYS H 129 37.38 30.32 -45.18
CA LYS H 129 36.73 29.40 -46.10
C LYS H 129 37.69 28.32 -46.60
N THR H 130 38.76 28.06 -45.87
CA THR H 130 39.75 27.07 -46.29
C THR H 130 40.03 26.07 -45.16
N ARG H 131 39.88 26.53 -43.92
CA ARG H 131 40.20 25.69 -42.76
C ARG H 131 39.33 24.43 -42.74
N HIS H 132 38.01 24.63 -42.60
CA HIS H 132 36.94 23.64 -42.49
C HIS H 132 36.77 23.16 -41.05
N ASN H 133 37.69 23.49 -40.15
CA ASN H 133 37.61 23.04 -38.76
C ASN H 133 37.08 24.13 -37.85
N ILE H 134 36.71 25.28 -38.40
CA ILE H 134 36.05 26.31 -37.62
C ILE H 134 34.53 26.13 -37.64
N ILE H 135 34.01 25.42 -38.65
CA ILE H 135 32.58 25.15 -38.70
C ILE H 135 32.23 24.03 -37.72
N LEU H 136 33.16 23.10 -37.49
CA LEU H 136 32.95 22.07 -36.48
C LEU H 136 33.04 22.66 -35.09
N SER H 137 34.01 23.54 -34.85
CA SER H 137 34.17 24.16 -33.54
C SER H 137 32.90 24.89 -33.13
N ALA H 138 32.28 25.62 -34.07
CA ALA H 138 31.02 26.29 -33.76
C ALA H 138 29.94 25.29 -33.36
N GLY H 139 29.85 24.17 -34.08
CA GLY H 139 28.86 23.16 -33.74
C GLY H 139 29.01 22.64 -32.34
N ILE H 140 30.25 22.46 -31.88
CA ILE H 140 30.49 21.99 -30.52
C ILE H 140 30.00 23.00 -29.50
N PHE H 141 30.28 24.30 -29.73
CA PHE H 141 29.86 25.32 -28.78
C PHE H 141 28.34 25.37 -28.64
N PHE H 142 27.62 25.36 -29.77
CA PHE H 142 26.17 25.43 -29.69
C PHE H 142 25.58 24.21 -28.99
N VAL H 143 26.09 23.02 -29.28
CA VAL H 143 25.65 21.84 -28.56
C VAL H 143 26.03 21.94 -27.09
N SER H 144 27.27 22.37 -26.81
CA SER H 144 27.69 22.56 -25.43
C SER H 144 26.87 23.64 -24.75
N ALA H 145 26.54 24.71 -25.48
CA ALA H 145 25.72 25.78 -24.91
C ALA H 145 24.34 25.23 -24.51
N GLY H 146 23.76 24.38 -25.35
CA GLY H 146 22.48 23.78 -25.00
C GLY H 146 22.57 22.92 -23.75
N LEU H 147 23.66 22.17 -23.61
CA LEU H 147 23.81 21.32 -22.43
C LEU H 147 23.96 22.14 -21.16
N SER H 148 24.63 23.29 -21.24
CA SER H 148 24.73 24.18 -20.09
C SER H 148 23.37 24.74 -19.69
N ASN H 149 22.55 25.10 -20.69
CA ASN H 149 21.24 25.64 -20.40
C ASN H 149 20.36 24.62 -19.69
N ILE H 150 20.52 23.33 -20.00
CA ILE H 150 19.77 22.30 -19.29
C ILE H 150 20.15 22.31 -17.81
N ILE H 151 21.44 22.40 -17.51
CA ILE H 151 21.89 22.42 -16.12
C ILE H 151 21.36 23.66 -15.41
N GLY H 152 21.43 24.82 -16.08
CA GLY H 152 20.91 26.03 -15.47
C GLY H 152 19.43 25.94 -15.16
N ILE H 153 18.66 25.35 -16.07
CA ILE H 153 17.23 25.16 -15.83
C ILE H 153 17.01 24.23 -14.63
N ILE H 154 17.75 23.12 -14.59
CA ILE H 154 17.60 22.17 -13.50
C ILE H 154 18.02 22.78 -12.17
N VAL H 155 19.16 23.49 -12.15
CA VAL H 155 19.62 24.12 -10.93
C VAL H 155 18.62 25.16 -10.44
N TYR H 156 18.10 25.98 -11.36
CA TYR H 156 17.14 27.01 -10.97
C TYR H 156 15.87 26.39 -10.38
N ILE H 157 15.35 25.35 -11.02
CA ILE H 157 14.13 24.71 -10.52
C ILE H 157 14.40 24.03 -9.18
N SER H 158 15.54 23.33 -9.07
CA SER H 158 15.83 22.60 -7.83
C SER H 158 15.97 23.55 -6.64
N ALA H 159 16.63 24.69 -6.83
CA ALA H 159 16.79 25.64 -5.74
C ALA H 159 15.45 26.19 -5.29
N ASN H 160 14.57 26.53 -6.23
CA ASN H 160 13.25 27.05 -5.88
C ASN H 160 12.43 26.01 -5.13
N ALA H 161 12.50 24.74 -5.57
CA ALA H 161 11.76 23.68 -4.90
C ALA H 161 12.22 23.43 -3.47
N GLY H 162 13.36 23.98 -3.06
CA GLY H 162 13.78 23.90 -1.68
C GLY H 162 13.28 25.07 -0.85
N ASP H 163 12.22 25.71 -1.32
CA ASP H 163 11.60 26.84 -0.63
C ASP H 163 10.09 26.74 -0.82
N PRO H 164 9.31 27.46 0.01
CA PRO H 164 7.86 27.32 -0.11
C PRO H 164 7.24 28.32 -1.09
N ASN H 172 1.37 28.92 -1.85
CA ASN H 172 1.50 27.53 -2.27
C ASN H 172 1.25 27.38 -3.76
N SER H 173 1.61 28.41 -4.52
CA SER H 173 1.42 28.40 -5.97
C SER H 173 2.52 29.22 -6.62
N TYR H 174 2.90 28.80 -7.82
CA TYR H 174 3.93 29.51 -8.58
C TYR H 174 3.71 29.24 -10.07
N SER H 175 4.24 30.14 -10.89
CA SER H 175 4.15 30.01 -12.34
C SER H 175 5.32 30.72 -12.98
N TYR H 176 5.91 30.09 -13.98
CA TYR H 176 7.08 30.66 -14.64
C TYR H 176 6.67 31.74 -15.63
N GLY H 177 7.53 32.74 -15.80
CA GLY H 177 7.28 33.83 -16.71
C GLY H 177 7.94 33.62 -18.07
N TRP H 178 7.84 34.66 -18.90
CA TRP H 178 8.38 34.57 -20.26
C TRP H 178 9.89 34.48 -20.24
N SER H 179 10.55 35.05 -19.23
CA SER H 179 12.00 34.99 -19.16
C SER H 179 12.48 33.54 -19.04
N PHE H 180 11.77 32.73 -18.24
CA PHE H 180 12.13 31.32 -18.13
C PHE H 180 11.96 30.61 -19.47
N TYR H 181 10.89 30.92 -20.20
CA TYR H 181 10.67 30.27 -21.49
C TYR H 181 11.60 30.80 -22.56
N PHE H 182 12.12 32.02 -22.41
CA PHE H 182 13.11 32.52 -23.36
C PHE H 182 14.40 31.70 -23.27
N GLY H 183 14.79 31.30 -22.07
CA GLY H 183 15.92 30.41 -21.93
C GLY H 183 15.62 29.02 -22.46
N ALA H 184 14.43 28.50 -22.18
CA ALA H 184 14.03 27.21 -22.73
C ALA H 184 13.98 27.25 -24.25
N LEU H 185 13.42 28.32 -24.81
CA LEU H 185 13.36 28.47 -26.26
C LEU H 185 14.76 28.56 -26.85
N SER H 186 15.66 29.29 -26.18
CA SER H 186 17.03 29.43 -26.67
C SER H 186 17.72 28.08 -26.78
N PHE H 187 17.42 27.16 -25.87
CA PHE H 187 17.99 25.82 -25.95
C PHE H 187 17.59 25.12 -27.24
N ILE H 188 16.32 25.24 -27.63
CA ILE H 188 15.85 24.62 -28.87
C ILE H 188 16.54 25.26 -30.06
N ILE H 189 16.66 26.58 -30.07
CA ILE H 189 17.34 27.27 -31.17
C ILE H 189 18.80 26.85 -31.24
N ALA H 190 19.47 26.81 -30.10
CA ALA H 190 20.89 26.47 -30.07
C ALA H 190 21.14 25.07 -30.61
N GLU H 191 20.33 24.10 -30.19
CA GLU H 191 20.49 22.73 -30.68
C GLU H 191 20.25 22.65 -32.19
N MET H 192 19.23 23.36 -32.68
CA MET H 192 18.98 23.39 -34.12
C MET H 192 20.16 23.98 -34.88
N VAL H 193 20.74 25.06 -34.36
CA VAL H 193 21.92 25.64 -34.99
C VAL H 193 23.09 24.65 -34.94
N GLY H 194 23.25 23.96 -33.82
CA GLY H 194 24.31 22.98 -33.71
C GLY H 194 24.22 21.91 -34.78
N VAL H 195 23.00 21.45 -35.08
CA VAL H 195 22.81 20.45 -36.13
C VAL H 195 23.22 21.02 -37.48
N LEU H 196 22.84 22.27 -37.76
CA LEU H 196 23.17 22.88 -39.05
C LEU H 196 24.68 23.01 -39.23
N ALA H 197 25.39 23.41 -38.17
CA ALA H 197 26.84 23.53 -38.26
C ALA H 197 27.50 22.19 -38.56
N VAL H 198 27.01 21.12 -37.92
CA VAL H 198 27.54 19.79 -38.21
C VAL H 198 27.25 19.40 -39.65
N HIS H 199 26.02 19.65 -40.12
CA HIS H 199 25.67 19.33 -41.50
C HIS H 199 26.52 20.10 -42.48
N MET H 200 26.81 21.38 -42.19
CA MET H 200 27.70 22.14 -43.05
C MET H 200 29.12 21.57 -43.02
N PHE H 201 29.59 21.17 -41.84
CA PHE H 201 30.89 20.52 -41.75
C PHE H 201 30.91 19.24 -42.56
N ILE H 202 29.85 18.44 -42.48
CA ILE H 202 29.78 17.21 -43.26
C ILE H 202 29.75 17.51 -44.75
N ASP H 203 28.92 18.48 -45.16
CA ASP H 203 28.79 18.79 -46.58
C ASP H 203 30.11 19.28 -47.16
N ARG H 204 30.80 20.18 -46.45
CA ARG H 204 32.06 20.71 -46.95
C ARG H 204 33.10 19.62 -47.09
N HIS H 205 33.09 18.65 -46.19
CA HIS H 205 34.03 17.53 -46.27
C HIS H 205 33.62 16.51 -47.33
N LYS H 206 32.36 16.52 -47.77
CA LYS H 206 31.95 15.65 -48.86
C LYS H 206 32.44 16.19 -50.19
N GLN H 207 32.40 17.51 -50.38
CA GLN H 207 32.85 18.11 -51.63
C GLN H 207 34.32 17.81 -51.88
N LEU H 208 35.14 17.84 -50.82
CA LEU H 208 36.57 17.56 -50.98
C LEU H 208 36.81 16.16 -51.53
N ARG H 209 36.05 15.18 -51.03
CA ARG H 209 36.19 13.82 -51.53
C ARG H 209 35.84 13.74 -53.02
N ALA H 210 34.77 14.42 -53.43
CA ALA H 210 34.41 14.43 -54.85
C ALA H 210 35.50 15.07 -55.69
N THR H 211 36.06 16.20 -55.23
CA THR H 211 37.15 16.84 -55.97
C THR H 211 38.39 15.95 -56.00
N ALA H 212 38.64 15.22 -54.90
CA ALA H 212 39.78 14.31 -54.82
C ALA H 212 39.47 12.93 -55.39
N ARG H 213 38.31 12.77 -56.03
CA ARG H 213 37.98 11.50 -56.69
C ARG H 213 38.56 11.42 -58.09
N ALA H 214 38.86 12.55 -58.71
CA ALA H 214 39.43 12.57 -60.05
C ALA H 214 40.89 13.03 -60.03
#